data_8Z5E
#
_entry.id   8Z5E
#
_cell.length_a   58.857
_cell.length_b   115.691
_cell.length_c   127.933
_cell.angle_alpha   90.00
_cell.angle_beta   89.94
_cell.angle_gamma   90.00
#
_symmetry.space_group_name_H-M   'P 1 21 1'
#
loop_
_entity.id
_entity.type
_entity.pdbx_description
1 polymer '3-oxoacyl-[acyl-carrier-protein] synthase 2'
2 polymer 'Acyl carrier protein'
3 non-polymer 'OCTANOIC ACID (CAPRYLIC ACID)'
4 non-polymer N~3~-[(2S)-2-hydroxy-3,3-dimethyl-4-(phosphonooxy)butanoyl]-N-(2-sulfanylethyl)-beta-alaninamide
5 water water
#
loop_
_entity_poly.entity_id
_entity_poly.type
_entity_poly.pdbx_seq_one_letter_code
_entity_poly.pdbx_strand_id
1 'polypeptide(L)'
;SMRRIVVTGMGMINSLGLNKEDSFLAIAKGECGIKHIESFDASAFPVRIAGEITDFDPTEVMNPKDVKKAGRFIQLALKA
TREAMKDSGILDAHNRCPEELANRMGVSSGSGIGGLGNIEANSIFCFEKGPRKVNPFFITSALVNMIGGFTSIEFGIKGP
NLSSVTACAAGTHAIIEAVKTILLNGADRMLVVGAESTICPVGIGGFASIKALSTRNDEPKKASRPFDKDRNGFVMGEGA
GALVLEEYESAKKRGAKIYAEFAGYGESGDANHITAPAPEGEGAFRAMKMALEMAKVEVGYVNAHGTSTHYNDLYESIAL
KNVFGSKEKVPPVSSTAGQIGHCLGAAGALEAVISIMAMNQGILPPTINQETPDPECDLDYIPNAAREKQVDAVMSNSFG
FGGTNGVVIFKKA
;
A,B,D,E
2 'polypeptide(L)'
;GTSSMGYLMALFEDIQAVIAEQLNVDAAQVTPEAEFVKDLGADSLDVVELIMALEEKFGIEIPDEQAEKIVNVGDVVKYI
EDNKLA
;
C,F
#
# COMPACT_ATOMS: atom_id res chain seq x y z
N MET A 2 21.45 40.83 9.86
CA MET A 2 20.10 40.66 10.37
C MET A 2 19.07 40.61 9.26
N ARG A 3 19.49 40.31 8.04
CA ARG A 3 18.50 39.90 7.06
C ARG A 3 17.82 38.64 7.58
N ARG A 4 16.50 38.67 7.69
CA ARG A 4 15.76 37.51 8.13
C ARG A 4 15.37 36.67 6.92
N ILE A 5 15.24 35.36 7.14
CA ILE A 5 15.13 34.39 6.06
C ILE A 5 14.03 33.39 6.39
N VAL A 6 13.13 33.14 5.43
CA VAL A 6 11.99 32.27 5.63
C VAL A 6 11.95 31.19 4.54
N VAL A 7 11.24 30.12 4.85
CA VAL A 7 10.98 29.03 3.91
C VAL A 7 9.60 29.28 3.30
N THR A 8 9.54 29.39 1.98
CA THR A 8 8.29 29.67 1.29
C THR A 8 7.83 28.59 0.32
N GLY A 9 8.56 27.48 0.21
CA GLY A 9 8.10 26.37 -0.60
C GLY A 9 8.95 25.15 -0.32
N MET A 10 8.38 23.95 -0.44
CA MET A 10 9.07 22.73 -0.05
C MET A 10 8.67 21.60 -0.99
N GLY A 11 9.57 20.66 -1.20
CA GLY A 11 9.25 19.47 -1.98
C GLY A 11 10.14 18.31 -1.58
N MET A 12 9.67 17.09 -1.80
CA MET A 12 10.53 15.96 -1.47
C MET A 12 10.01 14.70 -2.13
N ILE A 13 10.96 13.82 -2.46
CA ILE A 13 10.65 12.51 -3.00
C ILE A 13 11.55 11.52 -2.31
N ASN A 14 11.00 10.37 -1.96
CA ASN A 14 11.79 9.35 -1.31
C ASN A 14 11.04 8.03 -1.49
N SER A 15 11.55 6.98 -0.86
CA SER A 15 10.98 5.64 -0.99
C SER A 15 9.60 5.49 -0.36
N LEU A 16 9.06 6.52 0.30
CA LEU A 16 7.69 6.46 0.81
C LEU A 16 6.73 7.46 0.16
N GLY A 17 7.18 8.20 -0.86
CA GLY A 17 6.25 9.06 -1.59
C GLY A 17 6.90 9.91 -2.65
N LEU A 18 6.11 10.38 -3.63
CA LEU A 18 6.60 11.20 -4.73
C LEU A 18 6.49 12.69 -4.47
N ASN A 19 5.87 13.10 -3.36
CA ASN A 19 5.72 14.50 -2.98
C ASN A 19 5.71 14.56 -1.45
N LYS A 20 5.80 15.78 -0.92
CA LYS A 20 6.02 15.89 0.53
C LYS A 20 4.79 15.49 1.33
N GLU A 21 3.58 15.65 0.79
CA GLU A 21 2.35 15.28 1.50
C GLU A 21 2.26 13.77 1.72
N ASP A 22 2.34 13.00 0.63
CA ASP A 22 2.25 11.55 0.75
C ASP A 22 3.39 11.02 1.60
N SER A 23 4.59 11.53 1.35
CA SER A 23 5.77 11.00 2.02
C SER A 23 5.70 11.26 3.51
N PHE A 24 5.43 12.50 3.92
CA PHE A 24 5.41 12.82 5.34
C PHE A 24 4.31 12.04 6.06
N LEU A 25 3.13 11.93 5.45
CA LEU A 25 2.06 11.12 6.03
C LEU A 25 2.55 9.70 6.31
N ALA A 26 3.10 9.04 5.28
CA ALA A 26 3.60 7.69 5.47
C ALA A 26 4.69 7.64 6.54
N ILE A 27 5.57 8.65 6.57
CA ILE A 27 6.64 8.66 7.56
C ILE A 27 6.09 8.85 8.96
N ALA A 28 5.11 9.74 9.11
CA ALA A 28 4.55 9.98 10.43
C ALA A 28 3.78 8.75 10.92
N LYS A 29 3.18 8.00 9.99
CA LYS A 29 2.50 6.75 10.34
C LYS A 29 3.47 5.62 10.64
N GLY A 30 4.77 5.83 10.43
CA GLY A 30 5.70 4.75 10.74
C GLY A 30 5.78 3.66 9.69
N GLU A 31 5.32 3.92 8.47
CA GLU A 31 5.55 2.97 7.38
C GLU A 31 7.06 2.87 7.08
N CYS A 32 7.40 1.91 6.23
CA CYS A 32 8.81 1.74 5.83
C CYS A 32 8.91 1.46 4.34
N GLY A 33 9.75 2.24 3.64
CA GLY A 33 10.02 2.12 2.23
C GLY A 33 11.19 1.23 1.84
N ILE A 34 11.87 0.62 2.81
CA ILE A 34 12.96 -0.29 2.49
C ILE A 34 12.40 -1.54 1.83
N LYS A 35 13.08 -2.02 0.81
CA LYS A 35 12.64 -3.22 0.11
C LYS A 35 13.85 -3.93 -0.44
N HIS A 36 13.62 -5.11 -1.01
CA HIS A 36 14.71 -5.82 -1.67
C HIS A 36 15.13 -5.07 -2.92
N ILE A 37 16.45 -5.04 -3.17
CA ILE A 37 16.97 -4.28 -4.31
C ILE A 37 16.51 -4.92 -5.61
N GLU A 38 15.95 -4.10 -6.51
CA GLU A 38 15.62 -4.56 -7.84
C GLU A 38 16.24 -3.74 -8.96
N SER A 39 16.89 -2.63 -8.66
CA SER A 39 17.39 -1.79 -9.75
C SER A 39 18.70 -2.33 -10.33
N PHE A 40 19.32 -3.29 -9.68
CA PHE A 40 20.38 -4.09 -10.30
C PHE A 40 20.32 -5.48 -9.69
N ASP A 41 21.13 -6.40 -10.23
CA ASP A 41 21.08 -7.77 -9.74
C ASP A 41 22.00 -7.86 -8.53
N ALA A 42 21.41 -7.89 -7.34
CA ALA A 42 22.16 -7.99 -6.10
C ALA A 42 22.15 -9.38 -5.51
N SER A 43 21.83 -10.40 -6.31
CA SER A 43 21.62 -11.73 -5.75
C SER A 43 22.89 -12.30 -5.17
N ALA A 44 24.05 -11.94 -5.72
CA ALA A 44 25.33 -12.35 -5.17
C ALA A 44 25.93 -11.35 -4.19
N PHE A 45 25.12 -10.37 -3.67
CA PHE A 45 25.70 -9.34 -2.81
C PHE A 45 25.43 -9.66 -1.34
N PRO A 46 26.30 -9.20 -0.43
CA PRO A 46 26.04 -9.40 1.00
C PRO A 46 24.97 -8.46 1.55
N VAL A 47 24.61 -7.42 0.81
CA VAL A 47 23.56 -6.48 1.19
C VAL A 47 22.63 -6.36 0.00
N ARG A 48 21.34 -6.63 0.22
CA ARG A 48 20.39 -6.80 -0.88
C ARG A 48 19.14 -5.98 -0.65
N ILE A 49 19.22 -4.97 0.20
CA ILE A 49 18.08 -4.15 0.59
C ILE A 49 18.46 -2.68 0.48
N ALA A 50 17.46 -1.83 0.22
CA ALA A 50 17.71 -0.41 0.04
C ALA A 50 16.38 0.33 0.03
N GLY A 51 16.44 1.63 0.30
CA GLY A 51 15.26 2.45 0.13
C GLY A 51 15.06 2.90 -1.31
N GLU A 52 14.70 1.96 -2.19
CA GLU A 52 14.49 2.27 -3.61
C GLU A 52 13.11 2.88 -3.83
N ILE A 53 13.06 3.84 -4.74
CA ILE A 53 11.80 4.46 -5.16
C ILE A 53 11.35 3.72 -6.41
N THR A 54 10.23 3.00 -6.33
CA THR A 54 9.84 2.13 -7.42
C THR A 54 8.77 2.72 -8.30
N ASP A 55 8.11 3.80 -7.87
CA ASP A 55 7.04 4.42 -8.65
C ASP A 55 7.46 5.71 -9.34
N PHE A 56 8.76 5.97 -9.47
CA PHE A 56 9.21 7.22 -10.08
C PHE A 56 9.35 7.05 -11.60
N ASP A 57 8.70 7.95 -12.33
CA ASP A 57 8.80 8.01 -13.78
C ASP A 57 9.52 9.29 -14.20
N PRO A 58 10.78 9.21 -14.66
CA PRO A 58 11.52 10.44 -15.03
C PRO A 58 10.84 11.25 -16.14
N THR A 59 10.11 10.57 -17.03
CA THR A 59 9.42 11.24 -18.13
C THR A 59 8.31 12.15 -17.68
N GLU A 60 7.91 12.09 -16.40
CA GLU A 60 6.93 13.02 -15.83
C GLU A 60 7.57 14.35 -15.43
N VAL A 61 8.89 14.40 -15.25
CA VAL A 61 9.57 15.64 -14.91
C VAL A 61 10.41 16.17 -16.05
N MET A 62 10.81 15.33 -16.99
CA MET A 62 11.70 15.67 -18.08
C MET A 62 11.05 15.32 -19.42
N ASN A 63 11.35 16.10 -20.44
CA ASN A 63 11.15 15.62 -21.80
C ASN A 63 11.81 14.25 -21.93
N PRO A 64 11.11 13.26 -22.49
CA PRO A 64 11.70 11.91 -22.58
C PRO A 64 13.07 11.88 -23.25
N LYS A 65 13.32 12.79 -24.19
CA LYS A 65 14.62 12.80 -24.87
C LYS A 65 15.73 13.24 -23.92
N ASP A 66 15.41 14.01 -22.88
CA ASP A 66 16.42 14.53 -21.97
C ASP A 66 16.76 13.59 -20.82
N VAL A 67 15.94 12.56 -20.57
CA VAL A 67 16.17 11.68 -19.43
C VAL A 67 17.58 11.10 -19.48
N LYS A 68 18.03 10.72 -20.69
CA LYS A 68 19.36 10.16 -20.85
C LYS A 68 20.47 11.14 -20.46
N LYS A 69 20.17 12.42 -20.37
CA LYS A 69 21.17 13.43 -20.08
C LYS A 69 21.44 13.59 -18.60
N ALA A 70 20.63 12.99 -17.74
CA ALA A 70 20.72 13.27 -16.31
C ALA A 70 20.86 11.97 -15.53
N GLY A 71 21.85 11.90 -14.64
CA GLY A 71 21.86 10.84 -13.65
C GLY A 71 20.56 10.82 -12.85
N ARG A 72 20.25 9.65 -12.29
CA ARG A 72 19.02 9.50 -11.53
C ARG A 72 18.91 10.54 -10.41
N PHE A 73 20.03 10.88 -9.75
CA PHE A 73 19.98 11.85 -8.66
C PHE A 73 19.51 13.22 -9.17
N ILE A 74 19.92 13.61 -10.38
CA ILE A 74 19.43 14.85 -10.97
C ILE A 74 17.94 14.73 -11.30
N GLN A 75 17.51 13.59 -11.82
CA GLN A 75 16.09 13.40 -12.09
C GLN A 75 15.27 13.56 -10.82
N LEU A 76 15.77 13.02 -9.70
CA LEU A 76 15.03 13.18 -8.45
C LEU A 76 15.06 14.62 -7.98
N ALA A 77 16.18 15.33 -8.22
CA ALA A 77 16.25 16.74 -7.84
C ALA A 77 15.26 17.58 -8.65
N LEU A 78 15.10 17.27 -9.94
CA LEU A 78 14.12 18.01 -10.74
C LEU A 78 12.70 17.76 -10.23
N LYS A 79 12.40 16.52 -9.85
CA LYS A 79 11.09 16.25 -9.27
C LYS A 79 10.87 17.08 -8.00
N ALA A 80 11.86 17.11 -7.10
CA ALA A 80 11.64 17.79 -5.82
C ALA A 80 11.66 19.31 -5.98
N THR A 81 12.52 19.83 -6.84
CA THR A 81 12.60 21.27 -6.98
C THR A 81 11.38 21.80 -7.72
N ARG A 82 10.87 21.04 -8.70
CA ARG A 82 9.64 21.46 -9.37
C ARG A 82 8.52 21.58 -8.37
N GLU A 83 8.37 20.60 -7.48
CA GLU A 83 7.32 20.67 -6.46
C GLU A 83 7.49 21.90 -5.57
N ALA A 84 8.72 22.18 -5.11
CA ALA A 84 8.95 23.30 -4.20
C ALA A 84 8.77 24.66 -4.89
N MET A 85 9.27 24.77 -6.12
CA MET A 85 9.10 26.00 -6.90
C MET A 85 7.62 26.29 -7.13
N LYS A 86 6.88 25.30 -7.66
CA LYS A 86 5.43 25.45 -7.79
C LYS A 86 4.80 25.82 -6.46
N ASP A 87 5.21 25.13 -5.40
CA ASP A 87 4.68 25.40 -4.06
C ASP A 87 4.92 26.84 -3.64
N SER A 88 6.00 27.46 -4.14
CA SER A 88 6.38 28.79 -3.68
C SER A 88 5.53 29.89 -4.29
N GLY A 89 4.82 29.62 -5.39
CA GLY A 89 4.11 30.65 -6.13
C GLY A 89 4.99 31.60 -6.89
N ILE A 90 6.30 31.33 -6.97
CA ILE A 90 7.20 32.25 -7.65
C ILE A 90 7.07 32.17 -9.17
N LEU A 91 6.64 31.03 -9.70
CA LEU A 91 6.75 30.79 -11.13
C LEU A 91 5.69 31.58 -11.92
N ASP A 92 6.07 31.99 -13.12
CA ASP A 92 5.19 32.73 -14.02
C ASP A 92 4.36 31.73 -14.83
N ALA A 93 3.63 32.23 -15.83
CA ALA A 93 2.77 31.39 -16.66
C ALA A 93 3.54 30.32 -17.42
N HIS A 94 4.82 30.54 -17.68
CA HIS A 94 5.65 29.56 -18.39
C HIS A 94 6.52 28.75 -17.44
N ASN A 95 6.18 28.75 -16.15
CA ASN A 95 6.84 27.92 -15.15
C ASN A 95 8.33 28.25 -15.04
N ARG A 96 8.65 29.54 -15.21
CA ARG A 96 9.99 30.05 -15.09
C ARG A 96 9.98 31.22 -14.12
N CYS A 97 11.15 31.50 -13.56
CA CYS A 97 11.29 32.64 -12.68
C CYS A 97 11.05 33.92 -13.47
N PRO A 98 10.28 34.87 -12.92
CA PRO A 98 10.15 36.19 -13.57
C PRO A 98 11.52 36.79 -13.83
N GLU A 99 11.67 37.36 -15.03
CA GLU A 99 12.98 37.81 -15.50
C GLU A 99 13.58 38.89 -14.63
N GLU A 100 12.75 39.71 -13.98
CA GLU A 100 13.27 40.78 -13.13
C GLU A 100 13.58 40.31 -11.71
N LEU A 101 13.24 39.08 -11.36
CA LEU A 101 13.70 38.46 -10.12
C LEU A 101 14.84 37.48 -10.36
N ALA A 102 15.18 37.18 -11.62
CA ALA A 102 15.99 36.01 -11.92
C ALA A 102 17.45 36.16 -11.47
N ASN A 103 18.00 37.37 -11.57
CA ASN A 103 19.41 37.56 -11.23
C ASN A 103 19.67 37.46 -9.73
N ARG A 104 18.64 37.60 -8.91
CA ARG A 104 18.79 37.60 -7.46
C ARG A 104 18.26 36.33 -6.83
N MET A 105 17.91 35.31 -7.64
CA MET A 105 17.53 33.99 -7.15
C MET A 105 18.58 32.99 -7.63
N GLY A 106 19.31 32.39 -6.70
CA GLY A 106 20.28 31.35 -7.01
C GLY A 106 19.84 29.96 -6.58
N VAL A 107 20.80 29.04 -6.60
CA VAL A 107 20.53 27.64 -6.32
C VAL A 107 21.72 27.08 -5.54
N SER A 108 21.43 26.41 -4.44
CA SER A 108 22.43 25.73 -3.63
C SER A 108 22.08 24.26 -3.64
N SER A 109 22.96 23.43 -4.22
CA SER A 109 22.67 22.02 -4.34
C SER A 109 23.65 21.20 -3.51
N GLY A 110 23.22 20.01 -3.11
CA GLY A 110 24.06 19.13 -2.34
C GLY A 110 23.92 17.69 -2.76
N SER A 111 25.05 16.97 -2.79
CA SER A 111 25.08 15.54 -3.02
C SER A 111 26.43 15.00 -2.57
N GLY A 112 26.49 13.72 -2.23
CA GLY A 112 27.76 13.10 -1.80
C GLY A 112 28.65 12.70 -2.98
N ILE A 113 28.08 12.09 -4.02
CA ILE A 113 28.92 11.58 -5.16
C ILE A 113 28.21 11.83 -6.49
N GLY A 114 26.90 12.07 -6.48
CA GLY A 114 26.17 12.35 -7.73
C GLY A 114 25.95 11.11 -8.58
N GLY A 115 26.33 11.15 -9.87
CA GLY A 115 26.04 10.03 -10.78
C GLY A 115 27.05 8.90 -10.71
N LEU A 116 27.06 8.16 -9.60
CA LEU A 116 28.02 7.04 -9.41
C LEU A 116 27.75 5.94 -10.45
N GLY A 117 26.48 5.58 -10.63
CA GLY A 117 26.12 4.54 -11.62
C GLY A 117 26.58 4.93 -13.01
N ASN A 118 26.48 6.21 -13.36
CA ASN A 118 26.94 6.69 -14.69
C ASN A 118 28.45 6.51 -14.81
N ILE A 119 29.20 6.90 -13.77
CA ILE A 119 30.68 6.75 -13.79
C ILE A 119 31.03 5.27 -13.88
N GLU A 120 30.36 4.43 -13.09
CA GLU A 120 30.61 2.97 -13.09
C GLU A 120 30.35 2.42 -14.50
N ALA A 121 29.22 2.78 -15.10
CA ALA A 121 28.85 2.27 -16.44
C ALA A 121 29.88 2.70 -17.48
N ASN A 122 30.21 3.99 -17.52
CA ASN A 122 31.15 4.50 -18.56
C ASN A 122 32.55 3.94 -18.29
N SER A 123 32.92 3.76 -17.02
CA SER A 123 34.24 3.16 -16.69
C SER A 123 34.31 1.76 -17.30
N ILE A 124 33.25 0.96 -17.17
CA ILE A 124 33.23 -0.43 -17.72
C ILE A 124 33.25 -0.36 -19.25
N PHE A 125 32.49 0.55 -19.84
CA PHE A 125 32.46 0.70 -21.32
C PHE A 125 33.89 0.94 -21.84
N CYS A 126 34.59 1.92 -21.24
CA CYS A 126 35.95 2.28 -21.71
C CYS A 126 36.89 1.08 -21.51
N PHE A 127 36.75 0.38 -20.39
CA PHE A 127 37.64 -0.76 -20.08
C PHE A 127 37.42 -1.92 -21.06
N GLU A 128 36.17 -2.18 -21.44
CA GLU A 128 35.87 -3.36 -22.30
C GLU A 128 35.96 -3.02 -23.80
N LYS A 129 35.51 -1.84 -24.21
CA LYS A 129 35.45 -1.54 -25.68
C LYS A 129 36.16 -0.22 -26.02
N GLY A 130 36.95 0.34 -25.10
CA GLY A 130 37.74 1.54 -25.43
C GLY A 130 36.99 2.84 -25.18
N PRO A 131 37.65 4.01 -25.35
CA PRO A 131 37.02 5.31 -25.05
C PRO A 131 35.94 5.74 -26.05
N ARG A 132 35.87 5.09 -27.21
CA ARG A 132 34.82 5.42 -28.22
C ARG A 132 33.45 4.98 -27.66
N LYS A 133 33.43 4.06 -26.70
CA LYS A 133 32.16 3.56 -26.12
C LYS A 133 31.75 4.44 -24.92
N VAL A 134 32.56 5.45 -24.59
CA VAL A 134 32.17 6.40 -23.50
C VAL A 134 31.07 7.32 -24.03
N ASN A 135 29.90 7.32 -23.38
CA ASN A 135 28.75 8.15 -23.84
C ASN A 135 29.10 9.63 -23.66
N PRO A 136 28.80 10.50 -24.65
CA PRO A 136 29.06 11.94 -24.53
C PRO A 136 28.26 12.60 -23.41
N PHE A 137 27.12 12.00 -23.00
CA PHE A 137 26.27 12.58 -21.94
C PHE A 137 26.82 12.20 -20.55
N PHE A 138 27.89 11.40 -20.50
CA PHE A 138 28.41 10.89 -19.20
C PHE A 138 28.75 12.02 -18.22
N ILE A 139 29.65 12.93 -18.58
CA ILE A 139 30.13 13.97 -17.61
C ILE A 139 28.96 14.83 -17.11
N THR A 140 28.13 15.35 -18.01
CA THR A 140 27.06 16.31 -17.59
C THR A 140 25.92 15.56 -16.89
N SER A 141 25.96 14.23 -16.85
CA SER A 141 24.92 13.44 -16.15
C SER A 141 25.43 13.00 -14.77
N ALA A 142 26.73 13.18 -14.49
CA ALA A 142 27.29 12.62 -13.24
C ALA A 142 27.72 13.71 -12.24
N LEU A 143 28.21 14.85 -12.73
CA LEU A 143 28.75 15.84 -11.80
C LEU A 143 27.70 16.28 -10.79
N VAL A 144 28.15 16.43 -9.54
CA VAL A 144 27.22 16.82 -8.46
C VAL A 144 26.56 18.16 -8.75
N ASN A 145 27.33 19.11 -9.30
CA ASN A 145 26.80 20.45 -9.50
C ASN A 145 25.83 20.53 -10.65
N MET A 146 25.69 19.45 -11.44
CA MET A 146 24.66 19.46 -12.47
C MET A 146 23.26 19.47 -11.88
N ILE A 147 23.09 19.18 -10.58
CA ILE A 147 21.80 19.45 -9.95
C ILE A 147 21.45 20.93 -10.10
N GLY A 148 22.40 21.80 -9.75
CA GLY A 148 22.19 23.24 -9.93
C GLY A 148 22.18 23.63 -11.39
N GLY A 149 22.99 22.97 -12.21
CA GLY A 149 22.95 23.23 -13.63
C GLY A 149 21.57 22.98 -14.23
N PHE A 150 21.04 21.76 -14.07
CA PHE A 150 19.76 21.45 -14.71
C PHE A 150 18.63 22.29 -14.11
N THR A 151 18.62 22.48 -12.78
CA THR A 151 17.53 23.22 -12.15
C THR A 151 17.57 24.69 -12.51
N SER A 152 18.76 25.31 -12.52
CA SER A 152 18.80 26.73 -12.86
C SER A 152 18.29 26.96 -14.29
N ILE A 153 18.57 26.02 -15.19
CA ILE A 153 18.09 26.12 -16.57
C ILE A 153 16.58 25.91 -16.63
N GLU A 154 16.06 24.96 -15.84
CA GLU A 154 14.60 24.63 -15.90
C GLU A 154 13.77 25.79 -15.35
N PHE A 155 14.30 26.55 -14.39
CA PHE A 155 13.53 27.60 -13.74
C PHE A 155 14.02 28.98 -14.11
N GLY A 156 15.10 29.09 -14.87
CA GLY A 156 15.62 30.38 -15.26
C GLY A 156 16.12 31.22 -14.10
N ILE A 157 16.87 30.63 -13.16
CA ILE A 157 17.33 31.35 -11.99
C ILE A 157 18.83 31.57 -12.13
N LYS A 158 19.25 32.82 -12.03
CA LYS A 158 20.57 33.19 -12.48
C LYS A 158 21.47 33.69 -11.36
N GLY A 159 21.03 33.57 -10.10
CA GLY A 159 21.84 33.95 -8.96
C GLY A 159 22.98 32.97 -8.70
N PRO A 160 23.66 33.14 -7.56
CA PRO A 160 24.78 32.25 -7.22
C PRO A 160 24.38 30.79 -7.34
N ASN A 161 25.24 30.01 -7.99
CA ASN A 161 24.96 28.62 -8.37
C ASN A 161 26.05 27.80 -7.68
N LEU A 162 25.71 27.23 -6.53
CA LEU A 162 26.69 26.69 -5.59
C LEU A 162 26.32 25.25 -5.27
N SER A 163 27.34 24.45 -4.91
CA SER A 163 27.11 23.04 -4.68
C SER A 163 28.03 22.52 -3.58
N SER A 164 27.44 21.77 -2.65
CA SER A 164 28.13 21.22 -1.49
C SER A 164 28.28 19.71 -1.65
N VAL A 165 29.46 19.18 -1.31
CA VAL A 165 29.75 17.77 -1.51
C VAL A 165 30.32 17.18 -0.21
N THR A 166 29.81 17.64 0.93
CA THR A 166 30.29 17.17 2.22
C THR A 166 29.59 15.89 2.66
N ALA A 167 29.57 14.90 1.76
CA ALA A 167 29.24 13.54 2.12
C ALA A 167 27.86 13.51 2.74
N CYS A 168 27.69 12.85 3.89
CA CYS A 168 26.32 12.65 4.46
C CYS A 168 25.82 13.95 5.13
N ALA A 169 26.64 15.00 5.13
CA ALA A 169 26.17 16.29 5.61
C ALA A 169 25.89 17.31 4.47
N ALA A 170 26.04 16.87 3.21
CA ALA A 170 25.94 17.78 2.07
C ALA A 170 24.58 18.47 2.01
N GLY A 171 23.49 17.76 2.30
CA GLY A 171 22.17 18.37 2.20
C GLY A 171 22.00 19.51 3.18
N THR A 172 22.54 19.36 4.38
CA THR A 172 22.43 20.40 5.40
C THR A 172 23.37 21.55 5.13
N HIS A 173 24.60 21.26 4.70
CA HIS A 173 25.52 22.31 4.29
C HIS A 173 24.97 23.11 3.11
N ALA A 174 24.24 22.45 2.20
CA ALA A 174 23.63 23.17 1.07
C ALA A 174 22.63 24.23 1.56
N ILE A 175 21.80 23.88 2.55
CA ILE A 175 20.96 24.89 3.24
C ILE A 175 21.83 26.01 3.81
N ILE A 176 22.93 25.68 4.47
CA ILE A 176 23.70 26.70 5.18
C ILE A 176 24.39 27.65 4.19
N GLU A 177 24.89 27.12 3.07
CA GLU A 177 25.54 27.98 2.09
C GLU A 177 24.53 28.93 1.48
N ALA A 178 23.32 28.44 1.21
CA ALA A 178 22.24 29.33 0.75
C ALA A 178 21.92 30.40 1.78
N VAL A 179 21.85 30.02 3.06
CA VAL A 179 21.57 31.00 4.11
C VAL A 179 22.67 32.05 4.14
N LYS A 180 23.94 31.61 4.13
CA LYS A 180 25.05 32.54 4.17
C LYS A 180 25.01 33.51 2.98
N THR A 181 24.74 32.97 1.78
CA THR A 181 24.65 33.79 0.57
C THR A 181 23.61 34.90 0.74
N ILE A 182 22.42 34.56 1.24
CA ILE A 182 21.37 35.57 1.42
C ILE A 182 21.75 36.54 2.54
N LEU A 183 22.30 36.04 3.65
CA LEU A 183 22.74 36.92 4.73
C LEU A 183 23.73 37.98 4.23
N LEU A 184 24.66 37.59 3.35
CA LEU A 184 25.65 38.56 2.85
C LEU A 184 25.16 39.32 1.63
N ASN A 185 23.85 39.28 1.34
CA ASN A 185 23.20 40.08 0.31
C ASN A 185 23.58 39.65 -1.10
N GLY A 186 24.05 38.41 -1.26
CA GLY A 186 24.37 37.90 -2.58
C GLY A 186 23.17 37.38 -3.35
N ALA A 187 22.03 37.25 -2.68
CA ALA A 187 20.79 36.83 -3.30
C ALA A 187 19.64 37.20 -2.38
N ASP A 188 18.45 37.33 -2.98
CA ASP A 188 17.25 37.53 -2.18
C ASP A 188 16.47 36.25 -1.97
N ARG A 189 16.70 35.28 -2.84
CA ARG A 189 16.01 33.96 -2.76
C ARG A 189 16.99 32.88 -3.22
N MET A 190 16.91 31.68 -2.62
CA MET A 190 17.72 30.57 -3.05
C MET A 190 16.87 29.31 -3.07
N LEU A 191 16.97 28.55 -4.15
CA LEU A 191 16.46 27.19 -4.18
C LEU A 191 17.53 26.28 -3.61
N VAL A 192 17.16 25.49 -2.61
CA VAL A 192 18.04 24.52 -1.97
C VAL A 192 17.54 23.13 -2.33
N VAL A 193 18.45 22.22 -2.70
CA VAL A 193 18.06 20.84 -2.98
C VAL A 193 19.24 19.91 -2.68
N GLY A 194 19.00 18.91 -1.85
CA GLY A 194 19.92 17.79 -1.67
C GLY A 194 19.33 16.57 -2.36
N ALA A 195 20.16 15.84 -3.11
CA ALA A 195 19.67 14.73 -3.90
C ALA A 195 20.72 13.63 -3.98
N GLU A 196 20.28 12.38 -3.92
CA GLU A 196 21.23 11.29 -3.96
C GLU A 196 20.53 10.05 -4.47
N SER A 197 21.22 9.32 -5.35
CA SER A 197 20.74 8.03 -5.84
C SER A 197 21.98 7.21 -6.19
N THR A 198 22.34 6.27 -5.32
CA THR A 198 23.57 5.50 -5.50
C THR A 198 23.35 4.00 -5.27
N ILE A 199 22.13 3.53 -5.51
CA ILE A 199 21.82 2.12 -5.36
C ILE A 199 22.29 1.41 -6.62
N CYS A 200 23.58 1.12 -6.65
CA CYS A 200 24.24 0.52 -7.81
C CYS A 200 25.33 -0.40 -7.27
N PRO A 201 25.81 -1.33 -8.09
CA PRO A 201 26.76 -2.35 -7.56
C PRO A 201 27.94 -1.78 -6.79
N VAL A 202 28.66 -0.80 -7.34
CA VAL A 202 29.85 -0.31 -6.65
C VAL A 202 29.47 0.56 -5.45
N GLY A 203 28.34 1.25 -5.51
CA GLY A 203 27.90 2.00 -4.35
C GLY A 203 27.55 1.11 -3.16
N ILE A 204 26.72 0.08 -3.40
CA ILE A 204 26.47 -0.88 -2.33
C ILE A 204 27.77 -1.61 -1.94
N GLY A 205 28.56 -2.00 -2.93
CA GLY A 205 29.81 -2.68 -2.62
C GLY A 205 30.76 -1.83 -1.81
N GLY A 206 30.83 -0.53 -2.13
CA GLY A 206 31.69 0.35 -1.36
C GLY A 206 31.34 0.38 0.11
N PHE A 207 30.05 0.45 0.45
CA PHE A 207 29.68 0.54 1.86
C PHE A 207 29.67 -0.83 2.54
N ALA A 208 29.43 -1.92 1.81
CA ALA A 208 29.53 -3.22 2.45
C ALA A 208 30.98 -3.58 2.72
N SER A 209 31.89 -3.14 1.84
CA SER A 209 33.32 -3.38 2.04
C SER A 209 33.83 -2.84 3.37
N ILE A 210 33.25 -1.76 3.88
CA ILE A 210 33.64 -1.22 5.19
C ILE A 210 32.68 -1.66 6.29
N LYS A 211 31.75 -2.58 6.00
CA LYS A 211 30.82 -3.15 6.98
C LYS A 211 29.95 -2.08 7.64
N ALA A 212 29.46 -1.13 6.85
CA ALA A 212 28.62 -0.05 7.37
C ALA A 212 27.13 -0.29 7.15
N LEU A 213 26.78 -1.27 6.32
CA LEU A 213 25.40 -1.53 5.93
C LEU A 213 24.81 -2.66 6.75
N SER A 214 23.56 -2.50 7.16
CA SER A 214 22.81 -3.62 7.74
C SER A 214 22.73 -4.77 6.73
N THR A 215 22.99 -5.99 7.20
CA THR A 215 22.81 -7.20 6.40
C THR A 215 21.55 -7.96 6.79
N ARG A 216 20.54 -7.28 7.36
CA ARG A 216 19.25 -7.91 7.69
C ARG A 216 18.40 -8.04 6.41
N ASN A 217 18.87 -8.89 5.50
CA ASN A 217 18.25 -9.03 4.19
C ASN A 217 16.90 -9.73 4.23
N ASP A 218 16.67 -10.57 5.25
CA ASP A 218 15.44 -11.36 5.32
C ASP A 218 14.24 -10.52 5.74
N GLU A 219 14.50 -9.41 6.43
CA GLU A 219 13.40 -8.50 6.86
C GLU A 219 13.79 -7.06 6.52
N PRO A 220 13.62 -6.63 5.25
CA PRO A 220 13.97 -5.24 4.87
C PRO A 220 13.38 -4.17 5.77
N LYS A 221 12.10 -4.29 6.12
CA LYS A 221 11.42 -3.24 6.89
C LYS A 221 11.83 -3.21 8.36
N LYS A 222 12.65 -4.16 8.81
CA LYS A 222 13.16 -4.15 10.17
C LYS A 222 14.66 -3.87 10.24
N ALA A 223 15.31 -3.60 9.09
CA ALA A 223 16.75 -3.44 9.10
C ALA A 223 17.19 -2.08 9.63
N SER A 224 16.43 -1.03 9.32
CA SER A 224 16.83 0.32 9.70
C SER A 224 16.12 0.66 11.02
N ARG A 225 16.89 0.86 12.09
CA ARG A 225 16.32 0.94 13.44
C ARG A 225 17.18 1.84 14.31
N PRO A 226 17.22 3.14 14.01
CA PRO A 226 18.13 4.02 14.75
C PRO A 226 17.97 3.88 16.27
N PHE A 227 19.13 3.86 16.96
CA PHE A 227 19.19 3.87 18.42
C PHE A 227 18.75 2.54 19.05
N ASP A 228 18.20 1.62 18.26
CA ASP A 228 17.84 0.32 18.79
C ASP A 228 19.10 -0.50 19.11
N LYS A 229 19.00 -1.38 20.11
CA LYS A 229 20.15 -2.16 20.52
C LYS A 229 20.55 -3.18 19.47
N ASP A 230 19.60 -3.63 18.66
CA ASP A 230 19.86 -4.60 17.60
C ASP A 230 20.14 -3.96 16.23
N ARG A 231 20.45 -2.66 16.20
CA ARG A 231 20.89 -2.06 14.94
C ARG A 231 22.20 -2.71 14.51
N ASN A 232 22.45 -2.72 13.19
CA ASN A 232 23.67 -3.35 12.70
C ASN A 232 24.17 -2.72 11.40
N GLY A 233 23.92 -1.42 11.22
CA GLY A 233 24.40 -0.74 10.03
C GLY A 233 23.30 0.01 9.33
N PHE A 234 23.64 0.94 8.43
CA PHE A 234 22.55 1.71 7.85
C PHE A 234 21.98 0.99 6.64
N VAL A 235 20.86 1.49 6.16
CA VAL A 235 20.26 1.05 4.92
C VAL A 235 20.29 2.21 3.95
N MET A 236 20.83 1.98 2.75
CA MET A 236 21.01 3.08 1.82
C MET A 236 19.67 3.45 1.21
N GLY A 237 19.36 4.74 1.25
CA GLY A 237 18.16 5.22 0.59
C GLY A 237 18.47 6.21 -0.52
N GLU A 238 17.52 6.43 -1.43
CA GLU A 238 17.61 7.43 -2.47
C GLU A 238 16.50 8.45 -2.29
N GLY A 239 16.71 9.65 -2.79
CA GLY A 239 15.69 10.68 -2.74
C GLY A 239 16.27 12.07 -2.92
N ALA A 240 15.38 13.05 -2.79
CA ALA A 240 15.79 14.44 -2.87
C ALA A 240 14.81 15.27 -2.06
N GLY A 241 15.32 16.27 -1.37
CA GLY A 241 14.49 17.27 -0.72
C GLY A 241 14.84 18.64 -1.24
N ALA A 242 13.85 19.53 -1.30
CA ALA A 242 14.08 20.88 -1.78
C ALA A 242 13.35 21.89 -0.94
N LEU A 243 13.99 23.05 -0.76
CA LEU A 243 13.41 24.21 -0.07
C LEU A 243 13.66 25.46 -0.89
N VAL A 244 12.69 26.37 -0.83
CA VAL A 244 12.89 27.73 -1.29
C VAL A 244 13.10 28.61 -0.07
N LEU A 245 14.29 29.25 0.00
CA LEU A 245 14.59 30.26 1.00
C LEU A 245 14.48 31.64 0.37
N GLU A 246 14.03 32.59 1.19
CA GLU A 246 13.65 33.92 0.71
C GLU A 246 13.88 34.92 1.84
N GLU A 247 14.50 36.05 1.51
CA GLU A 247 14.59 37.13 2.48
C GLU A 247 13.18 37.58 2.88
N TYR A 248 13.01 37.90 4.17
CA TYR A 248 11.67 38.03 4.76
C TYR A 248 10.84 39.16 4.12
N GLU A 249 11.40 40.37 4.05
CA GLU A 249 10.64 41.47 3.47
C GLU A 249 10.20 41.15 2.05
N SER A 250 11.10 40.57 1.25
CA SER A 250 10.74 40.24 -0.12
C SER A 250 9.67 39.15 -0.17
N ALA A 251 9.67 38.21 0.78
CA ALA A 251 8.61 37.20 0.83
C ALA A 251 7.26 37.84 1.16
N LYS A 252 7.22 38.69 2.17
CA LYS A 252 5.98 39.36 2.55
C LYS A 252 5.43 40.20 1.39
N LYS A 253 6.30 40.95 0.71
CA LYS A 253 5.86 41.75 -0.43
C LYS A 253 5.15 40.91 -1.48
N ARG A 254 5.69 39.71 -1.73
CA ARG A 254 5.21 38.81 -2.77
C ARG A 254 3.88 38.16 -2.38
N GLY A 255 3.49 38.24 -1.11
CA GLY A 255 2.40 37.42 -0.63
C GLY A 255 2.74 35.96 -0.44
N ALA A 256 4.02 35.63 -0.27
CA ALA A 256 4.46 34.25 -0.09
C ALA A 256 3.82 33.61 1.14
N LYS A 257 3.61 32.29 1.07
CA LYS A 257 3.31 31.52 2.26
C LYS A 257 4.60 31.29 3.05
N ILE A 258 4.48 31.19 4.38
CA ILE A 258 5.66 31.13 5.23
C ILE A 258 5.59 29.87 6.08
N TYR A 259 6.38 28.87 5.70
CA TYR A 259 6.42 27.60 6.44
C TYR A 259 7.19 27.71 7.74
N ALA A 260 8.23 28.55 7.76
CA ALA A 260 9.18 28.58 8.87
C ALA A 260 10.15 29.73 8.63
N GLU A 261 10.86 30.10 9.68
CA GLU A 261 11.92 31.08 9.60
C GLU A 261 13.23 30.43 10.03
N PHE A 262 14.26 30.62 9.23
CA PHE A 262 15.58 30.16 9.61
C PHE A 262 16.02 30.83 10.92
N ALA A 263 16.56 30.05 11.84
CA ALA A 263 16.95 30.57 13.15
C ALA A 263 18.45 30.46 13.44
N GLY A 264 19.09 29.35 13.10
CA GLY A 264 20.52 29.27 13.36
C GLY A 264 21.13 28.05 12.68
N TYR A 265 22.46 28.02 12.69
CA TYR A 265 23.20 26.90 12.12
C TYR A 265 24.52 26.77 12.85
N GLY A 266 25.15 25.61 12.67
CA GLY A 266 26.47 25.32 13.16
C GLY A 266 27.19 24.37 12.23
N GLU A 267 28.52 24.55 12.09
CA GLU A 267 29.36 23.71 11.25
C GLU A 267 30.70 23.52 11.95
N SER A 268 31.23 22.32 11.85
CA SER A 268 32.46 21.98 12.54
C SER A 268 33.05 20.79 11.83
N GLY A 269 34.31 20.51 12.12
CA GLY A 269 34.94 19.26 11.75
C GLY A 269 35.50 18.56 12.97
N ASP A 270 35.49 17.22 12.92
CA ASP A 270 36.05 16.41 14.00
C ASP A 270 37.58 16.47 14.04
N ALA A 271 38.24 16.52 12.87
CA ALA A 271 39.69 16.34 12.80
C ALA A 271 40.14 15.07 13.52
N ASN A 272 39.37 13.99 13.36
CA ASN A 272 39.63 12.77 14.11
C ASN A 272 39.89 11.60 13.18
N HIS A 273 38.83 11.06 12.59
CA HIS A 273 38.92 9.84 11.80
C HIS A 273 38.15 10.02 10.50
N ILE A 274 38.50 9.22 9.50
CA ILE A 274 37.95 9.44 8.17
C ILE A 274 36.54 8.87 8.02
N THR A 275 36.14 7.92 8.87
CA THR A 275 34.76 7.43 8.82
C THR A 275 34.12 7.40 10.20
N ALA A 276 34.93 7.25 11.26
CA ALA A 276 34.31 7.14 12.58
C ALA A 276 34.16 8.53 13.20
N PRO A 277 33.18 8.73 14.07
CA PRO A 277 33.00 10.04 14.69
C PRO A 277 34.02 10.29 15.79
N ALA A 278 34.17 11.57 16.12
CA ALA A 278 35.00 11.96 17.25
C ALA A 278 34.51 11.31 18.55
N PRO A 279 35.42 11.03 19.48
CA PRO A 279 34.99 10.53 20.79
C PRO A 279 33.96 11.48 21.42
N GLU A 280 32.90 10.89 21.97
CA GLU A 280 31.81 11.61 22.61
C GLU A 280 31.06 12.52 21.64
N GLY A 281 31.18 12.27 20.33
CA GLY A 281 30.53 13.13 19.35
C GLY A 281 30.88 14.58 19.52
N GLU A 282 32.17 14.86 19.78
CA GLU A 282 32.62 16.20 20.16
C GLU A 282 32.38 17.23 19.05
N GLY A 283 32.61 16.84 17.80
CA GLY A 283 32.35 17.76 16.70
C GLY A 283 30.87 18.05 16.51
N ALA A 284 30.04 17.01 16.64
CA ALA A 284 28.59 17.18 16.66
C ALA A 284 28.17 18.11 17.79
N PHE A 285 28.76 17.91 18.97
CA PHE A 285 28.42 18.77 20.11
C PHE A 285 28.66 20.23 19.75
N ARG A 286 29.85 20.54 19.22
CA ARG A 286 30.18 21.92 18.90
C ARG A 286 29.26 22.49 17.82
N ALA A 287 28.94 21.71 16.77
CA ALA A 287 28.04 22.23 15.74
C ALA A 287 26.66 22.50 16.30
N MET A 288 26.17 21.61 17.15
CA MET A 288 24.86 21.80 17.76
C MET A 288 24.88 23.01 18.70
N LYS A 289 25.94 23.14 19.51
CA LYS A 289 26.06 24.29 20.41
C LYS A 289 26.06 25.60 19.64
N MET A 290 26.79 25.67 18.53
CA MET A 290 26.82 26.91 17.77
C MET A 290 25.45 27.23 17.20
N ALA A 291 24.79 26.24 16.62
CA ALA A 291 23.44 26.47 16.10
C ALA A 291 22.51 26.94 17.20
N LEU A 292 22.54 26.28 18.36
CA LEU A 292 21.60 26.65 19.42
C LEU A 292 21.85 28.06 19.94
N GLU A 293 23.11 28.44 20.07
CA GLU A 293 23.43 29.77 20.56
C GLU A 293 23.14 30.86 19.54
N MET A 294 23.15 30.53 18.23
CA MET A 294 22.67 31.46 17.22
C MET A 294 21.15 31.59 17.25
N ALA A 295 20.44 30.46 17.33
CA ALA A 295 18.98 30.50 17.22
C ALA A 295 18.33 31.23 18.40
N LYS A 296 18.85 31.03 19.61
CA LYS A 296 18.26 31.59 20.83
C LYS A 296 16.76 31.30 20.96
N VAL A 297 16.36 30.05 20.67
CA VAL A 297 14.97 29.63 20.79
C VAL A 297 14.93 28.33 21.59
N GLU A 298 13.71 27.90 21.92
CA GLU A 298 13.49 26.61 22.58
C GLU A 298 13.17 25.57 21.52
N VAL A 299 14.06 24.61 21.35
CA VAL A 299 13.88 23.55 20.35
C VAL A 299 12.98 22.48 20.94
N GLY A 300 11.90 22.15 20.24
CA GLY A 300 10.96 21.20 20.77
C GLY A 300 11.00 19.85 20.08
N TYR A 301 11.84 19.70 19.06
CA TYR A 301 11.99 18.45 18.33
C TYR A 301 13.33 18.46 17.60
N VAL A 302 14.01 17.31 17.61
CA VAL A 302 15.29 17.13 16.97
C VAL A 302 15.16 15.96 16.01
N ASN A 303 15.30 16.24 14.72
CA ASN A 303 15.46 15.16 13.74
C ASN A 303 16.94 14.79 13.72
N ALA A 304 17.26 13.64 14.33
CA ALA A 304 18.65 13.24 14.49
C ALA A 304 19.21 12.74 13.16
N HIS A 305 20.54 12.79 13.04
CA HIS A 305 21.18 12.14 11.91
C HIS A 305 20.85 10.65 11.90
N GLY A 306 21.15 9.96 13.01
CA GLY A 306 20.61 8.65 13.32
C GLY A 306 20.55 7.63 12.19
N THR A 307 21.69 7.19 11.69
CA THR A 307 21.77 6.29 10.51
C THR A 307 21.49 4.80 10.80
N SER A 308 21.47 4.37 12.05
CA SER A 308 21.27 2.93 12.47
C SER A 308 22.63 2.22 12.47
N THR A 309 23.69 2.98 12.55
CA THR A 309 25.03 2.39 12.75
C THR A 309 25.28 2.40 14.26
N HIS A 310 26.19 1.55 14.71
CA HIS A 310 26.55 1.51 16.14
C HIS A 310 27.16 2.84 16.60
N TYR A 311 28.20 3.28 15.91
CA TYR A 311 28.91 4.51 16.32
C TYR A 311 28.05 5.77 16.19
N ASN A 312 27.34 5.93 15.08
CA ASN A 312 26.69 7.22 14.95
C ASN A 312 25.64 7.42 16.02
N ASP A 313 24.74 6.45 16.14
CA ASP A 313 23.63 6.60 17.07
C ASP A 313 24.12 6.73 18.50
N LEU A 314 25.23 6.07 18.84
CA LEU A 314 25.80 6.19 20.17
C LEU A 314 26.35 7.59 20.40
N TYR A 315 27.23 8.06 19.51
CA TYR A 315 27.93 9.29 19.79
C TYR A 315 27.03 10.50 19.53
N GLU A 316 26.04 10.36 18.67
CA GLU A 316 25.04 11.42 18.54
C GLU A 316 24.23 11.56 19.83
N SER A 317 23.86 10.44 20.46
CA SER A 317 23.11 10.51 21.72
C SER A 317 23.94 11.14 22.83
N ILE A 318 25.23 10.80 22.89
CA ILE A 318 26.10 11.39 23.91
C ILE A 318 26.21 12.89 23.68
N ALA A 319 26.43 13.30 22.41
CA ALA A 319 26.59 14.72 22.12
C ALA A 319 25.31 15.50 22.38
N LEU A 320 24.15 14.91 22.04
CA LEU A 320 22.89 15.55 22.39
C LEU A 320 22.77 15.76 23.89
N LYS A 321 22.99 14.69 24.66
CA LYS A 321 22.89 14.78 26.14
C LYS A 321 23.84 15.89 26.63
N ASN A 322 25.05 15.95 26.06
CA ASN A 322 26.01 16.95 26.52
C ASN A 322 25.58 18.36 26.15
N VAL A 323 24.98 18.55 24.96
CA VAL A 323 24.68 19.92 24.56
C VAL A 323 23.42 20.45 25.24
N PHE A 324 22.44 19.60 25.53
CA PHE A 324 21.27 20.13 26.22
C PHE A 324 21.42 20.09 27.73
N GLY A 325 22.42 19.36 28.25
CA GLY A 325 22.72 19.37 29.67
C GLY A 325 22.50 18.03 30.35
N SER A 326 21.41 17.35 30.00
CA SER A 326 21.07 16.08 30.61
C SER A 326 20.09 15.39 29.70
N LYS A 327 19.84 14.10 29.99
CA LYS A 327 18.90 13.31 29.20
C LYS A 327 17.51 13.92 29.25
N GLU A 328 17.08 14.39 30.43
CA GLU A 328 15.77 15.00 30.57
C GLU A 328 15.66 16.31 29.78
N LYS A 329 16.77 17.02 29.63
CA LYS A 329 16.75 18.29 28.92
C LYS A 329 16.91 18.15 27.40
N VAL A 330 17.11 16.93 26.90
CA VAL A 330 17.08 16.71 25.45
C VAL A 330 15.63 16.76 24.98
N PRO A 331 15.30 17.60 24.01
CA PRO A 331 13.95 17.60 23.44
C PRO A 331 13.61 16.24 22.87
N PRO A 332 12.35 15.98 22.52
CA PRO A 332 12.04 14.78 21.74
C PRO A 332 12.95 14.68 20.52
N VAL A 333 13.49 13.49 20.30
CA VAL A 333 14.43 13.21 19.22
C VAL A 333 13.86 12.08 18.38
N SER A 334 13.86 12.26 17.06
CA SER A 334 13.61 11.10 16.23
C SER A 334 14.48 11.14 14.98
N SER A 335 14.85 9.95 14.53
CA SER A 335 15.49 9.74 13.24
C SER A 335 14.50 9.06 12.32
N THR A 336 14.31 9.62 11.13
CA THR A 336 13.38 9.06 10.17
C THR A 336 14.05 8.13 9.18
N ALA A 337 15.30 7.75 9.46
CA ALA A 337 16.05 6.86 8.58
C ALA A 337 15.54 5.43 8.67
N GLY A 338 14.84 5.09 9.75
CA GLY A 338 14.12 3.82 9.78
C GLY A 338 13.13 3.72 8.64
N GLN A 339 12.41 4.81 8.37
CA GLN A 339 11.30 4.83 7.41
C GLN A 339 11.78 4.87 5.95
N ILE A 340 12.78 5.68 5.62
CA ILE A 340 13.17 5.93 4.24
C ILE A 340 14.61 5.55 3.95
N GLY A 341 15.30 4.92 4.90
CA GLY A 341 16.72 4.70 4.79
C GLY A 341 17.48 5.98 5.09
N HIS A 342 18.79 5.85 5.21
CA HIS A 342 19.65 7.02 5.27
C HIS A 342 20.01 7.43 3.85
N CYS A 343 19.69 8.66 3.46
CA CYS A 343 19.79 9.05 2.06
C CYS A 343 21.04 9.85 1.75
N LEU A 344 22.07 9.76 2.60
CA LEU A 344 23.42 10.23 2.28
C LEU A 344 23.37 11.74 2.02
N GLY A 345 23.84 12.23 0.87
CA GLY A 345 23.93 13.67 0.63
C GLY A 345 22.59 14.36 0.62
N ALA A 346 21.50 13.62 0.36
CA ALA A 346 20.16 14.19 0.37
C ALA A 346 19.52 14.20 1.76
N ALA A 347 20.08 13.46 2.74
CA ALA A 347 19.40 13.27 4.03
C ALA A 347 19.10 14.60 4.71
N GLY A 348 20.09 15.51 4.74
CA GLY A 348 19.87 16.79 5.42
C GLY A 348 18.76 17.63 4.81
N ALA A 349 18.60 17.57 3.48
CA ALA A 349 17.53 18.33 2.82
C ALA A 349 16.17 17.68 3.07
N LEU A 350 16.10 16.36 2.91
CA LEU A 350 14.89 15.63 3.23
C LEU A 350 14.47 15.89 4.66
N GLU A 351 15.42 15.81 5.57
CA GLU A 351 15.12 15.89 7.00
C GLU A 351 14.83 17.32 7.46
N ALA A 352 15.30 18.34 6.75
CA ALA A 352 14.80 19.68 7.02
C ALA A 352 13.34 19.82 6.60
N VAL A 353 12.96 19.25 5.45
CA VAL A 353 11.54 19.31 5.06
C VAL A 353 10.69 18.57 6.10
N ILE A 354 11.10 17.37 6.47
CA ILE A 354 10.38 16.58 7.48
C ILE A 354 10.25 17.35 8.78
N SER A 355 11.38 17.91 9.27
CA SER A 355 11.35 18.67 10.52
C SER A 355 10.35 19.82 10.45
N ILE A 356 10.35 20.57 9.34
CA ILE A 356 9.50 21.74 9.23
C ILE A 356 8.04 21.32 9.15
N MET A 357 7.75 20.25 8.41
CA MET A 357 6.39 19.76 8.34
C MET A 357 5.91 19.26 9.70
N ALA A 358 6.79 18.59 10.44
CA ALA A 358 6.47 18.20 11.81
C ALA A 358 6.04 19.41 12.63
N MET A 359 6.82 20.51 12.58
CA MET A 359 6.41 21.79 13.20
C MET A 359 5.05 22.26 12.71
N ASN A 360 4.87 22.33 11.39
CA ASN A 360 3.63 22.89 10.83
C ASN A 360 2.42 22.14 11.33
N GLN A 361 2.52 20.82 11.46
CA GLN A 361 1.35 19.98 11.69
C GLN A 361 1.18 19.54 13.12
N GLY A 362 2.10 19.93 14.01
CA GLY A 362 2.05 19.43 15.38
C GLY A 362 2.13 17.92 15.48
N ILE A 363 2.89 17.27 14.60
CA ILE A 363 3.04 15.83 14.60
C ILE A 363 4.52 15.50 14.47
N LEU A 364 5.06 14.85 15.50
CA LEU A 364 6.46 14.48 15.53
C LEU A 364 6.59 13.03 15.08
N PRO A 365 7.22 12.77 13.94
CA PRO A 365 7.25 11.39 13.43
C PRO A 365 8.12 10.51 14.30
N PRO A 366 7.85 9.20 14.40
CA PRO A 366 8.60 8.36 15.34
C PRO A 366 9.84 7.64 14.81
N THR A 367 10.73 7.25 15.71
CA THR A 367 11.86 6.38 15.28
C THR A 367 11.28 4.98 15.29
N ILE A 368 11.19 4.33 14.12
CA ILE A 368 10.49 3.01 14.05
C ILE A 368 11.41 1.85 14.45
N ASN A 369 10.84 0.65 14.52
CA ASN A 369 11.60 -0.57 14.88
C ASN A 369 12.35 -0.43 16.19
N GLN A 370 11.72 0.21 17.19
CA GLN A 370 12.27 0.28 18.55
C GLN A 370 11.77 -0.96 19.30
N GLU A 371 12.59 -2.00 19.35
CA GLU A 371 12.21 -3.25 19.98
C GLU A 371 13.05 -3.59 21.20
N THR A 372 14.28 -3.10 21.28
CA THR A 372 15.18 -3.43 22.38
C THR A 372 15.97 -2.21 22.81
N PRO A 373 15.67 -1.64 23.97
CA PRO A 373 16.35 -0.41 24.38
C PRO A 373 17.84 -0.62 24.50
N ASP A 374 18.61 0.33 23.98
CA ASP A 374 20.05 0.32 24.17
C ASP A 374 20.38 1.11 25.43
N PRO A 375 21.08 0.52 26.41
CA PRO A 375 21.41 1.29 27.62
C PRO A 375 22.25 2.52 27.32
N GLU A 376 23.17 2.44 26.35
CA GLU A 376 23.95 3.61 25.96
C GLU A 376 23.15 4.61 25.14
N CYS A 377 21.97 4.25 24.63
CA CYS A 377 21.12 5.14 23.84
C CYS A 377 19.81 5.38 24.60
N ASP A 378 19.85 6.30 25.57
CA ASP A 378 18.83 6.40 26.60
C ASP A 378 17.93 7.64 26.46
N LEU A 379 17.82 8.23 25.27
CA LEU A 379 16.98 9.41 25.13
C LEU A 379 15.53 9.02 24.81
N ASP A 380 14.67 10.02 24.67
CA ASP A 380 13.30 9.85 24.19
C ASP A 380 13.31 9.92 22.66
N TYR A 381 13.18 8.77 22.00
CA TYR A 381 13.28 8.70 20.55
C TYR A 381 11.92 8.66 19.86
N ILE A 382 10.87 9.12 20.52
CA ILE A 382 9.49 8.99 20.01
C ILE A 382 9.29 7.58 19.45
N PRO A 383 9.42 6.51 20.27
CA PRO A 383 9.41 5.13 19.73
C PRO A 383 8.19 4.57 19.01
N ASN A 384 8.35 4.14 17.75
CA ASN A 384 7.28 3.41 17.01
C ASN A 384 6.09 4.27 16.58
N ALA A 385 5.57 5.15 17.43
CA ALA A 385 4.34 5.88 17.05
C ALA A 385 4.56 7.41 17.09
N ALA A 386 3.95 8.12 16.14
CA ALA A 386 4.08 9.57 16.13
C ALA A 386 3.48 10.18 17.39
N ARG A 387 4.03 11.33 17.79
CA ARG A 387 3.58 12.04 18.97
C ARG A 387 2.93 13.35 18.52
N GLU A 388 1.66 13.53 18.88
CA GLU A 388 0.96 14.79 18.63
C GLU A 388 1.46 15.82 19.65
N LYS A 389 2.24 16.79 19.19
CA LYS A 389 2.82 17.80 20.07
C LYS A 389 3.21 19.00 19.22
N GLN A 390 2.72 20.18 19.58
CA GLN A 390 3.12 21.41 18.91
C GLN A 390 4.48 21.84 19.45
N VAL A 391 5.33 22.33 18.55
CA VAL A 391 6.67 22.80 18.90
C VAL A 391 6.89 24.14 18.21
N ASP A 392 7.79 24.95 18.76
CA ASP A 392 8.04 26.26 18.17
C ASP A 392 9.38 26.39 17.44
N ALA A 393 10.23 25.37 17.49
CA ALA A 393 11.45 25.33 16.70
C ALA A 393 11.91 23.88 16.58
N VAL A 394 12.64 23.60 15.50
CA VAL A 394 13.12 22.25 15.24
C VAL A 394 14.60 22.31 14.85
N MET A 395 15.34 21.27 15.20
CA MET A 395 16.75 21.20 14.85
C MET A 395 17.01 19.91 14.09
N SER A 396 17.85 19.99 13.05
CA SER A 396 18.20 18.85 12.21
C SER A 396 19.72 18.73 12.11
N ASN A 397 20.26 17.52 12.38
CA ASN A 397 21.69 17.25 12.43
C ASN A 397 22.11 16.40 11.24
N SER A 398 23.31 16.67 10.71
CA SER A 398 23.93 15.85 9.67
C SER A 398 25.42 15.75 9.90
N PHE A 399 25.95 14.53 9.80
CA PHE A 399 27.40 14.29 9.89
C PHE A 399 27.85 13.44 8.70
N GLY A 400 29.09 13.67 8.27
CA GLY A 400 29.61 12.99 7.10
C GLY A 400 31.02 12.46 7.33
N PHE A 401 31.36 11.47 6.50
CA PHE A 401 32.74 11.01 6.41
C PHE A 401 33.69 12.20 6.29
N GLY A 402 34.87 12.06 6.85
CA GLY A 402 35.76 13.19 7.00
C GLY A 402 35.50 14.01 8.24
N GLY A 403 34.52 13.60 9.05
CA GLY A 403 34.22 14.29 10.29
C GLY A 403 33.60 15.66 10.12
N THR A 404 32.86 15.89 9.03
CA THR A 404 32.25 17.19 8.79
C THR A 404 30.81 17.18 9.31
N ASN A 405 30.46 18.21 10.09
CA ASN A 405 29.18 18.28 10.77
C ASN A 405 28.42 19.54 10.36
N GLY A 406 27.11 19.41 10.20
CA GLY A 406 26.27 20.56 9.97
C GLY A 406 24.97 20.45 10.73
N VAL A 407 24.52 21.56 11.32
CA VAL A 407 23.27 21.59 12.07
C VAL A 407 22.49 22.82 11.64
N VAL A 408 21.16 22.69 11.52
CA VAL A 408 20.29 23.84 11.26
C VAL A 408 19.10 23.79 12.20
N ILE A 409 18.63 24.99 12.57
CA ILE A 409 17.43 25.18 13.36
C ILE A 409 16.49 26.09 12.58
N PHE A 410 15.22 25.70 12.51
CA PHE A 410 14.14 26.52 11.96
C PHE A 410 13.14 26.79 13.06
N LYS A 411 12.55 27.98 13.08
CA LYS A 411 11.60 28.37 14.10
C LYS A 411 10.27 28.71 13.47
N LYS A 412 9.23 28.59 14.29
CA LYS A 412 7.87 28.85 13.83
C LYS A 412 7.77 30.27 13.30
N ALA A 413 6.96 30.42 12.26
CA ALA A 413 6.66 31.70 11.68
C ALA A 413 5.43 31.54 10.83
N MET B 2 32.70 45.50 8.74
CA MET B 2 32.94 44.23 8.08
C MET B 2 34.37 43.78 8.34
N ARG B 3 34.51 42.48 8.61
CA ARG B 3 35.82 41.90 8.84
C ARG B 3 36.66 41.92 7.58
N ARG B 4 37.95 42.22 7.74
CA ARG B 4 38.90 42.22 6.63
C ARG B 4 39.70 40.92 6.66
N ILE B 5 40.07 40.42 5.48
CA ILE B 5 40.65 39.09 5.33
C ILE B 5 41.94 39.18 4.54
N VAL B 6 42.98 38.48 4.99
CA VAL B 6 44.27 38.47 4.33
C VAL B 6 44.69 37.05 4.01
N VAL B 7 45.54 36.95 2.99
CA VAL B 7 46.22 35.71 2.64
C VAL B 7 47.57 35.71 3.35
N THR B 8 47.83 34.67 4.14
CA THR B 8 49.03 34.61 4.95
C THR B 8 49.93 33.43 4.63
N GLY B 9 49.50 32.53 3.76
CA GLY B 9 50.26 31.35 3.40
C GLY B 9 49.78 30.80 2.07
N MET B 10 50.69 30.27 1.26
CA MET B 10 50.35 29.80 -0.07
C MET B 10 51.17 28.58 -0.40
N GLY B 11 50.62 27.73 -1.27
CA GLY B 11 51.31 26.58 -1.78
C GLY B 11 50.64 26.11 -3.07
N MET B 12 51.40 25.39 -3.89
CA MET B 12 50.82 24.88 -5.11
C MET B 12 51.74 23.85 -5.75
N ILE B 13 51.13 22.88 -6.43
CA ILE B 13 51.83 21.79 -7.10
C ILE B 13 51.12 21.56 -8.41
N ASN B 14 51.87 21.47 -9.51
CA ASN B 14 51.29 21.32 -10.84
C ASN B 14 52.36 20.74 -11.76
N SER B 15 52.07 20.74 -13.06
CA SER B 15 52.97 20.07 -14.00
C SER B 15 54.26 20.85 -14.26
N LEU B 16 54.43 22.03 -13.65
CA LEU B 16 55.68 22.77 -13.80
C LEU B 16 56.41 23.00 -12.49
N GLY B 17 55.93 22.45 -11.37
CA GLY B 17 56.68 22.60 -10.14
C GLY B 17 56.03 21.92 -8.96
N LEU B 18 56.85 21.52 -7.98
CA LEU B 18 56.37 20.85 -6.78
C LEU B 18 56.09 21.81 -5.64
N ASN B 19 56.42 23.09 -5.79
CA ASN B 19 56.10 24.12 -4.82
C ASN B 19 55.79 25.40 -5.59
N LYS B 20 55.33 26.42 -4.86
CA LYS B 20 54.90 27.63 -5.56
C LYS B 20 56.08 28.39 -6.15
N GLU B 21 57.27 28.27 -5.56
CA GLU B 21 58.43 29.03 -6.04
C GLU B 21 58.90 28.52 -7.39
N ASP B 22 59.21 27.21 -7.47
CA ASP B 22 59.62 26.64 -8.75
C ASP B 22 58.50 26.70 -9.78
N SER B 23 57.26 26.50 -9.33
CA SER B 23 56.16 26.47 -10.28
C SER B 23 55.97 27.83 -10.94
N PHE B 24 55.87 28.90 -10.14
CA PHE B 24 55.63 30.22 -10.71
C PHE B 24 56.77 30.65 -11.64
N LEU B 25 58.02 30.40 -11.23
CA LEU B 25 59.15 30.77 -12.08
C LEU B 25 58.99 30.15 -13.47
N ALA B 26 58.74 28.84 -13.53
CA ALA B 26 58.60 28.17 -14.81
C ALA B 26 57.42 28.73 -15.59
N ILE B 27 56.34 29.09 -14.88
CA ILE B 27 55.16 29.67 -15.52
C ILE B 27 55.46 31.08 -16.05
N ALA B 28 56.22 31.87 -15.29
CA ALA B 28 56.53 33.19 -15.78
C ALA B 28 57.54 33.14 -16.92
N LYS B 29 58.39 32.12 -16.96
CA LYS B 29 59.29 31.92 -18.10
C LYS B 29 58.58 31.39 -19.33
N GLY B 30 57.32 31.02 -19.24
CA GLY B 30 56.64 30.49 -20.40
C GLY B 30 57.01 29.07 -20.75
N GLU B 31 57.49 28.29 -19.79
CA GLU B 31 57.66 26.86 -20.00
C GLU B 31 56.31 26.17 -20.00
N CYS B 32 56.32 24.86 -20.26
CA CYS B 32 55.08 24.13 -20.47
C CYS B 32 55.25 22.72 -19.93
N GLY B 33 54.36 22.33 -19.01
CA GLY B 33 54.45 21.04 -18.39
C GLY B 33 53.65 19.96 -19.07
N ILE B 34 52.93 20.29 -20.12
CA ILE B 34 52.13 19.31 -20.84
C ILE B 34 53.05 18.31 -21.53
N LYS B 35 52.77 17.02 -21.36
CA LYS B 35 53.59 15.92 -21.82
C LYS B 35 52.73 14.90 -22.53
N HIS B 36 53.38 13.88 -23.10
CA HIS B 36 52.66 12.70 -23.54
C HIS B 36 52.21 11.89 -22.34
N ILE B 37 50.97 11.39 -22.38
CA ILE B 37 50.40 10.73 -21.21
C ILE B 37 51.19 9.47 -20.87
N GLU B 38 51.62 9.35 -19.62
CA GLU B 38 52.30 8.16 -19.16
C GLU B 38 51.62 7.48 -17.99
N SER B 39 50.69 8.15 -17.31
CA SER B 39 50.11 7.54 -16.11
C SER B 39 49.17 6.38 -16.47
N PHE B 40 48.70 6.31 -17.71
CA PHE B 40 48.02 5.11 -18.19
C PHE B 40 48.37 4.94 -19.66
N ASP B 41 48.04 3.76 -20.18
CA ASP B 41 48.26 3.44 -21.59
C ASP B 41 47.21 4.16 -22.42
N ALA B 42 47.61 5.30 -23.01
CA ALA B 42 46.71 6.09 -23.84
C ALA B 42 46.93 5.84 -25.33
N SER B 43 47.66 4.77 -25.69
CA SER B 43 48.06 4.56 -27.08
C SER B 43 46.86 4.45 -28.01
N ALA B 44 45.73 3.94 -27.54
CA ALA B 44 44.55 3.78 -28.37
C ALA B 44 43.59 4.97 -28.33
N PHE B 45 43.99 6.11 -27.63
CA PHE B 45 43.09 7.21 -27.33
C PHE B 45 43.22 8.33 -28.35
N PRO B 46 42.12 9.04 -28.66
CA PRO B 46 42.23 10.21 -29.54
C PRO B 46 43.01 11.35 -28.90
N VAL B 47 43.23 11.31 -27.59
CA VAL B 47 43.97 12.34 -26.87
C VAL B 47 45.02 11.66 -26.02
N ARG B 48 46.29 12.01 -26.24
CA ARG B 48 47.39 11.29 -25.62
C ARG B 48 48.33 12.24 -24.89
N ILE B 49 47.89 13.46 -24.60
CA ILE B 49 48.67 14.46 -23.90
C ILE B 49 47.87 14.97 -22.70
N ALA B 50 48.59 15.50 -21.71
CA ALA B 50 48.00 16.00 -20.47
C ALA B 50 49.08 16.70 -19.66
N GLY B 51 48.63 17.60 -18.78
CA GLY B 51 49.54 18.22 -17.84
C GLY B 51 49.86 17.33 -16.66
N GLU B 52 50.60 16.25 -16.89
CA GLU B 52 50.96 15.31 -15.83
C GLU B 52 52.09 15.84 -14.96
N ILE B 53 52.03 15.53 -13.68
CA ILE B 53 53.16 15.70 -12.76
C ILE B 53 53.93 14.38 -12.71
N THR B 54 55.18 14.39 -13.12
CA THR B 54 55.93 13.14 -13.12
C THR B 54 56.89 13.00 -11.93
N ASP B 55 57.17 14.08 -11.20
CA ASP B 55 58.12 14.03 -10.10
C ASP B 55 57.46 14.04 -8.72
N PHE B 56 56.16 13.75 -8.63
CA PHE B 56 55.48 13.77 -7.34
C PHE B 56 55.58 12.41 -6.66
N ASP B 57 55.97 12.43 -5.39
CA ASP B 57 56.08 11.22 -4.58
C ASP B 57 55.10 11.30 -3.42
N PRO B 58 54.04 10.49 -3.42
CA PRO B 58 53.08 10.54 -2.30
C PRO B 58 53.70 10.19 -0.95
N THR B 59 54.76 9.38 -0.92
CA THR B 59 55.28 9.00 0.38
C THR B 59 56.04 10.12 1.06
N GLU B 60 56.17 11.29 0.42
CA GLU B 60 56.75 12.46 1.06
C GLU B 60 55.74 13.27 1.87
N VAL B 61 54.44 13.11 1.63
CA VAL B 61 53.43 13.89 2.33
C VAL B 61 52.61 13.05 3.29
N MET B 62 52.63 11.73 3.16
CA MET B 62 51.94 10.84 4.07
C MET B 62 52.76 9.56 4.20
N ASN B 63 52.57 8.87 5.32
CA ASN B 63 53.36 7.66 5.51
C ASN B 63 52.88 6.58 4.54
N PRO B 64 53.76 5.65 4.16
CA PRO B 64 53.41 4.67 3.13
C PRO B 64 52.12 3.91 3.41
N LYS B 65 51.79 3.64 4.67
CA LYS B 65 50.58 2.88 4.96
C LYS B 65 49.32 3.61 4.52
N ASP B 66 49.35 4.94 4.49
CA ASP B 66 48.16 5.72 4.23
C ASP B 66 48.00 6.12 2.76
N VAL B 67 49.05 5.97 1.95
CA VAL B 67 48.97 6.37 0.55
C VAL B 67 47.79 5.71 -0.14
N LYS B 68 47.56 4.41 0.14
CA LYS B 68 46.45 3.68 -0.48
C LYS B 68 45.08 4.24 -0.11
N LYS B 69 44.99 5.02 0.99
CA LYS B 69 43.70 5.48 1.48
C LYS B 69 43.23 6.77 0.83
N ALA B 70 44.06 7.41 0.00
CA ALA B 70 43.81 8.74 -0.54
C ALA B 70 43.94 8.72 -2.05
N GLY B 71 42.93 9.25 -2.76
CA GLY B 71 43.08 9.48 -4.18
C GLY B 71 44.20 10.45 -4.47
N ARG B 72 44.71 10.37 -5.69
CA ARG B 72 45.85 11.21 -6.08
C ARG B 72 45.56 12.69 -5.88
N PHE B 73 44.32 13.14 -6.18
CA PHE B 73 43.98 14.54 -5.94
C PHE B 73 44.13 14.90 -4.47
N ILE B 74 43.89 13.96 -3.56
CA ILE B 74 44.06 14.25 -2.14
C ILE B 74 45.54 14.24 -1.75
N GLN B 75 46.33 13.33 -2.33
CA GLN B 75 47.76 13.37 -2.11
C GLN B 75 48.33 14.70 -2.57
N LEU B 76 47.87 15.20 -3.71
CA LEU B 76 48.33 16.51 -4.20
C LEU B 76 47.89 17.63 -3.27
N ALA B 77 46.66 17.51 -2.73
CA ALA B 77 46.15 18.52 -1.79
C ALA B 77 46.94 18.53 -0.49
N LEU B 78 47.31 17.35 0.02
CA LEU B 78 48.14 17.32 1.24
C LEU B 78 49.49 17.96 1.01
N LYS B 79 50.05 17.79 -0.19
CA LYS B 79 51.31 18.43 -0.54
C LYS B 79 51.16 19.95 -0.56
N ALA B 80 50.13 20.44 -1.24
CA ALA B 80 50.00 21.89 -1.37
C ALA B 80 49.64 22.53 -0.04
N THR B 81 48.75 21.91 0.74
CA THR B 81 48.36 22.51 2.00
C THR B 81 49.51 22.48 2.99
N ARG B 82 50.29 21.39 3.01
CA ARG B 82 51.47 21.36 3.86
C ARG B 82 52.38 22.55 3.59
N GLU B 83 52.65 22.82 2.30
CA GLU B 83 53.46 23.99 1.96
C GLU B 83 52.80 25.27 2.50
N ALA B 84 51.51 25.47 2.20
CA ALA B 84 50.84 26.69 2.64
C ALA B 84 50.78 26.79 4.15
N MET B 85 50.49 25.68 4.83
CA MET B 85 50.40 25.72 6.29
C MET B 85 51.76 26.01 6.92
N LYS B 86 52.82 25.41 6.38
CA LYS B 86 54.16 25.75 6.85
C LYS B 86 54.52 27.19 6.49
N ASP B 87 54.24 27.59 5.25
CA ASP B 87 54.51 28.95 4.81
C ASP B 87 53.86 29.97 5.75
N SER B 88 52.68 29.64 6.27
CA SER B 88 51.93 30.60 7.07
C SER B 88 52.57 30.84 8.43
N GLY B 89 53.44 29.94 8.87
CA GLY B 89 54.03 30.05 10.19
C GLY B 89 53.10 29.68 11.31
N ILE B 90 51.94 29.12 11.00
CA ILE B 90 50.94 28.88 12.04
C ILE B 90 51.17 27.59 12.80
N LEU B 91 51.90 26.63 12.25
CA LEU B 91 52.00 25.32 12.89
C LEU B 91 52.79 25.40 14.20
N ASP B 92 52.45 24.52 15.12
CA ASP B 92 53.17 24.45 16.38
C ASP B 92 54.35 23.51 16.23
N ALA B 93 54.95 23.10 17.36
CA ALA B 93 56.14 22.26 17.31
C ALA B 93 55.86 20.87 16.78
N HIS B 94 54.59 20.46 16.73
CA HIS B 94 54.21 19.16 16.18
C HIS B 94 53.61 19.26 14.79
N ASN B 95 53.76 20.40 14.11
CA ASN B 95 53.21 20.64 12.78
C ASN B 95 51.69 20.49 12.79
N ARG B 96 51.08 21.00 13.84
CA ARG B 96 49.63 21.01 14.00
CA ARG B 96 49.64 21.00 14.01
C ARG B 96 49.19 22.43 14.34
N CYS B 97 47.94 22.71 14.03
CA CYS B 97 47.36 23.97 14.44
C CYS B 97 47.27 24.00 15.96
N PRO B 98 47.64 25.12 16.60
CA PRO B 98 47.56 25.19 18.06
C PRO B 98 46.14 24.89 18.55
N GLU B 99 46.05 24.21 19.70
CA GLU B 99 44.75 23.72 20.16
C GLU B 99 43.79 24.86 20.44
N GLU B 100 44.28 25.95 21.02
CA GLU B 100 43.42 27.07 21.36
C GLU B 100 42.93 27.82 20.12
N LEU B 101 43.50 27.53 18.94
CA LEU B 101 43.04 28.10 17.69
C LEU B 101 42.30 27.11 16.80
N ALA B 102 42.28 25.82 17.18
CA ALA B 102 41.84 24.76 16.27
C ALA B 102 40.35 24.85 15.97
N ASN B 103 39.53 25.21 16.97
CA ASN B 103 38.09 25.27 16.77
C ASN B 103 37.68 26.38 15.80
N ARG B 104 38.53 27.38 15.59
CA ARG B 104 38.18 28.57 14.83
C ARG B 104 38.90 28.61 13.50
N MET B 105 39.56 27.53 13.12
CA MET B 105 40.19 27.44 11.82
C MET B 105 39.58 26.25 11.11
N GLY B 106 39.00 26.52 9.95
CA GLY B 106 38.38 25.50 9.15
C GLY B 106 39.10 25.27 7.84
N VAL B 107 38.48 24.44 7.00
CA VAL B 107 39.01 24.14 5.69
C VAL B 107 37.86 24.23 4.69
N SER B 108 38.13 24.83 3.54
CA SER B 108 37.23 24.89 2.40
C SER B 108 37.96 24.26 1.22
N SER B 109 37.46 23.12 0.76
CA SER B 109 38.11 22.37 -0.30
C SER B 109 37.27 22.39 -1.57
N GLY B 110 37.93 22.20 -2.70
CA GLY B 110 37.23 22.16 -3.96
C GLY B 110 37.81 21.15 -4.93
N SER B 111 36.94 20.46 -5.64
CA SER B 111 37.30 19.57 -6.73
C SER B 111 36.06 19.39 -7.59
N GLY B 112 36.25 19.07 -8.87
CA GLY B 112 35.11 18.81 -9.77
C GLY B 112 34.55 17.40 -9.60
N ILE B 113 35.42 16.40 -9.47
CA ILE B 113 34.95 14.98 -9.40
C ILE B 113 35.76 14.20 -8.35
N GLY B 114 36.97 14.65 -8.02
CA GLY B 114 37.78 13.99 -6.99
C GLY B 114 38.44 12.70 -7.47
N GLY B 115 38.30 11.61 -6.71
CA GLY B 115 39.01 10.36 -7.05
C GLY B 115 38.33 9.58 -8.17
N LEU B 116 38.35 10.11 -9.39
CA LEU B 116 37.72 9.44 -10.53
C LEU B 116 38.40 8.11 -10.83
N GLY B 117 39.74 8.11 -10.91
CA GLY B 117 40.46 6.89 -11.16
C GLY B 117 40.14 5.78 -10.15
N ASN B 118 39.84 6.17 -8.91
CA ASN B 118 39.50 5.19 -7.89
C ASN B 118 38.09 4.64 -8.07
N ILE B 119 37.15 5.51 -8.46
CA ILE B 119 35.81 5.04 -8.81
C ILE B 119 35.89 4.09 -9.99
N GLU B 120 36.69 4.50 -10.99
CA GLU B 120 36.85 3.71 -12.20
C GLU B 120 37.43 2.34 -11.89
N ALA B 121 38.48 2.31 -11.07
CA ALA B 121 39.13 1.03 -10.75
C ALA B 121 38.19 0.10 -9.99
N ASN B 122 37.54 0.63 -8.94
CA ASN B 122 36.69 -0.25 -8.14
C ASN B 122 35.43 -0.63 -8.89
N SER B 123 34.95 0.25 -9.78
CA SER B 123 33.83 -0.11 -10.64
C SER B 123 34.17 -1.34 -11.49
N ILE B 124 35.41 -1.39 -11.99
CA ILE B 124 35.86 -2.50 -12.82
C ILE B 124 36.10 -3.74 -11.96
N PHE B 125 36.74 -3.58 -10.80
CA PHE B 125 36.83 -4.68 -9.84
C PHE B 125 35.46 -5.32 -9.58
N CYS B 126 34.46 -4.48 -9.32
CA CYS B 126 33.14 -5.01 -8.96
C CYS B 126 32.49 -5.72 -10.12
N PHE B 127 32.71 -5.21 -11.35
CA PHE B 127 32.13 -5.82 -12.54
C PHE B 127 32.81 -7.13 -12.92
N GLU B 128 34.12 -7.27 -12.65
CA GLU B 128 34.83 -8.47 -13.06
C GLU B 128 34.84 -9.56 -12.00
N LYS B 129 34.93 -9.20 -10.72
CA LYS B 129 35.13 -10.17 -9.64
C LYS B 129 34.05 -10.10 -8.56
N GLY B 130 33.02 -9.28 -8.74
CA GLY B 130 31.97 -9.14 -7.73
C GLY B 130 32.30 -8.12 -6.64
N PRO B 131 31.30 -7.80 -5.81
CA PRO B 131 31.49 -6.75 -4.78
C PRO B 131 32.53 -7.07 -3.72
N ARG B 132 32.86 -8.34 -3.46
CA ARG B 132 33.84 -8.58 -2.42
C ARG B 132 35.22 -8.08 -2.82
N LYS B 133 35.44 -7.75 -4.08
CA LYS B 133 36.70 -7.19 -4.49
C LYS B 133 36.73 -5.66 -4.46
N VAL B 134 35.71 -5.03 -3.89
CA VAL B 134 35.74 -3.57 -3.77
C VAL B 134 36.57 -3.25 -2.54
N ASN B 135 37.64 -2.47 -2.72
CA ASN B 135 38.56 -2.25 -1.62
C ASN B 135 37.88 -1.42 -0.53
N PRO B 136 38.09 -1.76 0.74
CA PRO B 136 37.49 -0.96 1.83
C PRO B 136 37.81 0.53 1.76
N PHE B 137 39.00 0.89 1.30
CA PHE B 137 39.41 2.28 1.22
C PHE B 137 38.90 2.98 -0.05
N PHE B 138 38.03 2.35 -0.83
CA PHE B 138 37.49 2.98 -2.02
C PHE B 138 36.80 4.32 -1.69
N ILE B 139 35.76 4.30 -0.86
CA ILE B 139 34.89 5.48 -0.74
C ILE B 139 35.66 6.69 -0.23
N THR B 140 36.31 6.56 0.92
CA THR B 140 37.00 7.71 1.46
C THR B 140 38.25 8.10 0.67
N SER B 141 38.69 7.26 -0.29
CA SER B 141 39.74 7.70 -1.17
C SER B 141 39.23 8.58 -2.31
N ALA B 142 37.91 8.60 -2.55
CA ALA B 142 37.38 9.19 -3.77
C ALA B 142 36.49 10.42 -3.57
N LEU B 143 35.84 10.57 -2.40
CA LEU B 143 34.91 11.67 -2.20
C LEU B 143 35.66 13.00 -2.18
N VAL B 144 35.10 13.99 -2.88
CA VAL B 144 35.73 15.30 -2.98
C VAL B 144 36.00 15.91 -1.60
N ASN B 145 35.06 15.76 -0.65
CA ASN B 145 35.25 16.42 0.65
C ASN B 145 36.35 15.77 1.48
N MET B 146 36.78 14.57 1.13
CA MET B 146 37.93 13.96 1.80
C MET B 146 39.21 14.79 1.67
N ILE B 147 39.26 15.78 0.77
CA ILE B 147 40.36 16.74 0.84
C ILE B 147 40.34 17.42 2.21
N GLY B 148 39.20 18.02 2.56
CA GLY B 148 39.08 18.59 3.89
C GLY B 148 39.14 17.55 4.99
N GLY B 149 38.74 16.31 4.68
CA GLY B 149 38.86 15.23 5.65
C GLY B 149 40.29 14.94 6.04
N PHE B 150 41.11 14.55 5.06
CA PHE B 150 42.51 14.25 5.35
C PHE B 150 43.26 15.48 5.82
N THR B 151 43.01 16.64 5.21
CA THR B 151 43.77 17.83 5.63
C THR B 151 43.41 18.24 7.05
N SER B 152 42.13 18.16 7.42
CA SER B 152 41.78 18.58 8.78
C SER B 152 42.39 17.64 9.82
N ILE B 153 42.44 16.33 9.55
CA ILE B 153 43.08 15.41 10.49
C ILE B 153 44.59 15.66 10.54
N GLU B 154 45.19 15.91 9.38
CA GLU B 154 46.64 16.13 9.31
C GLU B 154 47.08 17.36 10.11
N PHE B 155 46.31 18.45 10.05
CA PHE B 155 46.69 19.69 10.74
C PHE B 155 45.87 19.96 12.00
N GLY B 156 44.93 19.09 12.35
CA GLY B 156 44.12 19.29 13.54
C GLY B 156 43.29 20.57 13.53
N ILE B 157 42.67 20.89 12.41
CA ILE B 157 41.80 22.07 12.36
C ILE B 157 40.35 21.61 12.40
N LYS B 158 39.57 22.22 13.29
CA LYS B 158 38.26 21.72 13.67
C LYS B 158 37.14 22.70 13.39
N GLY B 159 37.42 23.79 12.67
CA GLY B 159 36.41 24.72 12.25
C GLY B 159 35.54 24.19 11.12
N PRO B 160 34.72 25.06 10.52
CA PRO B 160 33.85 24.62 9.41
C PRO B 160 34.64 23.90 8.35
N ASN B 161 34.13 22.74 7.94
CA ASN B 161 34.79 21.82 7.00
C ASN B 161 33.85 21.70 5.79
N LEU B 162 34.19 22.41 4.72
CA LEU B 162 33.27 22.69 3.62
C LEU B 162 33.91 22.32 2.29
N SER B 163 33.06 21.97 1.33
CA SER B 163 33.54 21.48 0.05
C SER B 163 32.65 21.95 -1.09
N SER B 164 33.29 22.57 -2.09
CA SER B 164 32.62 23.03 -3.30
C SER B 164 32.88 22.06 -4.45
N VAL B 165 31.87 21.83 -5.29
CA VAL B 165 32.03 20.85 -6.36
C VAL B 165 31.43 21.41 -7.65
N THR B 166 31.54 22.72 -7.82
CA THR B 166 30.99 23.40 -9.00
C THR B 166 31.94 23.30 -10.20
N ALA B 167 32.22 22.06 -10.62
CA ALA B 167 32.93 21.76 -11.86
C ALA B 167 34.22 22.57 -11.98
N CYS B 168 34.47 23.22 -13.11
CA CYS B 168 35.75 23.94 -13.35
C CYS B 168 35.80 25.27 -12.57
N ALA B 169 34.76 25.62 -11.83
CA ALA B 169 34.87 26.80 -10.97
C ALA B 169 35.03 26.43 -9.48
N ALA B 170 35.21 25.13 -9.20
CA ALA B 170 35.22 24.68 -7.81
C ALA B 170 36.32 25.36 -6.99
N GLY B 171 37.50 25.54 -7.58
CA GLY B 171 38.61 26.11 -6.81
C GLY B 171 38.39 27.56 -6.45
N THR B 172 37.65 28.29 -7.28
CA THR B 172 37.34 29.67 -6.97
C THR B 172 36.20 29.78 -5.97
N HIS B 173 35.19 28.90 -6.12
CA HIS B 173 34.11 28.89 -5.15
C HIS B 173 34.60 28.45 -3.76
N ALA B 174 35.59 27.56 -3.70
CA ALA B 174 36.12 27.17 -2.39
C ALA B 174 36.75 28.38 -1.69
N ILE B 175 37.40 29.28 -2.45
CA ILE B 175 37.91 30.52 -1.88
C ILE B 175 36.76 31.36 -1.32
N ILE B 176 35.71 31.54 -2.13
CA ILE B 176 34.60 32.41 -1.76
C ILE B 176 33.84 31.87 -0.55
N GLU B 177 33.57 30.56 -0.51
CA GLU B 177 32.88 30.02 0.66
C GLU B 177 33.70 30.24 1.93
N ALA B 178 35.02 30.14 1.82
CA ALA B 178 35.89 30.45 2.96
C ALA B 178 35.74 31.91 3.37
N VAL B 179 35.74 32.82 2.40
CA VAL B 179 35.54 34.24 2.70
C VAL B 179 34.20 34.46 3.41
N LYS B 180 33.13 33.94 2.82
CA LYS B 180 31.81 34.08 3.45
C LYS B 180 31.83 33.62 4.89
N THR B 181 32.52 32.50 5.17
CA THR B 181 32.51 31.94 6.53
C THR B 181 33.20 32.87 7.51
N ILE B 182 34.34 33.44 7.12
CA ILE B 182 35.03 34.39 7.97
C ILE B 182 34.22 35.68 8.10
N LEU B 183 33.73 36.24 6.98
CA LEU B 183 32.90 37.44 7.06
C LEU B 183 31.78 37.29 8.09
N LEU B 184 31.10 36.13 8.11
CA LEU B 184 30.00 35.96 9.04
C LEU B 184 30.42 35.47 10.41
N ASN B 185 31.73 35.48 10.68
CA ASN B 185 32.27 35.14 12.00
C ASN B 185 32.07 33.65 12.33
N GLY B 186 32.02 32.80 11.31
CA GLY B 186 32.05 31.37 11.54
C GLY B 186 33.44 30.79 11.74
N ALA B 187 34.45 31.60 11.50
CA ALA B 187 35.84 31.19 11.68
C ALA B 187 36.70 32.44 11.69
N ASP B 188 37.92 32.31 12.21
CA ASP B 188 38.88 33.38 12.08
C ASP B 188 39.93 33.10 11.02
N ARG B 189 40.07 31.83 10.61
CA ARG B 189 41.01 31.41 9.59
C ARG B 189 40.41 30.23 8.84
N MET B 190 40.85 30.08 7.58
CA MET B 190 40.31 29.06 6.70
C MET B 190 41.46 28.57 5.84
N LEU B 191 41.78 27.28 5.90
CA LEU B 191 42.62 26.68 4.88
C LEU B 191 41.76 26.46 3.64
N VAL B 192 42.22 26.96 2.49
CA VAL B 192 41.55 26.81 1.21
C VAL B 192 42.41 25.98 0.29
N VAL B 193 41.82 24.99 -0.36
CA VAL B 193 42.59 24.17 -1.28
C VAL B 193 41.68 23.64 -2.38
N GLY B 194 42.09 23.83 -3.62
CA GLY B 194 41.49 23.19 -4.79
C GLY B 194 42.45 22.15 -5.34
N ALA B 195 41.93 20.97 -5.69
CA ALA B 195 42.77 19.85 -6.08
C ALA B 195 42.01 18.97 -7.05
N GLU B 196 42.71 18.56 -8.12
CA GLU B 196 42.11 17.73 -9.15
C GLU B 196 43.19 16.89 -9.83
N SER B 197 42.85 15.61 -10.03
CA SER B 197 43.73 14.69 -10.73
C SER B 197 42.85 13.67 -11.43
N THR B 198 42.61 13.88 -12.72
CA THR B 198 41.67 13.04 -13.47
C THR B 198 42.27 12.47 -14.75
N ILE B 199 43.59 12.35 -14.82
CA ILE B 199 44.23 11.83 -16.03
C ILE B 199 44.15 10.31 -15.94
N CYS B 200 43.05 9.77 -16.45
CA CYS B 200 42.76 8.35 -16.39
C CYS B 200 41.89 8.02 -17.58
N PRO B 201 41.69 6.73 -17.89
CA PRO B 201 40.97 6.42 -19.14
C PRO B 201 39.58 7.01 -19.21
N VAL B 202 38.72 6.78 -18.20
CA VAL B 202 37.38 7.34 -18.32
C VAL B 202 37.40 8.86 -18.20
N GLY B 203 38.44 9.44 -17.59
CA GLY B 203 38.54 10.89 -17.55
C GLY B 203 38.85 11.50 -18.91
N ILE B 204 39.87 10.98 -19.58
CA ILE B 204 40.20 11.50 -20.91
C ILE B 204 39.08 11.16 -21.90
N GLY B 205 38.55 9.94 -21.84
CA GLY B 205 37.52 9.56 -22.79
C GLY B 205 36.25 10.37 -22.63
N GLY B 206 35.92 10.74 -21.40
CA GLY B 206 34.73 11.53 -21.16
C GLY B 206 34.79 12.87 -21.88
N PHE B 207 35.93 13.56 -21.78
CA PHE B 207 36.04 14.85 -22.41
C PHE B 207 36.31 14.74 -23.91
N ALA B 208 36.93 13.63 -24.34
CA ALA B 208 37.11 13.39 -25.77
C ALA B 208 35.77 13.17 -26.45
N SER B 209 34.90 12.37 -25.84
CA SER B 209 33.62 12.03 -26.45
C SER B 209 32.70 13.23 -26.63
N ILE B 210 33.00 14.36 -25.99
CA ILE B 210 32.29 15.60 -26.28
C ILE B 210 33.18 16.59 -27.02
N LYS B 211 34.32 16.13 -27.54
CA LYS B 211 35.22 16.96 -28.36
C LYS B 211 35.69 18.19 -27.60
N ALA B 212 35.85 18.11 -26.28
CA ALA B 212 36.32 19.24 -25.50
C ALA B 212 37.84 19.37 -25.50
N LEU B 213 38.57 18.30 -25.78
CA LEU B 213 40.01 18.30 -25.62
C LEU B 213 40.73 18.58 -26.95
N SER B 214 41.89 19.22 -26.85
CA SER B 214 42.76 19.36 -28.00
C SER B 214 43.32 18.01 -28.40
N THR B 215 43.34 17.73 -29.71
CA THR B 215 43.92 16.50 -30.23
C THR B 215 45.28 16.72 -30.91
N ARG B 216 45.97 17.82 -30.60
CA ARG B 216 47.31 18.07 -31.16
C ARG B 216 48.34 17.23 -30.41
N ASN B 217 48.28 15.92 -30.65
CA ASN B 217 49.06 14.97 -29.84
C ASN B 217 50.55 15.04 -30.11
N ASP B 218 50.94 15.41 -31.33
CA ASP B 218 52.35 15.38 -31.71
C ASP B 218 53.16 16.48 -31.04
N GLU B 219 52.53 17.58 -30.64
CA GLU B 219 53.22 18.71 -30.02
C GLU B 219 52.53 19.07 -28.72
N PRO B 220 52.77 18.31 -27.65
CA PRO B 220 52.17 18.65 -26.35
C PRO B 220 52.46 20.07 -25.88
N LYS B 221 53.57 20.68 -26.31
CA LYS B 221 53.92 22.01 -25.82
C LYS B 221 53.20 23.13 -26.58
N LYS B 222 52.61 22.84 -27.73
CA LYS B 222 51.86 23.83 -28.49
C LYS B 222 50.34 23.60 -28.44
N ALA B 223 49.89 22.54 -27.77
CA ALA B 223 48.47 22.18 -27.82
C ALA B 223 47.59 23.23 -27.14
N SER B 224 47.99 23.66 -25.95
CA SER B 224 47.18 24.57 -25.14
C SER B 224 47.59 26.00 -25.47
N ARG B 225 46.65 26.76 -26.06
CA ARG B 225 46.95 28.07 -26.63
C ARG B 225 45.75 28.99 -26.44
N PRO B 226 45.54 29.48 -25.23
CA PRO B 226 44.33 30.27 -24.94
C PRO B 226 44.29 31.53 -25.79
N PHE B 227 43.14 31.78 -26.40
CA PHE B 227 42.76 32.93 -27.21
C PHE B 227 43.39 32.92 -28.61
N ASP B 228 44.32 32.00 -28.90
CA ASP B 228 44.89 31.88 -30.22
C ASP B 228 43.85 31.44 -31.24
N LYS B 229 44.10 31.78 -32.51
CA LYS B 229 43.19 31.39 -33.57
C LYS B 229 43.23 29.89 -33.83
N ASP B 230 44.35 29.23 -33.51
CA ASP B 230 44.51 27.79 -33.72
C ASP B 230 44.16 26.96 -32.50
N ARG B 231 43.53 27.53 -31.48
CA ARG B 231 43.09 26.72 -30.35
C ARG B 231 42.04 25.71 -30.79
N ASN B 232 42.11 24.51 -30.24
CA ASN B 232 41.20 23.45 -30.67
C ASN B 232 40.83 22.55 -29.49
N GLY B 233 40.65 23.14 -28.30
CA GLY B 233 40.22 22.37 -27.15
C GLY B 233 41.18 22.45 -25.96
N PHE B 234 40.69 22.16 -24.75
CA PHE B 234 41.60 22.29 -23.62
C PHE B 234 42.50 21.06 -23.52
N VAL B 235 43.50 21.19 -22.66
CA VAL B 235 44.41 20.10 -22.32
C VAL B 235 44.30 19.88 -20.82
N MET B 236 44.00 18.67 -20.43
CA MET B 236 43.68 18.42 -19.03
C MET B 236 44.96 18.45 -18.20
N GLY B 237 44.94 19.20 -17.10
CA GLY B 237 46.07 19.21 -16.21
C GLY B 237 45.70 18.72 -14.81
N GLU B 238 46.68 18.27 -14.04
CA GLU B 238 46.47 17.91 -12.64
C GLU B 238 47.26 18.85 -11.75
N GLY B 239 46.75 19.10 -10.55
CA GLY B 239 47.47 19.92 -9.59
C GLY B 239 46.61 20.27 -8.40
N ALA B 240 47.22 21.04 -7.49
CA ALA B 240 46.49 21.61 -6.36
C ALA B 240 47.09 22.95 -5.97
N GLY B 241 46.22 23.88 -5.58
CA GLY B 241 46.64 25.17 -5.05
C GLY B 241 46.01 25.35 -3.68
N ALA B 242 46.68 26.12 -2.82
CA ALA B 242 46.23 26.25 -1.44
C ALA B 242 46.54 27.64 -0.90
N LEU B 243 45.60 28.16 -0.11
CA LEU B 243 45.74 29.46 0.54
C LEU B 243 45.33 29.32 1.98
N VAL B 244 45.98 30.11 2.84
CA VAL B 244 45.49 30.32 4.19
C VAL B 244 44.89 31.72 4.26
N LEU B 245 43.64 31.82 4.67
CA LEU B 245 42.97 33.10 4.89
C LEU B 245 42.82 33.34 6.38
N GLU B 246 43.03 34.58 6.80
CA GLU B 246 42.89 34.96 8.19
C GLU B 246 42.24 36.33 8.29
N GLU B 247 41.38 36.48 9.29
CA GLU B 247 40.88 37.81 9.60
C GLU B 247 42.06 38.73 9.90
N TYR B 248 41.95 39.99 9.46
CA TYR B 248 43.11 40.86 9.36
C TYR B 248 43.77 41.09 10.73
N GLU B 249 42.96 41.35 11.76
CA GLU B 249 43.54 41.68 13.06
C GLU B 249 44.23 40.47 13.68
N SER B 250 43.65 39.27 13.50
CA SER B 250 44.28 38.06 14.03
C SER B 250 45.63 37.82 13.38
N ALA B 251 45.74 38.07 12.07
CA ALA B 251 47.02 37.91 11.40
C ALA B 251 48.06 38.90 11.93
N LYS B 252 47.65 40.15 12.15
CA LYS B 252 48.56 41.15 12.69
C LYS B 252 49.04 40.76 14.08
N LYS B 253 48.10 40.43 14.96
CA LYS B 253 48.42 40.10 16.35
C LYS B 253 49.46 39.00 16.45
N ARG B 254 49.38 37.97 15.60
CA ARG B 254 50.36 36.89 15.64
C ARG B 254 51.54 37.13 14.70
N GLY B 255 51.64 38.32 14.11
CA GLY B 255 52.76 38.65 13.25
C GLY B 255 52.84 37.82 11.98
N ALA B 256 51.79 37.87 11.16
CA ALA B 256 51.70 37.07 9.95
C ALA B 256 52.33 37.77 8.75
N LYS B 257 52.89 36.95 7.87
CA LYS B 257 53.20 37.38 6.53
C LYS B 257 51.91 37.68 5.79
N ILE B 258 51.87 38.79 5.05
CA ILE B 258 50.65 39.24 4.38
C ILE B 258 50.92 39.31 2.88
N TYR B 259 50.45 38.30 2.15
CA TYR B 259 50.63 38.29 0.71
C TYR B 259 49.68 39.25 0.00
N ALA B 260 48.46 39.37 0.51
CA ALA B 260 47.40 40.12 -0.15
C ALA B 260 46.25 40.23 0.84
N GLU B 261 45.32 41.13 0.53
CA GLU B 261 44.05 41.23 1.21
C GLU B 261 42.95 40.84 0.26
N PHE B 262 41.98 40.05 0.73
CA PHE B 262 40.83 39.75 -0.10
C PHE B 262 40.01 41.01 -0.33
N ALA B 263 39.63 41.26 -1.58
CA ALA B 263 38.96 42.51 -1.95
C ALA B 263 37.51 42.35 -2.37
N GLY B 264 37.15 41.32 -3.12
CA GLY B 264 35.80 41.24 -3.66
C GLY B 264 35.59 39.92 -4.38
N TYR B 265 34.31 39.55 -4.52
CA TYR B 265 33.95 38.31 -5.22
C TYR B 265 32.62 38.48 -5.90
N GLY B 266 32.35 37.58 -6.83
CA GLY B 266 31.08 37.55 -7.55
C GLY B 266 30.74 36.13 -7.98
N GLU B 267 29.48 35.77 -7.86
CA GLU B 267 28.99 34.46 -8.27
C GLU B 267 27.68 34.61 -9.01
N SER B 268 27.51 33.80 -10.05
CA SER B 268 26.33 33.87 -10.91
C SER B 268 26.16 32.54 -11.62
N GLY B 269 24.97 32.35 -12.18
CA GLY B 269 24.72 31.24 -13.08
C GLY B 269 24.14 31.74 -14.38
N ASP B 270 24.49 31.05 -15.48
CA ASP B 270 23.95 31.45 -16.79
C ASP B 270 22.49 31.05 -16.96
N ALA B 271 22.08 29.89 -16.39
CA ALA B 271 20.76 29.30 -16.67
C ALA B 271 20.51 29.23 -18.17
N ASN B 272 21.55 28.88 -18.91
CA ASN B 272 21.46 28.80 -20.37
C ASN B 272 21.70 27.37 -20.86
N HIS B 273 22.91 26.84 -20.69
CA HIS B 273 23.27 25.57 -21.28
C HIS B 273 24.21 24.80 -20.36
N ILE B 274 24.19 23.46 -20.48
CA ILE B 274 24.92 22.60 -19.55
C ILE B 274 26.42 22.60 -19.80
N THR B 275 26.88 22.93 -21.02
CA THR B 275 28.32 22.95 -21.30
C THR B 275 28.72 24.23 -22.01
N ALA B 276 27.86 24.76 -22.84
CA ALA B 276 28.19 25.95 -23.60
C ALA B 276 28.02 27.19 -22.72
N PRO B 277 28.83 28.22 -22.94
CA PRO B 277 28.67 29.45 -22.16
C PRO B 277 27.46 30.25 -22.63
N ALA B 278 27.00 31.13 -21.74
CA ALA B 278 25.92 32.03 -22.08
C ALA B 278 26.33 32.92 -23.26
N PRO B 279 25.39 33.34 -24.10
CA PRO B 279 25.75 34.21 -25.22
C PRO B 279 26.29 35.52 -24.70
N GLU B 280 27.43 35.95 -25.25
CA GLU B 280 28.16 37.14 -24.83
C GLU B 280 28.79 36.99 -23.45
N GLY B 281 28.93 35.77 -22.95
CA GLY B 281 29.45 35.58 -21.60
C GLY B 281 28.62 36.31 -20.55
N GLU B 282 27.31 36.34 -20.75
CA GLU B 282 26.44 37.17 -19.93
C GLU B 282 26.58 36.86 -18.43
N GLY B 283 26.60 35.57 -18.08
CA GLY B 283 26.75 35.22 -16.67
C GLY B 283 28.11 35.61 -16.13
N ALA B 284 29.16 35.37 -16.90
CA ALA B 284 30.49 35.81 -16.52
C ALA B 284 30.54 37.32 -16.29
N PHE B 285 29.84 38.09 -17.13
CA PHE B 285 29.82 39.54 -16.98
C PHE B 285 29.28 39.95 -15.62
N ARG B 286 28.18 39.33 -15.17
CA ARG B 286 27.55 39.70 -13.91
C ARG B 286 28.44 39.36 -12.72
N ALA B 287 29.09 38.20 -12.75
CA ALA B 287 29.97 37.84 -11.64
C ALA B 287 31.16 38.79 -11.58
N MET B 288 31.66 39.21 -12.74
CA MET B 288 32.83 40.05 -12.81
C MET B 288 32.48 41.45 -12.32
N LYS B 289 31.31 41.95 -12.71
CA LYS B 289 30.85 43.27 -12.28
C LYS B 289 30.62 43.33 -10.77
N MET B 290 30.02 42.28 -10.20
CA MET B 290 29.77 42.27 -8.77
C MET B 290 31.08 42.24 -7.99
N ALA B 291 32.06 41.46 -8.45
CA ALA B 291 33.36 41.45 -7.78
C ALA B 291 34.02 42.81 -7.89
N LEU B 292 33.90 43.48 -9.03
CA LEU B 292 34.54 44.78 -9.18
C LEU B 292 33.82 45.83 -8.35
N GLU B 293 32.50 45.81 -8.35
CA GLU B 293 31.73 46.71 -7.51
C GLU B 293 31.99 46.45 -6.03
N MET B 294 32.30 45.20 -5.65
CA MET B 294 32.63 44.91 -4.26
C MET B 294 34.03 45.37 -3.90
N ALA B 295 35.00 45.13 -4.78
CA ALA B 295 36.39 45.39 -4.41
C ALA B 295 36.67 46.88 -4.40
N LYS B 296 36.09 47.62 -5.34
CA LYS B 296 36.32 49.06 -5.49
C LYS B 296 37.79 49.41 -5.55
N VAL B 297 38.55 48.64 -6.34
CA VAL B 297 39.94 48.91 -6.59
C VAL B 297 40.18 48.82 -8.09
N GLU B 298 41.28 49.43 -8.52
CA GLU B 298 41.69 49.35 -9.91
C GLU B 298 42.44 48.04 -10.12
N VAL B 299 41.86 47.14 -10.90
CA VAL B 299 42.47 45.85 -11.18
C VAL B 299 43.54 46.05 -12.25
N GLY B 300 44.78 45.67 -11.93
CA GLY B 300 45.86 45.81 -12.89
C GLY B 300 46.15 44.59 -13.72
N TYR B 301 45.55 43.45 -13.39
CA TYR B 301 45.86 42.18 -14.04
C TYR B 301 44.71 41.21 -13.85
N VAL B 302 44.37 40.49 -14.91
CA VAL B 302 43.31 39.50 -14.90
C VAL B 302 43.92 38.16 -15.30
N ASN B 303 43.75 37.15 -14.44
CA ASN B 303 44.03 35.78 -14.83
C ASN B 303 42.72 35.18 -15.34
N ALA B 304 42.65 35.00 -16.65
CA ALA B 304 41.42 34.49 -17.25
C ALA B 304 41.30 32.99 -17.04
N HIS B 305 40.06 32.53 -17.01
CA HIS B 305 39.78 31.10 -17.12
C HIS B 305 40.52 30.50 -18.31
N GLY B 306 40.27 31.05 -19.50
CA GLY B 306 41.00 30.79 -20.72
C GLY B 306 41.47 29.36 -20.92
N THR B 307 40.54 28.46 -21.21
CA THR B 307 40.88 27.01 -21.33
C THR B 307 41.32 26.62 -22.74
N SER B 308 41.47 27.58 -23.65
CA SER B 308 41.95 27.31 -25.03
C SER B 308 40.88 26.58 -25.84
N THR B 309 39.60 26.75 -25.49
CA THR B 309 38.49 26.17 -26.29
C THR B 309 37.88 27.29 -27.14
N HIS B 310 37.26 26.96 -28.28
CA HIS B 310 36.75 28.03 -29.12
C HIS B 310 35.77 28.93 -28.37
N TYR B 311 34.75 28.32 -27.75
CA TYR B 311 33.67 29.14 -27.22
C TYR B 311 34.01 29.82 -25.90
N ASN B 312 34.77 29.16 -25.02
CA ASN B 312 35.11 29.78 -23.75
C ASN B 312 35.95 31.03 -23.96
N ASP B 313 37.08 30.87 -24.64
CA ASP B 313 38.01 31.99 -24.83
C ASP B 313 37.32 33.17 -25.52
N LEU B 314 36.43 32.89 -26.47
CA LEU B 314 35.71 33.95 -27.15
C LEU B 314 34.75 34.64 -26.17
N TYR B 315 33.86 33.87 -25.54
CA TYR B 315 32.85 34.49 -24.70
C TYR B 315 33.44 35.10 -23.44
N GLU B 316 34.58 34.60 -22.98
CA GLU B 316 35.24 35.28 -21.87
C GLU B 316 35.83 36.62 -22.31
N SER B 317 36.39 36.69 -23.52
CA SER B 317 36.89 37.96 -24.03
C SER B 317 35.76 38.97 -24.21
N ILE B 318 34.62 38.52 -24.75
CA ILE B 318 33.49 39.44 -24.89
C ILE B 318 33.07 39.98 -23.53
N ALA B 319 32.94 39.09 -22.54
CA ALA B 319 32.49 39.52 -21.22
C ALA B 319 33.46 40.52 -20.59
N LEU B 320 34.76 40.32 -20.77
CA LEU B 320 35.74 41.24 -20.21
C LEU B 320 35.63 42.64 -20.83
N LYS B 321 35.43 42.71 -22.15
CA LYS B 321 35.27 44.02 -22.79
C LYS B 321 34.01 44.71 -22.30
N ASN B 322 32.92 43.95 -22.21
CA ASN B 322 31.67 44.54 -21.76
C ASN B 322 31.74 45.01 -20.32
N VAL B 323 32.50 44.33 -19.46
CA VAL B 323 32.48 44.76 -18.06
C VAL B 323 33.38 45.96 -17.83
N PHE B 324 34.51 45.99 -18.56
CA PHE B 324 35.44 47.14 -18.46
C PHE B 324 35.03 48.22 -19.46
N GLY B 325 33.89 48.02 -20.14
CA GLY B 325 33.39 49.03 -21.10
C GLY B 325 33.89 48.78 -22.51
N SER B 326 35.21 48.77 -22.72
CA SER B 326 35.77 48.60 -24.09
C SER B 326 37.03 47.74 -24.04
N LYS B 327 37.50 47.28 -25.21
CA LYS B 327 38.73 46.48 -25.25
C LYS B 327 39.93 47.29 -24.79
N GLU B 328 39.90 48.61 -24.96
CA GLU B 328 41.01 49.45 -24.51
C GLU B 328 41.05 49.59 -22.99
N LYS B 329 39.91 49.42 -22.32
CA LYS B 329 39.87 49.58 -20.88
C LYS B 329 40.09 48.27 -20.12
N VAL B 330 40.24 47.15 -20.81
CA VAL B 330 40.49 45.87 -20.13
C VAL B 330 41.95 45.85 -19.66
N PRO B 331 42.22 45.57 -18.39
CA PRO B 331 43.62 45.47 -17.93
C PRO B 331 44.34 44.34 -18.63
N PRO B 332 45.67 44.28 -18.54
CA PRO B 332 46.37 43.12 -19.11
C PRO B 332 45.78 41.81 -18.60
N VAL B 333 45.57 40.89 -19.52
CA VAL B 333 44.92 39.60 -19.26
C VAL B 333 45.91 38.51 -19.65
N SER B 334 45.98 37.44 -18.86
CA SER B 334 46.58 36.23 -19.41
C SER B 334 45.92 35.00 -18.80
N SER B 335 45.94 33.92 -19.58
CA SER B 335 45.64 32.58 -19.08
C SER B 335 46.95 31.81 -18.98
N THR B 336 47.17 31.17 -17.83
CA THR B 336 48.33 30.31 -17.67
C THR B 336 48.01 28.86 -17.96
N ALA B 337 46.85 28.58 -18.56
CA ALA B 337 46.48 27.22 -18.93
C ALA B 337 47.34 26.69 -20.06
N GLY B 338 47.92 27.57 -20.88
CA GLY B 338 48.92 27.12 -21.84
C GLY B 338 50.09 26.44 -21.17
N GLN B 339 50.51 26.95 -20.02
CA GLN B 339 51.71 26.43 -19.35
C GLN B 339 51.46 25.11 -18.62
N ILE B 340 50.37 25.02 -17.86
CA ILE B 340 50.14 23.87 -17.00
C ILE B 340 48.87 23.10 -17.38
N GLY B 341 48.24 23.43 -18.48
CA GLY B 341 46.94 22.88 -18.80
C GLY B 341 45.85 23.47 -17.95
N HIS B 342 44.61 23.21 -18.33
CA HIS B 342 43.50 23.58 -17.47
C HIS B 342 43.30 22.50 -16.42
N CYS B 343 43.41 22.87 -15.15
CA CYS B 343 43.35 21.88 -14.06
C CYS B 343 41.96 21.76 -13.45
N LEU B 344 40.91 22.07 -14.22
CA LEU B 344 39.52 21.82 -13.83
C LEU B 344 39.19 22.40 -12.47
N GLY B 345 38.76 21.54 -11.53
CA GLY B 345 38.35 22.04 -10.22
C GLY B 345 39.47 22.72 -9.46
N ALA B 346 40.72 22.37 -9.75
CA ALA B 346 41.83 22.98 -9.04
C ALA B 346 42.23 24.33 -9.62
N ALA B 347 41.83 24.62 -10.85
CA ALA B 347 42.30 25.80 -11.57
C ALA B 347 42.08 27.07 -10.77
N GLY B 348 40.86 27.27 -10.25
CA GLY B 348 40.57 28.49 -9.51
C GLY B 348 41.55 28.72 -8.36
N ALA B 349 41.97 27.65 -7.69
CA ALA B 349 42.90 27.78 -6.57
C ALA B 349 44.32 28.03 -7.06
N LEU B 350 44.77 27.27 -8.05
CA LEU B 350 46.08 27.50 -8.65
C LEU B 350 46.20 28.91 -9.18
N GLU B 351 45.15 29.40 -9.84
CA GLU B 351 45.25 30.69 -10.49
C GLU B 351 45.13 31.86 -9.52
N ALA B 352 44.56 31.65 -8.33
CA ALA B 352 44.63 32.68 -7.29
C ALA B 352 46.04 32.78 -6.70
N VAL B 353 46.72 31.64 -6.51
CA VAL B 353 48.10 31.68 -6.02
C VAL B 353 48.99 32.37 -7.05
N ILE B 354 48.91 31.91 -8.31
CA ILE B 354 49.65 32.50 -9.42
C ILE B 354 49.43 34.00 -9.48
N SER B 355 48.17 34.43 -9.38
CA SER B 355 47.83 35.85 -9.55
C SER B 355 48.40 36.71 -8.44
N ILE B 356 48.32 36.23 -7.21
CA ILE B 356 48.85 36.98 -6.07
C ILE B 356 50.36 37.08 -6.18
N MET B 357 51.03 36.01 -6.63
CA MET B 357 52.47 36.02 -6.79
C MET B 357 52.89 36.98 -7.90
N ALA B 358 52.11 37.02 -8.99
CA ALA B 358 52.34 38.02 -10.02
C ALA B 358 52.36 39.41 -9.40
N MET B 359 51.34 39.72 -8.59
CA MET B 359 51.28 41.00 -7.90
C MET B 359 52.48 41.19 -6.99
N ASN B 360 52.75 40.20 -6.11
CA ASN B 360 53.88 40.28 -5.19
C ASN B 360 55.18 40.64 -5.91
N GLN B 361 55.38 40.10 -7.10
CA GLN B 361 56.66 40.19 -7.78
C GLN B 361 56.68 41.22 -8.90
N GLY B 362 55.55 41.87 -9.18
CA GLY B 362 55.47 42.76 -10.32
C GLY B 362 55.74 42.08 -11.65
N ILE B 363 55.56 40.77 -11.72
CA ILE B 363 55.83 39.95 -12.91
C ILE B 363 54.52 39.30 -13.34
N LEU B 364 53.99 39.73 -14.49
CA LEU B 364 52.73 39.19 -15.01
C LEU B 364 53.05 38.06 -15.99
N PRO B 365 52.68 36.81 -15.70
CA PRO B 365 53.03 35.70 -16.59
C PRO B 365 52.30 35.81 -17.92
N PRO B 366 52.83 35.22 -19.01
CA PRO B 366 52.20 35.40 -20.32
C PRO B 366 51.29 34.27 -20.81
N THR B 367 50.44 34.55 -21.80
CA THR B 367 49.64 33.47 -22.42
C THR B 367 50.54 32.88 -23.50
N ILE B 368 50.97 31.63 -23.35
CA ILE B 368 51.96 31.06 -24.30
C ILE B 368 51.30 30.55 -25.58
N ASN B 369 52.11 30.29 -26.62
CA ASN B 369 51.61 29.74 -27.88
C ASN B 369 50.68 30.70 -28.62
N GLN B 370 50.95 31.99 -28.50
CA GLN B 370 50.19 33.01 -29.27
C GLN B 370 50.88 33.13 -30.62
N GLU B 371 50.37 32.42 -31.64
CA GLU B 371 51.01 32.39 -32.94
C GLU B 371 50.20 33.08 -34.02
N THR B 372 48.88 33.01 -33.95
CA THR B 372 47.99 33.64 -34.93
C THR B 372 46.91 34.43 -34.18
N PRO B 373 46.89 35.76 -34.30
CA PRO B 373 45.84 36.54 -33.64
C PRO B 373 44.45 36.08 -34.07
N ASP B 374 43.55 35.95 -33.10
CA ASP B 374 42.15 35.71 -33.42
C ASP B 374 41.45 37.07 -33.48
N PRO B 375 40.91 37.47 -34.63
CA PRO B 375 40.31 38.81 -34.71
C PRO B 375 39.18 39.02 -33.72
N GLU B 376 38.49 37.95 -33.29
CA GLU B 376 37.43 38.08 -32.30
C GLU B 376 37.95 38.06 -30.87
N CYS B 377 39.18 37.60 -30.65
CA CYS B 377 39.83 37.66 -29.35
C CYS B 377 40.89 38.74 -29.41
N ASP B 378 40.46 40.00 -29.30
CA ASP B 378 41.33 41.15 -29.50
C ASP B 378 41.64 41.91 -28.22
N LEU B 379 42.10 41.21 -27.17
CA LEU B 379 42.60 41.85 -25.97
C LEU B 379 44.12 41.75 -25.93
N ASP B 380 44.70 42.38 -24.91
CA ASP B 380 46.13 42.25 -24.60
C ASP B 380 46.29 41.02 -23.72
N TYR B 381 46.78 39.94 -24.31
CA TYR B 381 46.89 38.66 -23.61
C TYR B 381 48.30 38.40 -23.10
N ILE B 382 49.10 39.45 -22.94
CA ILE B 382 50.50 39.35 -22.53
C ILE B 382 51.17 38.25 -23.33
N PRO B 383 51.19 38.33 -24.69
CA PRO B 383 51.67 37.20 -25.53
C PRO B 383 53.09 36.64 -25.36
N ASN B 384 53.20 35.35 -25.03
CA ASN B 384 54.53 34.66 -25.01
C ASN B 384 55.45 35.17 -23.89
N ALA B 385 55.73 36.48 -23.85
CA ALA B 385 56.73 36.99 -22.86
C ALA B 385 56.02 37.55 -21.63
N ALA B 386 56.56 37.28 -20.43
CA ALA B 386 55.98 37.84 -19.18
C ALA B 386 56.19 39.36 -19.19
N ARG B 387 55.35 40.10 -18.46
CA ARG B 387 55.42 41.58 -18.50
C ARG B 387 55.79 42.14 -17.13
N GLU B 388 56.86 42.95 -17.07
CA GLU B 388 57.22 43.60 -15.81
C GLU B 388 56.29 44.80 -15.60
N LYS B 389 55.43 44.70 -14.60
CA LYS B 389 54.45 45.74 -14.35
C LYS B 389 53.94 45.61 -12.93
N GLN B 390 53.93 46.72 -12.21
CA GLN B 390 53.37 46.71 -10.87
C GLN B 390 51.86 46.87 -10.97
N VAL B 391 51.14 46.05 -10.21
CA VAL B 391 49.69 46.14 -10.13
C VAL B 391 49.33 46.23 -8.67
N ASP B 392 48.18 46.84 -8.39
CA ASP B 392 47.72 46.95 -7.03
C ASP B 392 46.56 45.99 -6.71
N ALA B 393 45.98 45.36 -7.72
CA ALA B 393 44.91 44.40 -7.51
C ALA B 393 44.87 43.44 -8.69
N VAL B 394 44.47 42.19 -8.42
CA VAL B 394 44.38 41.12 -9.41
C VAL B 394 43.00 40.48 -9.33
N MET B 395 42.51 40.03 -10.49
CA MET B 395 41.22 39.37 -10.56
C MET B 395 41.37 38.04 -11.28
N SER B 396 40.70 37.00 -10.74
CA SER B 396 40.75 35.65 -11.30
C SER B 396 39.33 35.17 -11.57
N ASN B 397 39.11 34.59 -12.76
CA ASN B 397 37.81 34.13 -13.22
C ASN B 397 37.76 32.61 -13.30
N SER B 398 36.61 32.04 -12.95
CA SER B 398 36.40 30.62 -13.17
C SER B 398 34.95 30.37 -13.54
N PHE B 399 34.75 29.51 -14.53
CA PHE B 399 33.44 29.10 -14.98
C PHE B 399 33.38 27.58 -15.06
N GLY B 400 32.19 27.02 -14.85
CA GLY B 400 32.08 25.55 -14.85
C GLY B 400 30.86 25.03 -15.58
N PHE B 401 30.86 23.74 -15.91
CA PHE B 401 29.67 23.12 -16.55
C PHE B 401 28.45 23.41 -15.67
N GLY B 402 27.28 23.55 -16.27
CA GLY B 402 26.09 23.93 -15.50
C GLY B 402 25.96 25.45 -15.50
N GLY B 403 26.91 26.13 -16.16
CA GLY B 403 26.87 27.58 -16.25
C GLY B 403 27.15 28.32 -14.97
N THR B 404 28.02 27.78 -14.09
CA THR B 404 28.29 28.39 -12.81
C THR B 404 29.59 29.20 -12.86
N ASN B 405 29.53 30.44 -12.39
CA ASN B 405 30.60 31.41 -12.51
C ASN B 405 31.04 31.89 -11.13
N GLY B 406 32.35 32.02 -10.96
CA GLY B 406 32.92 32.62 -9.77
C GLY B 406 34.10 33.51 -10.09
N VAL B 407 34.20 34.67 -9.42
CA VAL B 407 35.26 35.64 -9.66
C VAL B 407 35.79 36.10 -8.31
N VAL B 408 37.12 36.20 -8.19
CA VAL B 408 37.69 36.78 -6.97
C VAL B 408 38.68 37.87 -7.33
N ILE B 409 38.79 38.86 -6.44
CA ILE B 409 39.72 39.97 -6.54
C ILE B 409 40.50 40.06 -5.22
N PHE B 410 41.82 40.03 -5.32
CA PHE B 410 42.72 40.28 -4.21
C PHE B 410 43.43 41.61 -4.45
N LYS B 411 43.82 42.31 -3.38
CA LYS B 411 44.51 43.58 -3.56
C LYS B 411 45.77 43.62 -2.70
N LYS B 412 46.68 44.51 -3.10
CA LYS B 412 47.97 44.60 -2.43
C LYS B 412 47.80 44.92 -0.95
N ALA B 413 48.59 44.27 -0.12
CA ALA B 413 48.58 44.52 1.32
C ALA B 413 49.24 45.86 1.66
N MET C 5 51.26 -30.15 12.00
CA MET C 5 51.84 -29.00 12.74
C MET C 5 52.67 -28.14 11.77
N GLY C 6 53.49 -28.76 10.92
CA GLY C 6 54.31 -28.02 9.96
C GLY C 6 53.45 -27.24 8.98
N TYR C 7 52.37 -27.84 8.49
CA TYR C 7 51.43 -27.14 7.59
C TYR C 7 50.89 -25.91 8.32
N LEU C 8 50.44 -26.10 9.56
CA LEU C 8 49.88 -24.98 10.35
C LEU C 8 50.94 -23.88 10.45
N MET C 9 52.19 -24.25 10.73
CA MET C 9 53.29 -23.27 10.90
C MET C 9 53.52 -22.48 9.60
N ALA C 10 53.53 -23.17 8.46
CA ALA C 10 53.74 -22.48 7.17
C ALA C 10 52.58 -21.52 6.91
N LEU C 11 51.36 -21.96 7.22
CA LEU C 11 50.17 -21.09 7.05
C LEU C 11 50.36 -19.85 7.92
N PHE C 12 50.81 -20.03 9.16
CA PHE C 12 51.02 -18.90 10.09
C PHE C 12 52.05 -17.95 9.51
N GLU C 13 53.16 -18.49 8.99
CA GLU C 13 54.21 -17.64 8.37
C GLU C 13 53.59 -16.79 7.26
N ASP C 14 52.82 -17.43 6.37
CA ASP C 14 52.22 -16.66 5.24
C ASP C 14 51.30 -15.57 5.80
N ILE C 15 50.47 -15.92 6.79
CA ILE C 15 49.50 -14.94 7.37
C ILE C 15 50.28 -13.76 7.95
N GLN C 16 51.38 -14.04 8.66
CA GLN C 16 52.19 -12.99 9.31
C GLN C 16 52.78 -12.08 8.23
N ALA C 17 53.32 -12.67 7.16
CA ALA C 17 53.85 -11.86 6.04
C ALA C 17 52.75 -10.92 5.53
N VAL C 18 51.56 -11.48 5.27
CA VAL C 18 50.46 -10.64 4.71
C VAL C 18 50.12 -9.50 5.68
N ILE C 19 50.02 -9.81 6.98
CA ILE C 19 49.62 -8.79 8.00
C ILE C 19 50.69 -7.69 8.05
N ALA C 20 51.97 -8.07 7.97
CA ALA C 20 53.08 -7.10 8.07
C ALA C 20 52.97 -6.06 6.95
N GLU C 21 52.89 -6.50 5.69
CA GLU C 21 52.86 -5.53 4.59
C GLU C 21 51.66 -4.60 4.71
N GLN C 22 50.51 -5.14 5.11
CA GLN C 22 49.28 -4.35 5.14
C GLN C 22 49.36 -3.25 6.18
N LEU C 23 49.72 -3.61 7.41
CA LEU C 23 49.79 -2.65 8.50
C LEU C 23 51.12 -1.91 8.53
N ASN C 24 52.05 -2.25 7.63
CA ASN C 24 53.37 -1.62 7.52
C ASN C 24 54.15 -1.75 8.82
N VAL C 25 54.36 -3.00 9.24
CA VAL C 25 55.07 -3.30 10.48
C VAL C 25 55.98 -4.50 10.25
N ASP C 26 56.98 -4.60 11.12
CA ASP C 26 57.92 -5.73 11.09
C ASP C 26 57.19 -7.04 11.38
N ALA C 27 57.74 -8.13 10.84
CA ALA C 27 57.30 -9.45 11.26
C ALA C 27 57.62 -9.72 12.72
N ALA C 28 58.36 -8.81 13.38
CA ALA C 28 58.71 -8.99 14.78
C ALA C 28 57.48 -8.86 15.68
N GLN C 29 56.67 -7.83 15.45
CA GLN C 29 55.56 -7.54 16.34
C GLN C 29 54.36 -8.43 16.08
N VAL C 30 54.23 -9.00 14.89
CA VAL C 30 53.08 -9.84 14.58
C VAL C 30 53.33 -11.24 15.15
N THR C 31 53.08 -11.38 16.44
CA THR C 31 53.11 -12.62 17.18
C THR C 31 51.69 -13.10 17.43
N PRO C 32 51.49 -14.40 17.66
CA PRO C 32 50.13 -14.92 17.87
C PRO C 32 49.31 -14.14 18.90
N GLU C 33 49.95 -13.54 19.90
CA GLU C 33 49.25 -12.81 20.94
C GLU C 33 49.08 -11.33 20.62
N ALA C 34 49.42 -10.90 19.40
CA ALA C 34 49.39 -9.49 19.07
C ALA C 34 47.98 -9.05 18.66
N GLU C 35 47.51 -7.96 19.25
CA GLU C 35 46.20 -7.40 18.95
C GLU C 35 46.32 -6.38 17.82
N PHE C 36 45.38 -6.43 16.87
CA PHE C 36 45.49 -5.56 15.70
C PHE C 36 45.43 -4.09 16.10
N VAL C 37 44.44 -3.71 16.91
CA VAL C 37 44.28 -2.29 17.23
C VAL C 37 45.27 -1.85 18.31
N LYS C 38 45.43 -2.66 19.36
CA LYS C 38 46.33 -2.27 20.45
C LYS C 38 47.80 -2.50 20.09
N ASP C 39 48.13 -3.64 19.49
CA ASP C 39 49.54 -4.02 19.32
C ASP C 39 50.08 -3.77 17.93
N LEU C 40 49.24 -3.55 16.93
CA LEU C 40 49.69 -3.38 15.55
C LEU C 40 49.30 -2.05 14.94
N GLY C 41 48.59 -1.19 15.66
CA GLY C 41 48.27 0.13 15.15
C GLY C 41 47.30 0.15 13.99
N ALA C 42 46.33 -0.75 13.98
CA ALA C 42 45.36 -0.85 12.90
C ALA C 42 43.98 -0.44 13.41
N ASP C 43 43.18 0.16 12.53
CA ASP C 43 41.81 0.48 12.90
C ASP C 43 40.89 -0.51 12.20
N SER C 44 39.58 -0.36 12.40
CA SER C 44 38.62 -1.30 11.80
C SER C 44 38.76 -1.36 10.30
N LEU C 45 39.04 -0.21 9.70
CA LEU C 45 39.22 -0.16 8.24
C LEU C 45 40.42 -1.00 7.81
N ASP C 46 41.56 -0.76 8.47
CA ASP C 46 42.76 -1.57 8.25
C ASP C 46 42.45 -3.06 8.40
N VAL C 47 41.67 -3.40 9.41
CA VAL C 47 41.40 -4.82 9.68
C VAL C 47 40.61 -5.43 8.55
N VAL C 48 39.53 -4.75 8.11
CA VAL C 48 38.70 -5.35 7.06
C VAL C 48 39.48 -5.47 5.77
N GLU C 49 40.42 -4.54 5.52
CA GLU C 49 41.26 -4.63 4.33
C GLU C 49 42.31 -5.73 4.45
N LEU C 50 42.85 -5.93 5.66
CA LEU C 50 43.74 -7.07 5.87
C LEU C 50 43.00 -8.39 5.63
N ILE C 51 41.78 -8.49 6.16
CA ILE C 51 40.98 -9.70 5.99
C ILE C 51 40.73 -9.96 4.51
N MET C 52 40.48 -8.90 3.74
CA MET C 52 40.29 -9.08 2.30
C MET C 52 41.55 -9.62 1.64
N ALA C 53 42.70 -8.97 1.87
CA ALA C 53 43.94 -9.39 1.22
C ALA C 53 44.34 -10.81 1.59
N LEU C 54 43.86 -11.32 2.73
CA LEU C 54 44.10 -12.72 3.06
C LEU C 54 43.17 -13.63 2.30
N GLU C 55 41.93 -13.18 2.06
CA GLU C 55 41.02 -13.97 1.24
C GLU C 55 41.48 -14.04 -0.21
N GLU C 56 42.21 -13.04 -0.68
CA GLU C 56 42.72 -13.04 -2.05
C GLU C 56 44.05 -13.79 -2.15
N LYS C 57 44.92 -13.65 -1.16
CA LYS C 57 46.23 -14.31 -1.21
C LYS C 57 46.11 -15.81 -1.00
N PHE C 58 45.09 -16.26 -0.28
CA PHE C 58 44.91 -17.66 0.05
C PHE C 58 43.72 -18.29 -0.65
N GLY C 59 43.00 -17.51 -1.45
CA GLY C 59 41.86 -18.02 -2.21
C GLY C 59 40.71 -18.46 -1.31
N ILE C 60 40.77 -18.13 -0.02
CA ILE C 60 39.72 -18.53 0.95
C ILE C 60 38.61 -17.47 0.97
N GLU C 61 37.54 -17.70 1.74
CA GLU C 61 36.47 -16.72 1.85
C GLU C 61 35.92 -16.82 3.26
N ILE C 62 36.32 -15.89 4.12
CA ILE C 62 35.83 -15.82 5.49
C ILE C 62 34.42 -15.24 5.46
N PRO C 63 33.42 -15.95 5.97
CA PRO C 63 32.08 -15.36 6.07
C PRO C 63 32.05 -14.19 7.04
N ASP C 64 31.07 -13.31 6.83
CA ASP C 64 30.99 -12.04 7.55
C ASP C 64 31.08 -12.22 9.06
N GLU C 65 30.42 -13.26 9.58
CA GLU C 65 30.25 -13.38 11.02
C GLU C 65 31.53 -13.79 11.73
N GLN C 66 32.41 -14.46 11.01
CA GLN C 66 33.67 -14.92 11.64
C GLN C 66 34.58 -13.71 11.82
N ALA C 67 34.73 -12.94 10.74
CA ALA C 67 35.56 -11.74 10.80
C ALA C 67 35.18 -10.87 11.99
N GLU C 68 33.92 -10.96 12.44
CA GLU C 68 33.47 -10.18 13.58
C GLU C 68 34.32 -10.46 14.82
N LYS C 69 34.62 -11.73 15.06
CA LYS C 69 35.36 -12.15 16.26
C LYS C 69 36.81 -12.37 15.89
N ILE C 70 37.53 -11.25 15.71
CA ILE C 70 38.95 -11.26 15.38
C ILE C 70 39.61 -10.16 16.22
N VAL C 71 40.37 -10.57 17.25
CA VAL C 71 41.03 -9.63 18.16
C VAL C 71 42.54 -9.67 18.01
N ASN C 72 43.12 -10.87 18.00
CA ASN C 72 44.55 -11.08 17.87
C ASN C 72 44.86 -11.82 16.59
N VAL C 73 46.10 -11.74 16.12
CA VAL C 73 46.50 -12.40 14.82
C VAL C 73 46.26 -13.91 14.95
N GLY C 74 46.38 -14.44 16.17
CA GLY C 74 46.09 -15.87 16.37
C GLY C 74 44.69 -16.17 15.90
N ASP C 75 43.73 -15.27 16.15
CA ASP C 75 42.32 -15.50 15.76
C ASP C 75 42.27 -15.71 14.25
N VAL C 76 42.85 -14.77 13.49
CA VAL C 76 42.89 -14.88 12.00
C VAL C 76 43.51 -16.22 11.60
N VAL C 77 44.68 -16.55 12.17
CA VAL C 77 45.37 -17.79 11.71
C VAL C 77 44.47 -19.01 11.99
N LYS C 78 43.82 -19.04 13.15
CA LYS C 78 43.00 -20.22 13.53
C LYS C 78 41.77 -20.30 12.61
N TYR C 79 41.18 -19.15 12.26
CA TYR C 79 40.06 -19.23 11.29
C TYR C 79 40.60 -19.83 9.98
N ILE C 80 41.72 -19.29 9.48
CA ILE C 80 42.21 -19.76 8.15
C ILE C 80 42.45 -21.27 8.26
N GLU C 81 42.87 -21.75 9.45
CA GLU C 81 43.13 -23.19 9.69
C GLU C 81 41.84 -23.99 9.61
N ASP C 82 40.81 -23.65 10.40
CA ASP C 82 39.52 -24.36 10.24
C ASP C 82 39.26 -24.39 8.74
N ASN C 83 39.47 -23.27 8.06
CA ASN C 83 39.41 -23.24 6.58
C ASN C 83 38.01 -23.61 6.06
N MET D 2 -30.84 -47.33 -3.54
CA MET D 2 -30.31 -46.02 -3.05
C MET D 2 -30.23 -46.02 -1.52
N ARG D 3 -29.42 -45.12 -0.97
CA ARG D 3 -29.20 -45.06 0.49
C ARG D 3 -30.51 -44.74 1.23
N ARG D 4 -30.78 -45.48 2.29
CA ARG D 4 -31.96 -45.22 3.14
C ARG D 4 -31.51 -44.30 4.29
N ILE D 5 -32.39 -43.40 4.71
CA ILE D 5 -32.02 -42.39 5.73
C ILE D 5 -33.01 -42.46 6.89
N VAL D 6 -32.50 -42.37 8.11
CA VAL D 6 -33.36 -42.50 9.31
C VAL D 6 -33.15 -41.32 10.28
N VAL D 7 -34.16 -41.04 11.09
CA VAL D 7 -34.04 -40.02 12.13
C VAL D 7 -33.65 -40.72 13.43
N THR D 8 -32.51 -40.32 14.00
CA THR D 8 -32.01 -40.98 15.19
C THR D 8 -31.91 -40.09 16.42
N GLY D 9 -32.35 -38.83 16.35
CA GLY D 9 -32.33 -37.93 17.49
C GLY D 9 -33.11 -36.68 17.13
N MET D 10 -33.75 -36.04 18.11
CA MET D 10 -34.61 -34.90 17.86
C MET D 10 -34.56 -33.95 19.05
N GLY D 11 -34.80 -32.67 18.79
CA GLY D 11 -34.88 -31.67 19.83
C GLY D 11 -35.67 -30.49 19.36
N MET D 12 -36.31 -29.78 20.29
CA MET D 12 -37.01 -28.57 19.87
C MET D 12 -37.28 -27.68 21.06
N ILE D 13 -37.34 -26.37 20.79
CA ILE D 13 -37.67 -25.36 21.78
C ILE D 13 -38.61 -24.37 21.12
N ASN D 14 -39.66 -23.99 21.85
CA ASN D 14 -40.62 -23.05 21.33
C ASN D 14 -41.32 -22.43 22.52
N SER D 15 -42.39 -21.65 22.25
CA SER D 15 -43.07 -20.92 23.31
C SER D 15 -43.91 -21.82 24.22
N LEU D 16 -44.00 -23.13 23.96
CA LEU D 16 -44.70 -24.03 24.87
C LEU D 16 -43.77 -25.05 25.52
N GLY D 17 -42.44 -24.91 25.34
CA GLY D 17 -41.52 -25.77 26.06
C GLY D 17 -40.05 -25.62 25.70
N LEU D 18 -39.17 -26.04 26.62
CA LEU D 18 -37.73 -25.96 26.42
C LEU D 18 -37.13 -27.21 25.78
N ASN D 19 -37.92 -28.29 25.66
CA ASN D 19 -37.47 -29.54 25.05
C ASN D 19 -38.69 -30.17 24.40
N LYS D 20 -38.45 -31.24 23.63
CA LYS D 20 -39.52 -31.74 22.78
C LYS D 20 -40.62 -32.46 23.57
N GLU D 21 -40.29 -33.04 24.73
CA GLU D 21 -41.31 -33.79 25.48
C GLU D 21 -42.31 -32.84 26.13
N ASP D 22 -41.82 -31.82 26.80
CA ASP D 22 -42.70 -30.80 27.37
C ASP D 22 -43.48 -30.10 26.28
N SER D 23 -42.79 -29.71 25.23
CA SER D 23 -43.41 -28.90 24.19
C SER D 23 -44.49 -29.68 23.47
N PHE D 24 -44.17 -30.88 23.02
CA PHE D 24 -45.15 -31.66 22.29
C PHE D 24 -46.37 -31.98 23.16
N LEU D 25 -46.14 -32.32 24.43
CA LEU D 25 -47.26 -32.60 25.32
C LEU D 25 -48.18 -31.40 25.41
N ALA D 26 -47.61 -30.21 25.63
CA ALA D 26 -48.43 -29.01 25.69
C ALA D 26 -49.13 -28.76 24.36
N ILE D 27 -48.44 -28.96 23.24
CA ILE D 27 -49.05 -28.76 21.93
C ILE D 27 -50.20 -29.74 21.72
N ALA D 28 -50.00 -31.00 22.11
CA ALA D 28 -51.02 -32.01 21.89
C ALA D 28 -52.27 -31.76 22.73
N LYS D 29 -52.08 -31.23 23.95
CA LYS D 29 -53.17 -30.81 24.81
C LYS D 29 -53.84 -29.53 24.35
N GLY D 30 -53.35 -28.90 23.28
CA GLY D 30 -54.04 -27.71 22.85
C GLY D 30 -53.77 -26.48 23.69
N GLU D 31 -52.67 -26.46 24.45
CA GLU D 31 -52.29 -25.21 25.09
C GLU D 31 -51.86 -24.19 24.03
N CYS D 32 -51.65 -22.95 24.47
CA CYS D 32 -51.18 -21.90 23.57
C CYS D 32 -50.12 -21.06 24.26
N GLY D 33 -48.96 -20.90 23.61
CA GLY D 33 -47.85 -20.10 24.10
C GLY D 33 -47.81 -18.64 23.66
N ILE D 34 -48.81 -18.19 22.89
CA ILE D 34 -48.87 -16.80 22.46
C ILE D 34 -49.11 -15.92 23.68
N LYS D 35 -48.39 -14.81 23.77
CA LYS D 35 -48.51 -13.91 24.91
C LYS D 35 -48.35 -12.47 24.42
N HIS D 36 -48.58 -11.51 25.32
CA HIS D 36 -48.33 -10.12 24.99
C HIS D 36 -46.83 -9.90 24.89
N ILE D 37 -46.39 -9.12 23.88
CA ILE D 37 -44.95 -8.96 23.66
C ILE D 37 -44.32 -8.28 24.87
N GLU D 38 -43.25 -8.88 25.39
CA GLU D 38 -42.50 -8.26 26.46
C GLU D 38 -41.02 -8.09 26.15
N SER D 39 -40.51 -8.61 25.04
CA SER D 39 -39.08 -8.52 24.80
C SER D 39 -38.66 -7.18 24.21
N PHE D 40 -39.62 -6.37 23.76
CA PHE D 40 -39.37 -4.95 23.52
C PHE D 40 -40.64 -4.19 23.86
N ASP D 41 -40.57 -2.85 23.77
CA ASP D 41 -41.73 -2.03 24.12
C ASP D 41 -42.63 -1.98 22.90
N ALA D 42 -43.71 -2.75 22.92
CA ALA D 42 -44.65 -2.79 21.79
C ALA D 42 -45.86 -1.91 22.02
N SER D 43 -45.81 -1.01 23.01
CA SER D 43 -47.02 -0.33 23.47
C SER D 43 -47.60 0.57 22.38
N ALA D 44 -46.76 1.09 21.48
CA ALA D 44 -47.23 1.90 20.36
C ALA D 44 -47.40 1.09 19.08
N PHE D 45 -47.34 -0.28 19.15
CA PHE D 45 -47.39 -1.03 17.91
C PHE D 45 -48.81 -1.50 17.61
N PRO D 46 -49.15 -1.70 16.33
CA PRO D 46 -50.48 -2.26 16.00
C PRO D 46 -50.60 -3.75 16.28
N VAL D 47 -49.48 -4.43 16.49
CA VAL D 47 -49.44 -5.84 16.83
C VAL D 47 -48.57 -5.97 18.05
N ARG D 48 -49.10 -6.57 19.11
CA ARG D 48 -48.45 -6.57 20.42
C ARG D 48 -48.46 -7.98 21.03
N ILE D 49 -48.59 -9.00 20.18
CA ILE D 49 -48.63 -10.39 20.64
C ILE D 49 -47.63 -11.21 19.82
N ALA D 50 -47.12 -12.28 20.44
CA ALA D 50 -46.13 -13.11 19.78
C ALA D 50 -45.94 -14.39 20.56
N GLY D 51 -45.41 -15.42 19.88
CA GLY D 51 -45.00 -16.62 20.59
C GLY D 51 -43.63 -16.48 21.21
N GLU D 52 -43.53 -15.65 22.26
CA GLU D 52 -42.25 -15.40 22.93
C GLU D 52 -41.93 -16.55 23.88
N ILE D 53 -40.67 -16.97 23.91
CA ILE D 53 -40.21 -17.92 24.90
C ILE D 53 -39.69 -17.14 26.10
N THR D 54 -40.33 -17.32 27.25
CA THR D 54 -40.03 -16.49 28.40
C THR D 54 -39.19 -17.19 29.45
N ASP D 55 -39.03 -18.50 29.37
CA ASP D 55 -38.25 -19.24 30.36
C ASP D 55 -36.92 -19.71 29.81
N PHE D 56 -36.43 -19.10 28.73
CA PHE D 56 -35.17 -19.53 28.14
C PHE D 56 -34.01 -18.74 28.73
N ASP D 57 -33.00 -19.46 29.20
CA ASP D 57 -31.78 -18.87 29.75
C ASP D 57 -30.61 -19.25 28.86
N PRO D 58 -30.06 -18.33 28.04
CA PRO D 58 -28.94 -18.71 27.15
C PRO D 58 -27.74 -19.26 27.89
N THR D 59 -27.50 -18.80 29.13
CA THR D 59 -26.32 -19.24 29.87
C THR D 59 -26.39 -20.72 30.24
N GLU D 60 -27.51 -21.38 30.02
CA GLU D 60 -27.59 -22.82 30.18
C GLU D 60 -27.08 -23.59 28.96
N VAL D 61 -26.97 -22.94 27.79
CA VAL D 61 -26.51 -23.65 26.59
C VAL D 61 -25.10 -23.25 26.21
N MET D 62 -24.68 -22.02 26.51
CA MET D 62 -23.34 -21.57 26.19
C MET D 62 -22.71 -20.93 27.42
N ASN D 63 -21.37 -20.85 27.40
CA ASN D 63 -20.66 -20.08 28.41
C ASN D 63 -21.21 -18.67 28.46
N PRO D 64 -21.41 -18.09 29.65
CA PRO D 64 -21.95 -16.72 29.73
C PRO D 64 -21.17 -15.71 28.91
N LYS D 65 -19.85 -15.87 28.78
CA LYS D 65 -19.06 -14.92 28.01
C LYS D 65 -19.37 -15.01 26.52
N ASP D 66 -19.92 -16.13 26.05
CA ASP D 66 -20.21 -16.32 24.63
C ASP D 66 -21.62 -15.90 24.24
N VAL D 67 -22.53 -15.68 25.19
CA VAL D 67 -23.91 -15.35 24.84
C VAL D 67 -23.94 -14.15 23.90
N LYS D 68 -23.07 -13.18 24.17
CA LYS D 68 -23.03 -11.96 23.39
C LYS D 68 -22.57 -12.20 21.96
N LYS D 69 -21.98 -13.35 21.69
CA LYS D 69 -21.47 -13.64 20.37
C LYS D 69 -22.54 -14.13 19.41
N ALA D 70 -23.71 -14.53 19.91
CA ALA D 70 -24.70 -15.23 19.10
C ALA D 70 -26.05 -14.52 19.16
N GLY D 71 -26.64 -14.23 18.01
CA GLY D 71 -28.01 -13.76 17.99
C GLY D 71 -28.93 -14.76 18.68
N ARG D 72 -30.08 -14.30 19.16
CA ARG D 72 -30.98 -15.18 19.89
C ARG D 72 -31.33 -16.44 19.09
N PHE D 73 -31.53 -16.31 17.77
CA PHE D 73 -31.87 -17.48 16.96
C PHE D 73 -30.80 -18.56 17.04
N ILE D 74 -29.52 -18.15 17.13
CA ILE D 74 -28.43 -19.11 17.27
C ILE D 74 -28.47 -19.74 18.65
N GLN D 75 -28.74 -18.94 19.69
CA GLN D 75 -28.89 -19.48 21.03
C GLN D 75 -29.95 -20.57 21.07
N LEU D 76 -31.08 -20.34 20.40
CA LEU D 76 -32.14 -21.35 20.39
C LEU D 76 -31.71 -22.57 19.59
N ALA D 77 -30.93 -22.37 18.53
CA ALA D 77 -30.43 -23.50 17.74
C ALA D 77 -29.49 -24.36 18.58
N LEU D 78 -28.66 -23.72 19.40
CA LEU D 78 -27.73 -24.49 20.23
C LEU D 78 -28.50 -25.30 21.26
N LYS D 79 -29.59 -24.74 21.80
CA LYS D 79 -30.45 -25.49 22.70
C LYS D 79 -31.05 -26.71 22.00
N ALA D 80 -31.63 -26.51 20.81
CA ALA D 80 -32.31 -27.62 20.14
C ALA D 80 -31.32 -28.68 19.67
N THR D 81 -30.18 -28.26 19.13
CA THR D 81 -29.25 -29.26 18.61
C THR D 81 -28.57 -30.01 19.73
N ARG D 82 -28.24 -29.33 20.83
CA ARG D 82 -27.70 -30.05 21.99
C ARG D 82 -28.64 -31.18 22.40
N GLU D 83 -29.94 -30.87 22.49
CA GLU D 83 -30.92 -31.89 22.85
C GLU D 83 -30.91 -33.04 21.84
N ALA D 84 -30.89 -32.72 20.54
CA ALA D 84 -30.95 -33.75 19.51
C ALA D 84 -29.66 -34.58 19.45
N MET D 85 -28.50 -33.92 19.55
CA MET D 85 -27.23 -34.65 19.52
C MET D 85 -27.10 -35.56 20.73
N LYS D 86 -27.38 -35.04 21.93
CA LYS D 86 -27.44 -35.89 23.12
C LYS D 86 -28.44 -37.02 22.91
N ASP D 87 -29.62 -36.69 22.39
CA ASP D 87 -30.64 -37.70 22.14
C ASP D 87 -30.14 -38.80 21.23
N SER D 88 -29.17 -38.50 20.36
CA SER D 88 -28.77 -39.45 19.33
C SER D 88 -27.79 -40.51 19.83
N GLY D 89 -27.11 -40.29 20.95
CA GLY D 89 -26.06 -41.17 21.40
C GLY D 89 -24.76 -41.07 20.62
N ILE D 90 -24.64 -40.12 19.70
CA ILE D 90 -23.42 -39.99 18.90
C ILE D 90 -22.26 -39.51 19.77
N LEU D 91 -22.53 -38.63 20.73
CA LEU D 91 -21.49 -37.84 21.37
C LEU D 91 -20.61 -38.68 22.29
N ASP D 92 -19.33 -38.34 22.33
CA ASP D 92 -18.37 -39.04 23.20
C ASP D 92 -18.44 -38.45 24.60
N ALA D 93 -17.48 -38.84 25.46
CA ALA D 93 -17.48 -38.37 26.84
C ALA D 93 -17.28 -36.86 26.97
N HIS D 94 -16.74 -36.20 25.95
CA HIS D 94 -16.58 -34.76 26.00
C HIS D 94 -17.66 -34.04 25.18
N ASN D 95 -18.74 -34.74 24.87
CA ASN D 95 -19.89 -34.16 24.16
C ASN D 95 -19.45 -33.63 22.80
N ARG D 96 -18.57 -34.40 22.15
CA ARG D 96 -18.04 -34.18 20.81
C ARG D 96 -18.44 -35.34 19.94
N CYS D 97 -18.54 -35.08 18.64
CA CYS D 97 -18.54 -36.16 17.69
C CYS D 97 -17.20 -36.90 17.76
N PRO D 98 -17.20 -38.24 17.82
CA PRO D 98 -15.92 -38.98 17.77
C PRO D 98 -15.13 -38.60 16.54
N GLU D 99 -13.81 -38.44 16.72
CA GLU D 99 -12.97 -37.85 15.68
C GLU D 99 -13.02 -38.62 14.38
N GLU D 100 -13.27 -39.93 14.45
CA GLU D 100 -13.29 -40.77 13.24
C GLU D 100 -14.64 -40.77 12.54
N LEU D 101 -15.68 -40.22 13.14
CA LEU D 101 -16.94 -39.99 12.46
C LEU D 101 -17.11 -38.55 12.02
N ALA D 102 -16.20 -37.65 12.42
CA ALA D 102 -16.48 -36.21 12.32
C ALA D 102 -16.50 -35.73 10.86
N ASN D 103 -15.64 -36.27 9.99
CA ASN D 103 -15.57 -35.76 8.62
C ASN D 103 -16.80 -36.13 7.80
N ARG D 104 -17.57 -37.11 8.24
CA ARG D 104 -18.74 -37.59 7.49
C ARG D 104 -20.04 -37.18 8.14
N MET D 105 -20.00 -36.29 9.14
CA MET D 105 -21.18 -35.71 9.76
C MET D 105 -21.15 -34.21 9.51
N GLY D 106 -22.10 -33.71 8.71
CA GLY D 106 -22.26 -32.29 8.48
C GLY D 106 -23.47 -31.69 9.15
N VAL D 107 -23.79 -30.46 8.76
CA VAL D 107 -24.88 -29.71 9.38
C VAL D 107 -25.62 -28.93 8.29
N SER D 108 -26.95 -29.02 8.33
CA SER D 108 -27.80 -28.27 7.42
C SER D 108 -28.71 -27.39 8.26
N SER D 109 -28.57 -26.09 8.12
CA SER D 109 -29.30 -25.15 8.95
C SER D 109 -30.27 -24.32 8.10
N GLY D 110 -31.35 -23.90 8.72
CA GLY D 110 -32.33 -23.07 8.04
C GLY D 110 -32.74 -21.89 8.90
N SER D 111 -32.94 -20.74 8.24
CA SER D 111 -33.43 -19.51 8.92
C SER D 111 -33.81 -18.47 7.84
N GLY D 112 -34.88 -17.71 8.05
CA GLY D 112 -35.33 -16.71 7.08
C GLY D 112 -34.45 -15.47 7.04
N ILE D 113 -34.06 -14.94 8.19
CA ILE D 113 -33.28 -13.66 8.22
C ILE D 113 -32.19 -13.75 9.30
N GLY D 114 -32.34 -14.66 10.26
CA GLY D 114 -31.33 -14.82 11.32
C GLY D 114 -31.37 -13.71 12.35
N GLY D 115 -30.23 -13.09 12.65
CA GLY D 115 -30.16 -12.07 13.71
C GLY D 115 -30.68 -10.70 13.28
N LEU D 116 -31.99 -10.61 13.02
CA LEU D 116 -32.56 -9.32 12.61
C LEU D 116 -32.39 -8.27 13.69
N GLY D 117 -32.71 -8.60 14.93
CA GLY D 117 -32.52 -7.67 16.02
C GLY D 117 -31.08 -7.18 16.16
N ASN D 118 -30.11 -8.01 15.77
CA ASN D 118 -28.72 -7.56 15.86
C ASN D 118 -28.37 -6.60 14.73
N ILE D 119 -28.95 -6.82 13.54
CA ILE D 119 -28.77 -5.88 12.44
C ILE D 119 -29.45 -4.56 12.76
N GLU D 120 -30.67 -4.64 13.27
CA GLU D 120 -31.40 -3.45 13.69
C GLU D 120 -30.61 -2.66 14.73
N ALA D 121 -30.11 -3.33 15.76
CA ALA D 121 -29.41 -2.62 16.83
C ALA D 121 -28.13 -1.96 16.32
N ASN D 122 -27.35 -2.68 15.52
CA ASN D 122 -26.11 -2.09 15.04
C ASN D 122 -26.35 -1.06 13.95
N SER D 123 -27.43 -1.21 13.17
CA SER D 123 -27.79 -0.16 12.21
C SER D 123 -28.02 1.16 12.92
N ILE D 124 -28.68 1.09 14.08
CA ILE D 124 -29.01 2.29 14.85
C ILE D 124 -27.77 2.85 15.55
N PHE D 125 -26.93 1.98 16.15
CA PHE D 125 -25.64 2.44 16.67
C PHE D 125 -24.88 3.25 15.63
N CYS D 126 -24.75 2.70 14.42
CA CYS D 126 -23.97 3.37 13.39
C CYS D 126 -24.60 4.70 13.02
N PHE D 127 -25.91 4.74 12.92
CA PHE D 127 -26.60 5.96 12.53
C PHE D 127 -26.50 7.05 13.60
N GLU D 128 -26.55 6.66 14.88
CA GLU D 128 -26.63 7.63 15.96
C GLU D 128 -25.26 8.15 16.37
N LYS D 129 -24.24 7.27 16.38
CA LYS D 129 -22.94 7.65 16.92
C LYS D 129 -21.77 7.22 16.03
N GLY D 130 -22.01 6.74 14.81
CA GLY D 130 -20.94 6.43 13.90
C GLY D 130 -20.45 4.98 13.92
N PRO D 131 -19.65 4.62 12.90
CA PRO D 131 -19.22 3.22 12.76
C PRO D 131 -18.35 2.73 13.90
N ARG D 132 -17.79 3.62 14.71
CA ARG D 132 -17.04 3.21 15.89
C ARG D 132 -17.93 2.52 16.91
N LYS D 133 -19.24 2.79 16.87
CA LYS D 133 -20.19 2.14 17.77
C LYS D 133 -20.69 0.79 17.27
N VAL D 134 -20.27 0.34 16.09
CA VAL D 134 -20.66 -0.98 15.61
C VAL D 134 -19.92 -2.03 16.43
N ASN D 135 -20.68 -2.94 17.01
CA ASN D 135 -20.09 -3.98 17.84
C ASN D 135 -19.31 -4.95 16.97
N PRO D 136 -18.09 -5.33 17.34
CA PRO D 136 -17.35 -6.31 16.54
C PRO D 136 -18.04 -7.66 16.46
N PHE D 137 -18.85 -8.00 17.45
CA PHE D 137 -19.55 -9.27 17.45
C PHE D 137 -20.74 -9.30 16.50
N PHE D 138 -21.05 -8.16 15.87
CA PHE D 138 -22.28 -8.00 15.09
C PHE D 138 -22.40 -9.06 13.98
N ILE D 139 -21.47 -9.04 13.02
CA ILE D 139 -21.66 -9.87 11.82
C ILE D 139 -21.85 -11.34 12.19
N THR D 140 -20.94 -11.89 12.97
CA THR D 140 -21.01 -13.33 13.24
C THR D 140 -22.12 -13.68 14.22
N SER D 141 -22.79 -12.70 14.82
CA SER D 141 -23.97 -12.98 15.62
C SER D 141 -25.24 -13.04 14.78
N ALA D 142 -25.21 -12.57 13.54
CA ALA D 142 -26.41 -12.29 12.77
C ALA D 142 -26.58 -13.13 11.51
N LEU D 143 -25.50 -13.56 10.88
CA LEU D 143 -25.58 -14.37 9.67
C LEU D 143 -26.36 -15.68 9.91
N VAL D 144 -27.28 -15.99 8.99
CA VAL D 144 -28.05 -17.23 9.05
C VAL D 144 -27.14 -18.45 9.20
N ASN D 145 -26.03 -18.47 8.48
CA ASN D 145 -25.23 -19.69 8.47
C ASN D 145 -24.42 -19.86 9.75
N MET D 146 -24.36 -18.84 10.60
CA MET D 146 -23.70 -19.03 11.87
C MET D 146 -24.44 -20.03 12.77
N ILE D 147 -25.68 -20.42 12.43
CA ILE D 147 -26.25 -21.60 13.07
C ILE D 147 -25.35 -22.80 12.87
N GLY D 148 -24.97 -23.07 11.63
CA GLY D 148 -24.10 -24.20 11.36
C GLY D 148 -22.69 -23.93 11.81
N GLY D 149 -22.25 -22.68 11.77
CA GLY D 149 -20.95 -22.33 12.28
C GLY D 149 -20.83 -22.69 13.75
N PHE D 150 -21.69 -22.10 14.59
CA PHE D 150 -21.61 -22.35 16.02
C PHE D 150 -21.84 -23.82 16.34
N THR D 151 -22.82 -24.47 15.68
CA THR D 151 -23.12 -25.86 16.02
C THR D 151 -22.00 -26.80 15.60
N SER D 152 -21.45 -26.61 14.40
CA SER D 152 -20.35 -27.49 13.98
C SER D 152 -19.17 -27.39 14.94
N ILE D 153 -18.87 -26.18 15.41
CA ILE D 153 -17.80 -26.01 16.39
C ILE D 153 -18.18 -26.66 17.72
N GLU D 154 -19.43 -26.49 18.17
CA GLU D 154 -19.81 -27.07 19.46
C GLU D 154 -19.70 -28.58 19.45
N PHE D 155 -19.98 -29.22 18.31
CA PHE D 155 -20.04 -30.66 18.28
C PHE D 155 -18.87 -31.30 17.54
N GLY D 156 -17.99 -30.50 16.95
CA GLY D 156 -16.87 -31.07 16.21
C GLY D 156 -17.28 -31.84 14.98
N ILE D 157 -18.24 -31.34 14.22
CA ILE D 157 -18.70 -32.05 13.04
C ILE D 157 -18.22 -31.31 11.80
N LYS D 158 -17.60 -32.04 10.88
CA LYS D 158 -16.79 -31.41 9.85
C LYS D 158 -17.25 -31.72 8.44
N GLY D 159 -18.42 -32.36 8.28
CA GLY D 159 -18.95 -32.62 6.96
C GLY D 159 -19.54 -31.37 6.32
N PRO D 160 -20.22 -31.54 5.19
CA PRO D 160 -20.85 -30.39 4.51
C PRO D 160 -21.64 -29.51 5.47
N ASN D 161 -21.45 -28.22 5.34
CA ASN D 161 -21.95 -27.21 6.28
C ASN D 161 -22.77 -26.27 5.43
N LEU D 162 -24.08 -26.50 5.41
CA LEU D 162 -24.99 -25.90 4.44
C LEU D 162 -26.10 -25.13 5.16
N SER D 163 -26.63 -24.11 4.48
CA SER D 163 -27.64 -23.27 5.11
C SER D 163 -28.65 -22.81 4.08
N SER D 164 -29.94 -22.99 4.39
CA SER D 164 -31.05 -22.62 3.51
C SER D 164 -31.72 -21.38 4.06
N VAL D 165 -32.15 -20.49 3.18
CA VAL D 165 -32.68 -19.19 3.60
C VAL D 165 -33.98 -18.93 2.83
N THR D 166 -34.70 -20.00 2.49
CA THR D 166 -35.95 -19.86 1.75
C THR D 166 -37.15 -19.46 2.62
N ALA D 167 -37.01 -18.36 3.36
CA ALA D 167 -38.15 -17.72 4.00
C ALA D 167 -38.90 -18.69 4.92
N CYS D 168 -40.23 -18.78 4.83
CA CYS D 168 -41.01 -19.62 5.78
C CYS D 168 -40.92 -21.11 5.41
N ALA D 169 -40.18 -21.44 4.35
CA ALA D 169 -39.94 -22.84 4.05
C ALA D 169 -38.49 -23.27 4.32
N ALA D 170 -37.69 -22.38 4.91
CA ALA D 170 -36.28 -22.67 5.18
C ALA D 170 -36.10 -23.92 6.04
N GLY D 171 -36.93 -24.10 7.09
CA GLY D 171 -36.77 -25.26 7.95
C GLY D 171 -36.93 -26.57 7.19
N THR D 172 -37.81 -26.60 6.21
CA THR D 172 -38.07 -27.82 5.46
C THR D 172 -37.02 -28.04 4.39
N HIS D 173 -36.61 -26.97 3.72
CA HIS D 173 -35.54 -27.09 2.75
C HIS D 173 -34.24 -27.52 3.41
N ALA D 174 -34.00 -27.11 4.66
CA ALA D 174 -32.80 -27.56 5.37
C ALA D 174 -32.80 -29.08 5.57
N ILE D 175 -33.98 -29.67 5.87
CA ILE D 175 -34.11 -31.13 5.88
C ILE D 175 -33.77 -31.73 4.51
N ILE D 176 -34.38 -31.18 3.44
CA ILE D 176 -34.23 -31.77 2.11
C ILE D 176 -32.78 -31.68 1.63
N GLU D 177 -32.11 -30.57 1.90
CA GLU D 177 -30.73 -30.43 1.47
C GLU D 177 -29.83 -31.40 2.22
N ALA D 178 -30.15 -31.68 3.49
CA ALA D 178 -29.42 -32.70 4.22
C ALA D 178 -29.70 -34.10 3.66
N VAL D 179 -30.96 -34.39 3.32
CA VAL D 179 -31.28 -35.66 2.68
C VAL D 179 -30.54 -35.80 1.36
N LYS D 180 -30.56 -34.76 0.54
CA LYS D 180 -29.86 -34.83 -0.75
C LYS D 180 -28.38 -35.11 -0.56
N THR D 181 -27.75 -34.40 0.39
CA THR D 181 -26.34 -34.58 0.67
C THR D 181 -26.02 -36.04 1.02
N ILE D 182 -26.84 -36.65 1.87
CA ILE D 182 -26.64 -38.05 2.27
C ILE D 182 -26.94 -39.00 1.11
N LEU D 183 -28.00 -38.73 0.35
CA LEU D 183 -28.32 -39.56 -0.81
C LEU D 183 -27.17 -39.60 -1.82
N LEU D 184 -26.49 -38.48 -2.04
CA LEU D 184 -25.38 -38.46 -2.99
C LEU D 184 -24.05 -38.82 -2.35
N ASN D 185 -24.07 -39.42 -1.16
CA ASN D 185 -22.89 -39.95 -0.47
C ASN D 185 -21.93 -38.85 -0.05
N GLY D 186 -22.43 -37.63 0.14
CA GLY D 186 -21.61 -36.56 0.65
C GLY D 186 -21.43 -36.56 2.14
N ALA D 187 -22.22 -37.38 2.84
CA ALA D 187 -22.15 -37.51 4.28
C ALA D 187 -22.88 -38.78 4.67
N ASP D 188 -22.52 -39.34 5.83
CA ASP D 188 -23.27 -40.45 6.39
C ASP D 188 -24.28 -40.00 7.44
N ARG D 189 -24.09 -38.79 7.99
CA ARG D 189 -24.93 -38.21 9.02
C ARG D 189 -25.02 -36.71 8.79
N MET D 190 -26.15 -36.11 9.18
CA MET D 190 -26.31 -34.67 9.11
C MET D 190 -27.12 -34.20 10.30
N LEU D 191 -26.68 -33.13 10.93
CA LEU D 191 -27.49 -32.41 11.90
C LEU D 191 -28.32 -31.39 11.13
N VAL D 192 -29.64 -31.43 11.31
CA VAL D 192 -30.54 -30.47 10.68
C VAL D 192 -31.11 -29.59 11.79
N VAL D 193 -31.16 -28.28 11.55
CA VAL D 193 -31.80 -27.38 12.52
C VAL D 193 -32.37 -26.15 11.83
N GLY D 194 -33.65 -25.91 12.03
CA GLY D 194 -34.27 -24.62 11.68
C GLY D 194 -34.43 -23.78 12.93
N ALA D 195 -34.10 -22.49 12.82
CA ALA D 195 -34.17 -21.63 14.00
C ALA D 195 -34.54 -20.22 13.58
N GLU D 196 -35.37 -19.57 14.40
CA GLU D 196 -35.75 -18.20 14.09
C GLU D 196 -36.14 -17.49 15.37
N SER D 197 -35.74 -16.22 15.46
CA SER D 197 -36.15 -15.37 16.56
C SER D 197 -36.09 -13.92 16.06
N THR D 198 -37.27 -13.37 15.72
CA THR D 198 -37.36 -12.06 15.09
C THR D 198 -38.43 -11.20 15.75
N ILE D 199 -38.72 -11.45 17.03
CA ILE D 199 -39.65 -10.62 17.78
C ILE D 199 -38.92 -9.36 18.22
N CYS D 200 -38.83 -8.41 17.32
CA CYS D 200 -38.13 -7.16 17.52
C CYS D 200 -38.87 -6.09 16.76
N PRO D 201 -38.64 -4.80 17.09
CA PRO D 201 -39.46 -3.74 16.48
C PRO D 201 -39.56 -3.79 14.96
N VAL D 202 -38.43 -3.89 14.26
CA VAL D 202 -38.50 -3.85 12.79
C VAL D 202 -39.07 -5.15 12.24
N GLY D 203 -38.92 -6.27 12.96
CA GLY D 203 -39.52 -7.52 12.49
C GLY D 203 -41.03 -7.54 12.63
N ILE D 204 -41.55 -7.09 13.77
CA ILE D 204 -42.99 -6.97 13.91
C ILE D 204 -43.51 -5.89 12.94
N GLY D 205 -42.78 -4.79 12.83
CA GLY D 205 -43.22 -3.70 11.96
C GLY D 205 -43.25 -4.10 10.51
N GLY D 206 -42.26 -4.87 10.07
CA GLY D 206 -42.23 -5.31 8.68
C GLY D 206 -43.45 -6.14 8.29
N PHE D 207 -43.88 -7.04 9.17
CA PHE D 207 -45.04 -7.84 8.83
C PHE D 207 -46.35 -7.10 9.06
N ALA D 208 -46.38 -6.12 9.97
CA ALA D 208 -47.63 -5.38 10.16
C ALA D 208 -47.88 -4.42 9.01
N SER D 209 -46.82 -3.86 8.41
CA SER D 209 -47.01 -2.94 7.29
C SER D 209 -47.52 -3.63 6.03
N ILE D 210 -47.36 -4.95 5.90
CA ILE D 210 -48.07 -5.67 4.84
C ILE D 210 -49.35 -6.33 5.36
N LYS D 211 -49.77 -6.01 6.59
CA LYS D 211 -51.04 -6.50 7.15
C LYS D 211 -51.12 -8.03 7.16
N ALA D 212 -50.00 -8.70 7.45
CA ALA D 212 -50.01 -10.16 7.50
C ALA D 212 -50.20 -10.72 8.91
N LEU D 213 -50.13 -9.87 9.93
CA LEU D 213 -50.21 -10.29 11.33
C LEU D 213 -51.62 -10.11 11.88
N SER D 214 -52.06 -11.04 12.72
CA SER D 214 -53.30 -10.84 13.46
C SER D 214 -53.14 -9.68 14.44
N THR D 215 -54.18 -8.86 14.53
CA THR D 215 -54.24 -7.76 15.50
C THR D 215 -55.21 -8.06 16.64
N ARG D 216 -55.50 -9.34 16.90
CA ARG D 216 -56.34 -9.72 18.05
C ARG D 216 -55.52 -9.58 19.32
N ASN D 217 -55.16 -8.33 19.63
CA ASN D 217 -54.25 -8.04 20.74
C ASN D 217 -54.89 -8.30 22.09
N ASP D 218 -56.22 -8.27 22.19
CA ASP D 218 -56.91 -8.41 23.47
C ASP D 218 -57.01 -9.85 23.94
N GLU D 219 -56.94 -10.82 23.04
CA GLU D 219 -56.95 -12.24 23.38
C GLU D 219 -55.84 -12.93 22.61
N PRO D 220 -54.60 -12.88 23.13
CA PRO D 220 -53.46 -13.50 22.41
C PRO D 220 -53.63 -14.99 22.14
N LYS D 221 -54.11 -15.76 23.12
CA LYS D 221 -54.31 -17.19 22.97
C LYS D 221 -55.42 -17.56 22.00
N LYS D 222 -56.14 -16.59 21.46
CA LYS D 222 -57.17 -16.86 20.48
C LYS D 222 -56.88 -16.22 19.14
N ALA D 223 -55.70 -15.62 18.96
CA ALA D 223 -55.44 -14.90 17.71
C ALA D 223 -54.99 -15.82 16.58
N SER D 224 -54.31 -16.91 16.90
CA SER D 224 -53.78 -17.82 15.89
C SER D 224 -54.73 -18.99 15.77
N ARG D 225 -55.35 -19.14 14.60
CA ARG D 225 -56.50 -20.02 14.47
C ARG D 225 -56.58 -20.53 13.03
N PRO D 226 -55.63 -21.38 12.64
CA PRO D 226 -55.57 -21.81 11.23
C PRO D 226 -56.91 -22.38 10.75
N PHE D 227 -57.30 -22.00 9.54
CA PHE D 227 -58.47 -22.54 8.85
C PHE D 227 -59.79 -22.08 9.44
N ASP D 228 -59.76 -21.35 10.55
CA ASP D 228 -61.00 -20.86 11.15
C ASP D 228 -61.48 -19.63 10.38
N LYS D 229 -62.81 -19.44 10.35
CA LYS D 229 -63.38 -18.38 9.53
C LYS D 229 -63.03 -17.00 10.05
N ASP D 230 -62.75 -16.88 11.35
CA ASP D 230 -62.39 -15.59 11.94
C ASP D 230 -60.87 -15.38 12.03
N ARG D 231 -60.07 -16.20 11.37
CA ARG D 231 -58.63 -15.91 11.30
C ARG D 231 -58.41 -14.56 10.63
N ASN D 232 -57.31 -13.88 11.01
CA ASN D 232 -57.07 -12.56 10.46
C ASN D 232 -55.58 -12.24 10.44
N GLY D 233 -54.75 -13.26 10.19
CA GLY D 233 -53.32 -13.02 10.06
C GLY D 233 -52.51 -13.90 10.97
N PHE D 234 -51.21 -14.05 10.72
CA PHE D 234 -50.51 -15.00 11.56
C PHE D 234 -50.03 -14.32 12.83
N VAL D 235 -49.58 -15.13 13.77
CA VAL D 235 -48.91 -14.67 14.97
C VAL D 235 -47.47 -15.17 14.92
N MET D 236 -46.52 -14.27 15.10
CA MET D 236 -45.12 -14.62 14.90
C MET D 236 -44.63 -15.38 16.11
N GLY D 237 -44.06 -16.56 15.87
CA GLY D 237 -43.41 -17.29 16.95
C GLY D 237 -41.90 -17.34 16.81
N GLU D 238 -41.19 -17.68 17.90
CA GLU D 238 -39.76 -17.92 17.88
C GLU D 238 -39.50 -19.36 18.31
N GLY D 239 -38.40 -19.93 17.85
CA GLY D 239 -38.06 -21.27 18.29
C GLY D 239 -37.04 -21.93 17.39
N ALA D 240 -36.76 -23.19 17.71
CA ALA D 240 -35.85 -23.98 16.90
C ALA D 240 -36.23 -25.45 17.03
N GLY D 241 -36.18 -26.17 15.92
CA GLY D 241 -36.25 -27.62 15.93
C GLY D 241 -35.00 -28.20 15.29
N ALA D 242 -34.62 -29.40 15.75
CA ALA D 242 -33.43 -30.06 15.24
C ALA D 242 -33.65 -31.56 15.10
N LEU D 243 -33.03 -32.13 14.07
CA LEU D 243 -33.06 -33.56 13.79
C LEU D 243 -31.67 -34.04 13.44
N VAL D 244 -31.36 -35.27 13.85
CA VAL D 244 -30.19 -35.98 13.36
C VAL D 244 -30.66 -36.98 12.31
N LEU D 245 -30.19 -36.81 11.08
CA LEU D 245 -30.38 -37.79 10.01
C LEU D 245 -29.11 -38.61 9.87
N GLU D 246 -29.29 -39.88 9.52
CA GLU D 246 -28.23 -40.88 9.53
C GLU D 246 -28.56 -41.92 8.46
N GLU D 247 -27.57 -42.30 7.65
CA GLU D 247 -27.75 -43.44 6.76
C GLU D 247 -28.11 -44.68 7.57
N TYR D 248 -28.97 -45.53 7.00
CA TYR D 248 -29.61 -46.59 7.78
C TYR D 248 -28.60 -47.62 8.28
N GLU D 249 -27.76 -48.15 7.39
CA GLU D 249 -26.78 -49.13 7.85
C GLU D 249 -25.91 -48.54 8.95
N SER D 250 -25.49 -47.28 8.78
CA SER D 250 -24.66 -46.66 9.80
C SER D 250 -25.42 -46.51 11.12
N ALA D 251 -26.72 -46.23 11.06
CA ALA D 251 -27.51 -46.13 12.28
C ALA D 251 -27.59 -47.49 12.99
N LYS D 252 -27.97 -48.54 12.25
CA LYS D 252 -28.08 -49.89 12.82
C LYS D 252 -26.76 -50.36 13.42
N LYS D 253 -25.65 -50.15 12.70
CA LYS D 253 -24.34 -50.55 13.20
C LYS D 253 -24.01 -49.86 14.53
N ARG D 254 -24.39 -48.59 14.66
CA ARG D 254 -24.17 -47.80 15.86
C ARG D 254 -25.04 -48.25 17.03
N GLY D 255 -26.14 -48.95 16.77
CA GLY D 255 -27.14 -49.15 17.80
C GLY D 255 -28.06 -47.96 18.00
N ALA D 256 -28.23 -47.11 16.99
CA ALA D 256 -29.05 -45.91 17.14
C ALA D 256 -30.52 -46.26 17.38
N LYS D 257 -31.19 -45.40 18.14
CA LYS D 257 -32.65 -45.47 18.16
C LYS D 257 -33.20 -44.90 16.85
N ILE D 258 -34.33 -45.44 16.39
CA ILE D 258 -34.91 -45.09 15.09
C ILE D 258 -36.27 -44.46 15.32
N TYR D 259 -36.37 -43.15 15.13
CA TYR D 259 -37.65 -42.47 15.25
C TYR D 259 -38.52 -42.63 14.00
N ALA D 260 -37.89 -42.69 12.83
CA ALA D 260 -38.61 -42.63 11.56
C ALA D 260 -37.62 -42.83 10.43
N GLU D 261 -38.13 -43.16 9.26
CA GLU D 261 -37.34 -43.21 8.05
C GLU D 261 -37.82 -42.13 7.10
N PHE D 262 -36.88 -41.42 6.50
CA PHE D 262 -37.24 -40.46 5.48
C PHE D 262 -37.86 -41.19 4.29
N ALA D 263 -38.96 -40.65 3.76
CA ALA D 263 -39.68 -41.34 2.68
C ALA D 263 -39.73 -40.58 1.36
N GLY D 264 -39.94 -39.27 1.38
CA GLY D 264 -40.00 -38.53 0.14
C GLY D 264 -40.01 -37.04 0.40
N TYR D 265 -39.73 -36.27 -0.65
CA TYR D 265 -39.78 -34.82 -0.57
C TYR D 265 -40.21 -34.27 -1.91
N GLY D 266 -40.64 -33.02 -1.88
CA GLY D 266 -40.95 -32.28 -3.10
C GLY D 266 -40.63 -30.83 -2.90
N GLU D 267 -40.25 -30.17 -4.00
CA GLU D 267 -39.81 -28.77 -4.02
C GLU D 267 -40.28 -28.12 -5.29
N SER D 268 -40.79 -26.90 -5.18
CA SER D 268 -41.29 -26.22 -6.36
C SER D 268 -41.28 -24.73 -6.10
N GLY D 269 -41.50 -23.96 -7.17
CA GLY D 269 -41.76 -22.54 -7.04
C GLY D 269 -43.05 -22.16 -7.75
N ASP D 270 -43.77 -21.20 -7.17
CA ASP D 270 -44.99 -20.69 -7.79
C ASP D 270 -44.69 -19.88 -9.05
N ALA D 271 -43.59 -19.11 -9.06
CA ALA D 271 -43.34 -18.11 -10.10
C ALA D 271 -44.57 -17.24 -10.34
N ASN D 272 -45.19 -16.79 -9.25
CA ASN D 272 -46.44 -16.04 -9.34
C ASN D 272 -46.32 -14.66 -8.70
N HIS D 273 -46.32 -14.59 -7.37
CA HIS D 273 -46.35 -13.33 -6.64
C HIS D 273 -45.33 -13.37 -5.52
N ILE D 274 -44.86 -12.19 -5.10
CA ILE D 274 -43.76 -12.16 -4.15
C ILE D 274 -44.20 -12.52 -2.73
N THR D 275 -45.48 -12.38 -2.40
CA THR D 275 -45.99 -12.77 -1.08
C THR D 275 -47.24 -13.63 -1.12
N ALA D 276 -48.06 -13.49 -2.17
CA ALA D 276 -49.27 -14.29 -2.16
C ALA D 276 -49.03 -15.63 -2.87
N PRO D 277 -49.76 -16.69 -2.53
CA PRO D 277 -49.54 -17.98 -3.18
C PRO D 277 -50.15 -18.01 -4.58
N ALA D 278 -49.74 -19.02 -5.34
CA ALA D 278 -50.31 -19.25 -6.66
C ALA D 278 -51.81 -19.52 -6.54
N PRO D 279 -52.59 -19.15 -7.56
CA PRO D 279 -54.01 -19.52 -7.56
C PRO D 279 -54.14 -21.03 -7.39
N GLU D 280 -55.09 -21.43 -6.55
CA GLU D 280 -55.36 -22.84 -6.26
C GLU D 280 -54.20 -23.53 -5.57
N GLY D 281 -53.26 -22.75 -5.02
CA GLY D 281 -52.06 -23.34 -4.39
C GLY D 281 -51.36 -24.30 -5.32
N GLU D 282 -51.22 -23.91 -6.58
CA GLU D 282 -50.74 -24.84 -7.61
C GLU D 282 -49.30 -25.29 -7.36
N GLY D 283 -48.43 -24.37 -6.90
CA GLY D 283 -47.06 -24.78 -6.59
C GLY D 283 -46.98 -25.72 -5.41
N ALA D 284 -47.78 -25.46 -4.36
CA ALA D 284 -47.91 -26.39 -3.26
C ALA D 284 -48.40 -27.75 -3.74
N PHE D 285 -49.42 -27.75 -4.60
CA PHE D 285 -49.91 -28.99 -5.18
C PHE D 285 -48.75 -29.80 -5.75
N ARG D 286 -47.96 -29.18 -6.63
CA ARG D 286 -46.86 -29.88 -7.28
C ARG D 286 -45.82 -30.39 -6.27
N ALA D 287 -45.50 -29.60 -5.24
CA ALA D 287 -44.52 -30.08 -4.26
C ALA D 287 -45.06 -31.28 -3.48
N MET D 288 -46.31 -31.20 -3.04
CA MET D 288 -46.93 -32.32 -2.35
C MET D 288 -47.00 -33.55 -3.25
N LYS D 289 -47.32 -33.34 -4.53
CA LYS D 289 -47.42 -34.46 -5.48
C LYS D 289 -46.08 -35.19 -5.63
N MET D 290 -44.98 -34.44 -5.80
CA MET D 290 -43.70 -35.09 -5.97
C MET D 290 -43.30 -35.85 -4.71
N ALA D 291 -43.52 -35.24 -3.54
CA ALA D 291 -43.24 -35.93 -2.29
C ALA D 291 -44.05 -37.22 -2.17
N LEU D 292 -45.35 -37.14 -2.48
CA LEU D 292 -46.20 -38.32 -2.34
C LEU D 292 -45.77 -39.44 -3.29
N GLU D 293 -45.41 -39.07 -4.52
CA GLU D 293 -45.01 -40.07 -5.50
C GLU D 293 -43.61 -40.62 -5.23
N MET D 294 -42.74 -39.85 -4.59
CA MET D 294 -41.47 -40.42 -4.15
C MET D 294 -41.66 -41.35 -2.96
N ALA D 295 -42.51 -40.98 -2.00
CA ALA D 295 -42.64 -41.77 -0.78
C ALA D 295 -43.35 -43.09 -1.01
N LYS D 296 -44.38 -43.10 -1.86
CA LYS D 296 -45.17 -44.30 -2.15
C LYS D 296 -45.70 -44.98 -0.89
N VAL D 297 -46.19 -44.18 0.07
CA VAL D 297 -46.78 -44.68 1.30
C VAL D 297 -48.17 -44.08 1.46
N GLU D 298 -48.94 -44.61 2.41
CA GLU D 298 -50.20 -44.00 2.81
C GLU D 298 -49.93 -43.03 3.96
N VAL D 299 -50.23 -41.76 3.74
CA VAL D 299 -50.01 -40.72 4.74
C VAL D 299 -51.24 -40.66 5.63
N GLY D 300 -51.03 -40.75 6.93
CA GLY D 300 -52.13 -40.78 7.87
C GLY D 300 -52.33 -39.47 8.63
N TYR D 301 -51.39 -38.53 8.46
CA TYR D 301 -51.45 -37.24 9.13
C TYR D 301 -50.66 -36.22 8.32
N VAL D 302 -51.23 -35.03 8.17
CA VAL D 302 -50.57 -33.92 7.51
C VAL D 302 -50.46 -32.76 8.50
N ASN D 303 -49.23 -32.35 8.81
CA ASN D 303 -48.99 -31.10 9.52
C ASN D 303 -48.92 -29.99 8.48
N ALA D 304 -50.02 -29.23 8.35
CA ALA D 304 -50.12 -28.20 7.33
C ALA D 304 -49.23 -27.01 7.67
N HIS D 305 -48.93 -26.22 6.65
CA HIS D 305 -48.23 -24.96 6.88
C HIS D 305 -49.10 -24.03 7.72
N GLY D 306 -50.35 -23.85 7.31
CA GLY D 306 -51.43 -23.28 8.12
C GLY D 306 -51.07 -22.13 9.05
N THR D 307 -50.67 -20.99 8.46
CA THR D 307 -50.19 -19.84 9.28
C THR D 307 -51.34 -19.03 9.89
N SER D 308 -52.59 -19.34 9.55
CA SER D 308 -53.78 -18.61 10.08
C SER D 308 -54.00 -17.33 9.28
N THR D 309 -53.38 -17.20 8.09
CA THR D 309 -53.64 -16.03 7.22
C THR D 309 -54.84 -16.38 6.31
N HIS D 310 -55.52 -15.38 5.75
CA HIS D 310 -56.61 -15.70 4.84
C HIS D 310 -56.11 -16.51 3.65
N TYR D 311 -55.08 -16.02 2.96
CA TYR D 311 -54.67 -16.64 1.71
C TYR D 311 -54.09 -18.04 1.93
N ASN D 312 -53.20 -18.20 2.92
CA ASN D 312 -52.48 -19.47 3.00
C ASN D 312 -53.41 -20.62 3.32
N ASP D 313 -54.24 -20.45 4.34
CA ASP D 313 -55.11 -21.53 4.77
C ASP D 313 -56.07 -21.92 3.66
N LEU D 314 -56.60 -20.93 2.94
CA LEU D 314 -57.49 -21.18 1.81
C LEU D 314 -56.78 -22.02 0.74
N TYR D 315 -55.65 -21.54 0.25
CA TYR D 315 -55.06 -22.17 -0.92
C TYR D 315 -54.33 -23.46 -0.58
N GLU D 316 -53.87 -23.60 0.66
CA GLU D 316 -53.35 -24.89 1.11
C GLU D 316 -54.47 -25.94 1.15
N SER D 317 -55.66 -25.56 1.61
CA SER D 317 -56.76 -26.52 1.64
C SER D 317 -57.17 -26.94 0.24
N ILE D 318 -57.22 -25.97 -0.68
CA ILE D 318 -57.54 -26.31 -2.06
C ILE D 318 -56.49 -27.28 -2.61
N ALA D 319 -55.20 -26.96 -2.41
CA ALA D 319 -54.14 -27.82 -2.94
C ALA D 319 -54.17 -29.21 -2.32
N LEU D 320 -54.38 -29.29 -1.01
CA LEU D 320 -54.53 -30.58 -0.35
C LEU D 320 -55.64 -31.39 -0.99
N LYS D 321 -56.83 -30.78 -1.12
CA LYS D 321 -57.97 -31.46 -1.73
C LYS D 321 -57.64 -31.90 -3.16
N ASN D 322 -56.89 -31.06 -3.90
CA ASN D 322 -56.54 -31.46 -5.26
C ASN D 322 -55.52 -32.59 -5.30
N VAL D 323 -54.64 -32.69 -4.31
CA VAL D 323 -53.58 -33.70 -4.44
C VAL D 323 -54.04 -35.06 -3.94
N PHE D 324 -54.89 -35.10 -2.91
CA PHE D 324 -55.37 -36.39 -2.47
C PHE D 324 -56.60 -36.86 -3.25
N GLY D 325 -57.27 -35.95 -3.98
CA GLY D 325 -58.34 -36.36 -4.87
C GLY D 325 -59.69 -35.78 -4.52
N SER D 326 -59.96 -35.69 -3.22
CA SER D 326 -61.23 -35.17 -2.72
C SER D 326 -61.05 -34.84 -1.25
N LYS D 327 -62.08 -34.22 -0.68
CA LYS D 327 -62.05 -33.82 0.73
C LYS D 327 -61.97 -35.03 1.65
N GLU D 328 -62.75 -36.08 1.34
CA GLU D 328 -62.71 -37.29 2.15
C GLU D 328 -61.37 -38.00 2.01
N LYS D 329 -60.69 -37.83 0.88
CA LYS D 329 -59.43 -38.51 0.67
C LYS D 329 -58.24 -37.76 1.28
N VAL D 330 -58.45 -36.56 1.80
CA VAL D 330 -57.39 -35.86 2.54
C VAL D 330 -57.26 -36.50 3.92
N PRO D 331 -56.06 -36.93 4.31
CA PRO D 331 -55.86 -37.44 5.65
C PRO D 331 -56.18 -36.38 6.69
N PRO D 332 -56.32 -36.75 7.96
CA PRO D 332 -56.37 -35.74 9.02
C PRO D 332 -55.21 -34.75 8.86
N VAL D 333 -55.53 -33.46 8.93
CA VAL D 333 -54.54 -32.40 8.84
C VAL D 333 -54.68 -31.51 10.05
N SER D 334 -53.55 -31.09 10.61
CA SER D 334 -53.60 -30.00 11.56
C SER D 334 -52.40 -29.09 11.36
N SER D 335 -52.61 -27.82 11.69
CA SER D 335 -51.55 -26.85 11.86
C SER D 335 -51.39 -26.60 13.35
N THR D 336 -50.16 -26.70 13.84
CA THR D 336 -49.85 -26.41 15.23
C THR D 336 -49.44 -24.95 15.44
N ALA D 337 -49.64 -24.10 14.43
CA ALA D 337 -49.34 -22.68 14.57
C ALA D 337 -50.30 -21.98 15.52
N GLY D 338 -51.47 -22.55 15.78
CA GLY D 338 -52.33 -21.98 16.81
C GLY D 338 -51.67 -22.04 18.16
N GLN D 339 -50.95 -23.13 18.43
CA GLN D 339 -50.34 -23.37 19.74
C GLN D 339 -49.06 -22.55 19.96
N ILE D 340 -48.19 -22.46 18.96
CA ILE D 340 -46.86 -21.89 19.16
C ILE D 340 -46.57 -20.71 18.24
N GLY D 341 -47.57 -20.23 17.50
CA GLY D 341 -47.36 -19.22 16.49
C GLY D 341 -46.71 -19.83 15.25
N HIS D 342 -46.72 -19.06 14.16
CA HIS D 342 -45.93 -19.46 13.01
C HIS D 342 -44.49 -19.02 13.20
N CYS D 343 -43.56 -19.97 13.22
CA CYS D 343 -42.14 -19.64 13.55
C CYS D 343 -41.30 -19.42 12.29
N LEU D 344 -41.94 -19.16 11.13
CA LEU D 344 -41.19 -18.79 9.90
C LEU D 344 -40.13 -19.82 9.54
N GLY D 345 -38.87 -19.38 9.39
CA GLY D 345 -37.77 -20.27 8.98
C GLY D 345 -37.65 -21.51 9.85
N ALA D 346 -37.92 -21.39 11.15
CA ALA D 346 -37.88 -22.58 12.01
C ALA D 346 -39.08 -23.49 11.83
N ALA D 347 -40.14 -23.04 11.16
CA ALA D 347 -41.42 -23.76 11.23
C ALA D 347 -41.30 -25.18 10.69
N GLY D 348 -40.70 -25.34 9.51
CA GLY D 348 -40.60 -26.68 8.92
C GLY D 348 -39.82 -27.67 9.78
N ALA D 349 -38.78 -27.19 10.47
CA ALA D 349 -37.97 -28.05 11.33
C ALA D 349 -38.76 -28.46 12.58
N LEU D 350 -39.39 -27.48 13.23
CA LEU D 350 -40.24 -27.74 14.39
C LEU D 350 -41.36 -28.70 14.04
N GLU D 351 -41.98 -28.47 12.90
CA GLU D 351 -43.16 -29.23 12.50
C GLU D 351 -42.81 -30.61 11.98
N ALA D 352 -41.57 -30.84 11.55
CA ALA D 352 -41.14 -32.22 11.31
C ALA D 352 -40.99 -32.98 12.62
N VAL D 353 -40.46 -32.33 13.66
CA VAL D 353 -40.35 -32.99 14.96
C VAL D 353 -41.74 -33.33 15.50
N ILE D 354 -42.64 -32.35 15.45
CA ILE D 354 -44.02 -32.57 15.90
C ILE D 354 -44.66 -33.72 15.12
N SER D 355 -44.48 -33.74 13.80
CA SER D 355 -45.10 -34.78 12.98
C SER D 355 -44.57 -36.16 13.34
N ILE D 356 -43.25 -36.28 13.54
CA ILE D 356 -42.67 -37.58 13.88
C ILE D 356 -43.15 -38.03 15.25
N MET D 357 -43.20 -37.10 16.20
CA MET D 357 -43.66 -37.42 17.54
C MET D 357 -45.12 -37.86 17.54
N ALA D 358 -45.96 -37.15 16.78
CA ALA D 358 -47.33 -37.58 16.59
C ALA D 358 -47.42 -39.03 16.11
N MET D 359 -46.56 -39.41 15.17
CA MET D 359 -46.54 -40.79 14.68
C MET D 359 -46.00 -41.75 15.74
N ASN D 360 -44.92 -41.37 16.44
CA ASN D 360 -44.38 -42.23 17.49
C ASN D 360 -45.43 -42.59 18.53
N GLN D 361 -46.29 -41.64 18.87
CA GLN D 361 -47.15 -41.79 20.03
C GLN D 361 -48.59 -42.09 19.67
N GLY D 362 -48.93 -42.17 18.39
CA GLY D 362 -50.32 -42.30 18.00
C GLY D 362 -51.21 -41.19 18.53
N ILE D 363 -50.69 -39.98 18.60
CA ILE D 363 -51.44 -38.80 19.03
C ILE D 363 -51.26 -37.70 17.99
N LEU D 364 -52.37 -37.33 17.34
CA LEU D 364 -52.33 -36.28 16.35
C LEU D 364 -52.73 -34.96 16.99
N PRO D 365 -51.84 -33.96 17.04
CA PRO D 365 -52.17 -32.73 17.74
C PRO D 365 -53.26 -31.97 17.03
N PRO D 366 -54.12 -31.20 17.74
CA PRO D 366 -55.24 -30.55 17.09
C PRO D 366 -55.01 -29.13 16.59
N THR D 367 -55.85 -28.68 15.64
CA THR D 367 -55.78 -27.25 15.24
C THR D 367 -56.67 -26.53 16.26
N ILE D 368 -56.11 -25.62 17.05
CA ILE D 368 -56.91 -25.02 18.16
C ILE D 368 -57.71 -23.79 17.68
N ASN D 369 -58.55 -23.24 18.56
CA ASN D 369 -59.36 -22.06 18.26
C ASN D 369 -60.25 -22.26 17.04
N GLN D 370 -60.77 -23.48 16.87
CA GLN D 370 -61.75 -23.75 15.82
C GLN D 370 -63.14 -23.41 16.35
N GLU D 371 -63.65 -22.26 15.96
CA GLU D 371 -64.91 -21.75 16.51
C GLU D 371 -65.97 -21.49 15.48
N THR D 372 -65.59 -21.23 14.23
CA THR D 372 -66.53 -20.86 13.18
C THR D 372 -66.03 -21.50 11.89
N PRO D 373 -66.67 -22.58 11.45
CA PRO D 373 -66.22 -23.25 10.22
C PRO D 373 -66.11 -22.27 9.07
N ASP D 374 -65.03 -22.38 8.32
CA ASP D 374 -64.91 -21.63 7.08
C ASP D 374 -65.42 -22.51 5.95
N PRO D 375 -66.49 -22.11 5.23
CA PRO D 375 -67.01 -22.97 4.17
C PRO D 375 -65.98 -23.29 3.12
N GLU D 376 -65.06 -22.37 2.84
CA GLU D 376 -63.98 -22.65 1.90
C GLU D 376 -62.87 -23.48 2.52
N CYS D 377 -62.83 -23.63 3.84
CA CYS D 377 -61.83 -24.45 4.54
C CYS D 377 -62.55 -25.63 5.18
N ASP D 378 -62.85 -26.64 4.37
CA ASP D 378 -63.72 -27.72 4.81
C ASP D 378 -63.01 -29.07 4.84
N LEU D 379 -61.79 -29.13 5.40
CA LEU D 379 -61.12 -30.39 5.63
C LEU D 379 -61.29 -30.81 7.10
N ASP D 380 -60.80 -32.00 7.42
CA ASP D 380 -60.74 -32.49 8.80
C ASP D 380 -59.48 -31.95 9.45
N TYR D 381 -59.61 -30.86 10.23
CA TYR D 381 -58.47 -30.18 10.81
C TYR D 381 -58.17 -30.62 12.23
N ILE D 382 -58.66 -31.80 12.63
CA ILE D 382 -58.47 -32.26 14.04
C ILE D 382 -58.76 -31.07 14.95
N PRO D 383 -60.01 -30.58 15.01
CA PRO D 383 -60.31 -29.34 15.76
C PRO D 383 -60.31 -29.35 17.30
N ASN D 384 -59.53 -28.44 17.91
CA ASN D 384 -59.57 -28.24 19.39
C ASN D 384 -58.95 -29.39 20.19
N ALA D 385 -59.23 -30.65 19.85
CA ALA D 385 -58.73 -31.76 20.70
C ALA D 385 -57.87 -32.74 19.90
N ALA D 386 -56.83 -33.29 20.55
CA ALA D 386 -55.97 -34.26 19.90
C ALA D 386 -56.71 -35.55 19.58
N ARG D 387 -56.28 -36.21 18.52
CA ARG D 387 -56.92 -37.40 17.99
C ARG D 387 -55.97 -38.58 18.20
N GLU D 388 -56.36 -39.50 19.08
CA GLU D 388 -55.61 -40.75 19.26
C GLU D 388 -55.82 -41.64 18.03
N LYS D 389 -54.80 -41.73 17.19
CA LYS D 389 -54.87 -42.52 15.97
C LYS D 389 -53.44 -42.88 15.59
N GLN D 390 -53.20 -44.14 15.33
CA GLN D 390 -51.90 -44.59 14.84
C GLN D 390 -51.82 -44.36 13.34
N VAL D 391 -50.69 -43.83 12.89
CA VAL D 391 -50.45 -43.56 11.48
C VAL D 391 -49.12 -44.18 11.09
N ASP D 392 -48.95 -44.50 9.81
CA ASP D 392 -47.69 -45.10 9.37
C ASP D 392 -46.80 -44.15 8.56
N ALA D 393 -47.26 -42.93 8.29
CA ALA D 393 -46.44 -41.91 7.63
C ALA D 393 -47.07 -40.55 7.85
N VAL D 394 -46.22 -39.51 7.86
CA VAL D 394 -46.67 -38.15 8.09
C VAL D 394 -46.05 -37.22 7.06
N MET D 395 -46.80 -36.19 6.68
CA MET D 395 -46.32 -35.24 5.69
C MET D 395 -46.34 -33.85 6.31
N SER D 396 -45.28 -33.06 6.08
CA SER D 396 -45.20 -31.69 6.56
C SER D 396 -44.93 -30.75 5.39
N ASN D 397 -45.74 -29.68 5.28
CA ASN D 397 -45.67 -28.69 4.21
C ASN D 397 -45.11 -27.37 4.72
N SER D 398 -44.34 -26.68 3.87
CA SER D 398 -43.83 -25.34 4.16
C SER D 398 -43.83 -24.53 2.88
N PHE D 399 -44.30 -23.28 2.96
CA PHE D 399 -44.25 -22.35 1.85
C PHE D 399 -43.71 -21.00 2.32
N GLY D 400 -43.02 -20.30 1.43
CA GLY D 400 -42.38 -19.05 1.79
C GLY D 400 -42.59 -17.97 0.74
N PHE D 401 -42.42 -16.73 1.19
CA PHE D 401 -42.37 -15.59 0.28
C PHE D 401 -41.44 -15.90 -0.89
N GLY D 402 -41.76 -15.33 -2.05
CA GLY D 402 -41.11 -15.73 -3.27
C GLY D 402 -41.69 -16.97 -3.90
N GLY D 403 -42.76 -17.52 -3.33
CA GLY D 403 -43.42 -18.68 -3.90
C GLY D 403 -42.60 -19.97 -3.83
N THR D 404 -41.71 -20.10 -2.85
CA THR D 404 -40.90 -21.31 -2.72
C THR D 404 -41.61 -22.30 -1.79
N ASN D 405 -41.70 -23.56 -2.23
CA ASN D 405 -42.43 -24.59 -1.52
C ASN D 405 -41.56 -25.81 -1.23
N GLY D 406 -41.73 -26.38 -0.04
CA GLY D 406 -41.06 -27.63 0.30
C GLY D 406 -41.96 -28.55 1.10
N VAL D 407 -41.89 -29.86 0.83
CA VAL D 407 -42.72 -30.85 1.51
C VAL D 407 -41.83 -32.04 1.85
N VAL D 408 -42.02 -32.61 3.04
CA VAL D 408 -41.30 -33.83 3.42
C VAL D 408 -42.28 -34.85 3.99
N ILE D 409 -41.99 -36.11 3.72
CA ILE D 409 -42.75 -37.24 4.25
C ILE D 409 -41.77 -38.14 5.01
N PHE D 410 -42.15 -38.53 6.22
CA PHE D 410 -41.44 -39.50 7.04
C PHE D 410 -42.37 -40.68 7.32
N LYS D 411 -41.83 -41.90 7.30
CA LYS D 411 -42.64 -43.09 7.51
C LYS D 411 -42.12 -43.87 8.72
N LYS D 412 -43.00 -44.70 9.26
CA LYS D 412 -42.69 -45.52 10.43
C LYS D 412 -41.46 -46.39 10.18
N ALA D 413 -40.70 -46.60 11.24
CA ALA D 413 -39.42 -47.31 11.18
C ALA D 413 -39.57 -48.83 11.02
N SER E 1 -25.94 -44.71 -13.58
CA SER E 1 -25.48 -43.84 -14.66
C SER E 1 -25.80 -42.38 -14.37
N MET E 2 -24.90 -41.71 -13.65
CA MET E 2 -25.16 -40.35 -13.20
C MET E 2 -25.46 -39.45 -14.39
N ARG E 3 -26.42 -38.54 -14.21
CA ARG E 3 -26.68 -37.52 -15.22
C ARG E 3 -25.46 -36.61 -15.37
N ARG E 4 -25.20 -36.18 -16.60
CA ARG E 4 -24.13 -35.24 -16.89
C ARG E 4 -24.72 -33.84 -17.05
N ILE E 5 -23.95 -32.83 -16.66
CA ILE E 5 -24.45 -31.47 -16.51
C ILE E 5 -23.54 -30.49 -17.23
N VAL E 6 -24.12 -29.55 -17.98
CA VAL E 6 -23.34 -28.57 -18.72
C VAL E 6 -23.81 -27.16 -18.41
N VAL E 7 -22.91 -26.21 -18.59
CA VAL E 7 -23.21 -24.79 -18.52
C VAL E 7 -23.56 -24.33 -19.93
N THR E 8 -24.76 -23.78 -20.11
CA THR E 8 -25.23 -23.38 -21.43
C THR E 8 -25.50 -21.90 -21.55
N GLY E 9 -25.30 -21.12 -20.48
CA GLY E 9 -25.54 -19.69 -20.51
C GLY E 9 -24.90 -19.04 -19.31
N MET E 10 -24.40 -17.82 -19.47
CA MET E 10 -23.60 -17.21 -18.41
C MET E 10 -23.85 -15.72 -18.42
N GLY E 11 -23.74 -15.11 -17.24
CA GLY E 11 -23.88 -13.67 -17.13
C GLY E 11 -23.19 -13.17 -15.88
N MET E 12 -22.78 -11.91 -15.91
CA MET E 12 -22.20 -11.34 -14.69
C MET E 12 -22.11 -9.84 -14.82
N ILE E 13 -22.13 -9.17 -13.67
CA ILE E 13 -22.01 -7.73 -13.54
C ILE E 13 -21.22 -7.46 -12.28
N ASN E 14 -20.26 -6.56 -12.36
CA ASN E 14 -19.38 -6.27 -11.23
C ASN E 14 -18.78 -4.87 -11.43
N SER E 15 -17.78 -4.52 -10.62
CA SER E 15 -17.28 -3.15 -10.73
C SER E 15 -16.44 -2.91 -11.98
N LEU E 16 -16.26 -3.91 -12.84
CA LEU E 16 -15.50 -3.72 -14.07
C LEU E 16 -16.31 -3.99 -15.33
N GLY E 17 -17.61 -4.27 -15.24
CA GLY E 17 -18.42 -4.39 -16.45
C GLY E 17 -19.85 -4.74 -16.12
N LEU E 18 -20.74 -4.37 -17.05
CA LEU E 18 -22.16 -4.62 -16.94
C LEU E 18 -22.58 -5.95 -17.55
N ASN E 19 -21.65 -6.66 -18.19
CA ASN E 19 -21.92 -7.94 -18.81
C ASN E 19 -20.62 -8.73 -18.77
N LYS E 20 -20.69 -10.02 -19.14
CA LYS E 20 -19.53 -10.88 -18.93
C LYS E 20 -18.40 -10.56 -19.91
N GLU E 21 -18.72 -10.07 -21.11
CA GLU E 21 -17.69 -9.79 -22.11
C GLU E 21 -16.81 -8.62 -21.68
N ASP E 22 -17.43 -7.45 -21.44
CA ASP E 22 -16.65 -6.30 -20.98
C ASP E 22 -15.94 -6.62 -19.67
N SER E 23 -16.65 -7.26 -18.74
CA SER E 23 -16.08 -7.52 -17.42
C SER E 23 -14.86 -8.41 -17.49
N PHE E 24 -14.97 -9.55 -18.17
CA PHE E 24 -13.83 -10.46 -18.23
C PHE E 24 -12.64 -9.81 -18.92
N LEU E 25 -12.89 -9.12 -20.05
CA LEU E 25 -11.80 -8.43 -20.74
C LEU E 25 -11.04 -7.51 -19.78
N ALA E 26 -11.77 -6.68 -19.04
CA ALA E 26 -11.13 -5.76 -18.11
C ALA E 26 -10.39 -6.52 -17.01
N ILE E 27 -10.91 -7.66 -16.61
CA ILE E 27 -10.26 -8.46 -15.59
C ILE E 27 -8.99 -9.11 -16.13
N ALA E 28 -9.07 -9.65 -17.34
CA ALA E 28 -7.87 -10.25 -17.90
C ALA E 28 -6.82 -9.19 -18.19
N LYS E 29 -7.25 -7.98 -18.55
CA LYS E 29 -6.34 -6.86 -18.72
C LYS E 29 -5.74 -6.40 -17.41
N GLY E 30 -6.23 -6.88 -16.26
CA GLY E 30 -5.67 -6.44 -15.00
C GLY E 30 -6.09 -5.05 -14.58
N GLU E 31 -7.18 -4.53 -15.11
CA GLU E 31 -7.78 -3.31 -14.60
C GLU E 31 -8.34 -3.56 -13.20
N CYS E 32 -8.92 -2.50 -12.61
CA CYS E 32 -9.34 -2.54 -11.22
C CYS E 32 -10.53 -1.61 -11.04
N GLY E 33 -11.63 -2.16 -10.55
CA GLY E 33 -12.85 -1.39 -10.39
C GLY E 33 -13.05 -0.81 -9.01
N ILE E 34 -12.11 -1.00 -8.09
CA ILE E 34 -12.25 -0.44 -6.76
C ILE E 34 -12.08 1.07 -6.84
N LYS E 35 -12.98 1.81 -6.20
CA LYS E 35 -13.01 3.27 -6.24
C LYS E 35 -13.22 3.80 -4.83
N HIS E 36 -13.24 5.14 -4.72
CA HIS E 36 -13.68 5.78 -3.49
C HIS E 36 -15.19 5.66 -3.36
N ILE E 37 -15.66 5.37 -2.15
CA ILE E 37 -17.08 5.09 -1.95
C ILE E 37 -17.90 6.33 -2.25
N GLU E 38 -18.92 6.17 -3.08
CA GLU E 38 -19.85 7.25 -3.37
C GLU E 38 -21.30 6.89 -3.08
N SER E 39 -21.64 5.62 -2.93
CA SER E 39 -23.04 5.27 -2.71
C SER E 39 -23.54 5.77 -1.37
N PHE E 40 -22.66 6.05 -0.42
CA PHE E 40 -23.05 6.74 0.81
C PHE E 40 -21.89 7.61 1.25
N ASP E 41 -22.17 8.51 2.20
CA ASP E 41 -21.16 9.41 2.76
C ASP E 41 -20.27 8.61 3.70
N ALA E 42 -19.08 8.25 3.23
CA ALA E 42 -18.13 7.48 4.00
C ALA E 42 -17.01 8.35 4.56
N SER E 43 -17.19 9.68 4.56
CA SER E 43 -16.11 10.59 4.93
C SER E 43 -15.63 10.37 6.36
N ALA E 44 -16.53 9.99 7.28
CA ALA E 44 -16.13 9.73 8.66
C ALA E 44 -15.71 8.29 8.91
N PHE E 45 -15.57 7.46 7.85
CA PHE E 45 -15.37 6.03 8.03
C PHE E 45 -13.90 5.65 7.96
N PRO E 46 -13.46 4.63 8.70
CA PRO E 46 -12.08 4.18 8.56
C PRO E 46 -11.79 3.54 7.22
N VAL E 47 -12.81 3.05 6.52
CA VAL E 47 -12.65 2.47 5.18
C VAL E 47 -13.56 3.25 4.23
N ARG E 48 -12.99 3.76 3.15
CA ARG E 48 -13.70 4.66 2.25
C ARG E 48 -13.59 4.22 0.79
N ILE E 49 -13.20 2.97 0.56
CA ILE E 49 -13.06 2.39 -0.76
C ILE E 49 -13.89 1.11 -0.82
N ALA E 50 -14.26 0.71 -2.04
CA ALA E 50 -15.08 -0.47 -2.31
C ALA E 50 -15.15 -0.68 -3.81
N GLY E 51 -15.45 -1.92 -4.20
CA GLY E 51 -15.78 -2.22 -5.58
C GLY E 51 -17.20 -1.82 -5.94
N GLU E 52 -17.44 -0.54 -6.20
CA GLU E 52 -18.76 -0.02 -6.53
C GLU E 52 -19.01 -0.08 -8.03
N ILE E 53 -20.22 -0.46 -8.41
CA ILE E 53 -20.69 -0.34 -9.79
C ILE E 53 -21.32 1.03 -9.94
N THR E 54 -20.69 1.90 -10.74
CA THR E 54 -21.20 3.25 -10.89
C THR E 54 -22.09 3.45 -12.10
N ASP E 55 -22.14 2.48 -13.02
CA ASP E 55 -22.91 2.62 -14.24
C ASP E 55 -24.16 1.72 -14.30
N PHE E 56 -24.59 1.13 -13.18
CA PHE E 56 -25.76 0.26 -13.20
C PHE E 56 -27.03 1.07 -13.06
N ASP E 57 -27.98 0.83 -13.95
CA ASP E 57 -29.29 1.47 -13.90
C ASP E 57 -30.36 0.41 -13.69
N PRO E 58 -31.02 0.38 -12.53
CA PRO E 58 -32.05 -0.67 -12.30
C PRO E 58 -33.21 -0.59 -13.26
N THR E 59 -33.59 0.61 -13.74
CA THR E 59 -34.75 0.68 -14.60
C THR E 59 -34.53 0.05 -15.95
N GLU E 60 -33.32 -0.42 -16.24
CA GLU E 60 -33.06 -1.17 -17.45
C GLU E 60 -33.38 -2.65 -17.31
N VAL E 61 -33.47 -3.17 -16.09
CA VAL E 61 -33.81 -4.58 -15.89
C VAL E 61 -35.23 -4.76 -15.36
N MET E 62 -35.87 -3.72 -14.83
CA MET E 62 -37.23 -3.85 -14.34
C MET E 62 -37.94 -2.52 -14.52
N ASN E 63 -39.27 -2.57 -14.55
CA ASN E 63 -40.02 -1.34 -14.72
C ASN E 63 -39.87 -0.44 -13.49
N PRO E 64 -39.96 0.87 -13.69
CA PRO E 64 -39.70 1.79 -12.56
C PRO E 64 -40.55 1.51 -11.33
N LYS E 65 -41.81 1.11 -11.52
CA LYS E 65 -42.68 0.86 -10.38
C LYS E 65 -42.14 -0.25 -9.48
N ASP E 66 -41.37 -1.18 -10.04
CA ASP E 66 -40.92 -2.34 -9.28
C ASP E 66 -39.55 -2.14 -8.63
N VAL E 67 -38.78 -1.13 -9.07
CA VAL E 67 -37.43 -0.95 -8.55
C VAL E 67 -37.43 -0.85 -7.03
N LYS E 68 -38.41 -0.13 -6.46
CA LYS E 68 -38.48 0.03 -5.01
C LYS E 68 -38.77 -1.27 -4.28
N LYS E 69 -39.20 -2.31 -4.99
CA LYS E 69 -39.59 -3.56 -4.36
C LYS E 69 -38.42 -4.52 -4.17
N ALA E 70 -37.24 -4.20 -4.69
CA ALA E 70 -36.12 -5.13 -4.73
C ALA E 70 -34.86 -4.42 -4.24
N GLY E 71 -34.13 -5.08 -3.31
CA GLY E 71 -32.83 -4.57 -2.92
C GLY E 71 -31.87 -4.55 -4.07
N ARG E 72 -30.81 -3.76 -3.91
CA ARG E 72 -29.80 -3.63 -4.97
C ARG E 72 -29.23 -4.99 -5.39
N PHE E 73 -28.98 -5.90 -4.42
CA PHE E 73 -28.46 -7.22 -4.79
C PHE E 73 -29.43 -7.97 -5.70
N ILE E 74 -30.74 -7.79 -5.51
CA ILE E 74 -31.70 -8.44 -6.41
C ILE E 74 -31.71 -7.76 -7.77
N GLN E 75 -31.58 -6.43 -7.82
CA GLN E 75 -31.48 -5.71 -9.09
C GLN E 75 -30.29 -6.21 -9.89
N LEU E 76 -29.13 -6.34 -9.25
CA LEU E 76 -27.95 -6.88 -9.92
C LEU E 76 -28.18 -8.31 -10.38
N ALA E 77 -28.89 -9.11 -9.57
CA ALA E 77 -29.19 -10.48 -9.92
C ALA E 77 -30.10 -10.57 -11.14
N LEU E 78 -31.13 -9.73 -11.19
CA LEU E 78 -32.01 -9.67 -12.36
C LEU E 78 -31.23 -9.30 -13.61
N LYS E 79 -30.26 -8.39 -13.48
CA LYS E 79 -29.39 -8.04 -14.59
C LYS E 79 -28.59 -9.26 -15.03
N ALA E 80 -27.92 -9.92 -14.09
CA ALA E 80 -27.05 -11.01 -14.44
C ALA E 80 -27.83 -12.19 -15.01
N THR E 81 -28.98 -12.51 -14.40
CA THR E 81 -29.71 -13.69 -14.86
C THR E 81 -30.36 -13.43 -16.22
N ARG E 82 -30.86 -12.22 -16.44
CA ARG E 82 -31.41 -11.90 -17.77
C ARG E 82 -30.36 -12.13 -18.84
N GLU E 83 -29.14 -11.64 -18.61
CA GLU E 83 -28.06 -11.88 -19.55
C GLU E 83 -27.84 -13.38 -19.78
N ALA E 84 -27.75 -14.14 -18.69
CA ALA E 84 -27.49 -15.57 -18.80
C ALA E 84 -28.66 -16.30 -19.44
N MET E 85 -29.90 -15.91 -19.12
CA MET E 85 -31.07 -16.56 -19.72
C MET E 85 -31.16 -16.26 -21.21
N LYS E 86 -30.86 -15.02 -21.61
CA LYS E 86 -30.83 -14.69 -23.03
C LYS E 86 -29.72 -15.45 -23.74
N ASP E 87 -28.50 -15.39 -23.19
CA ASP E 87 -27.36 -16.08 -23.74
C ASP E 87 -27.66 -17.57 -23.95
N SER E 88 -28.40 -18.18 -23.03
CA SER E 88 -28.67 -19.61 -23.13
C SER E 88 -29.59 -19.94 -24.29
N GLY E 89 -30.29 -18.95 -24.83
CA GLY E 89 -31.21 -19.21 -25.93
C GLY E 89 -32.47 -19.93 -25.52
N ILE E 90 -32.76 -20.04 -24.22
CA ILE E 90 -33.91 -20.82 -23.80
C ILE E 90 -35.22 -20.04 -23.83
N LEU E 91 -35.17 -18.70 -23.83
CA LEU E 91 -36.39 -17.91 -23.67
C LEU E 91 -37.27 -17.98 -24.91
N ASP E 92 -38.58 -17.95 -24.69
CA ASP E 92 -39.54 -18.00 -25.79
C ASP E 92 -39.73 -16.59 -26.35
N ALA E 93 -40.72 -16.41 -27.24
CA ALA E 93 -40.93 -15.13 -27.90
C ALA E 93 -41.25 -14.01 -26.91
N HIS E 94 -41.42 -14.33 -25.64
CA HIS E 94 -41.93 -13.39 -24.65
C HIS E 94 -40.98 -13.34 -23.46
N ASN E 95 -39.77 -13.85 -23.67
CA ASN E 95 -38.67 -13.77 -22.71
C ASN E 95 -39.01 -14.52 -21.43
N ARG E 96 -39.74 -15.62 -21.58
CA ARG E 96 -40.05 -16.55 -20.50
C ARG E 96 -39.56 -17.94 -20.90
N CYS E 97 -39.33 -18.74 -19.88
CA CYS E 97 -39.10 -20.16 -20.08
C CYS E 97 -40.35 -20.78 -20.68
N PRO E 98 -40.24 -21.58 -21.74
CA PRO E 98 -41.42 -22.21 -22.33
C PRO E 98 -42.20 -22.99 -21.27
N GLU E 99 -43.53 -23.04 -21.45
CA GLU E 99 -44.42 -23.56 -20.40
C GLU E 99 -44.18 -25.05 -20.17
N GLU E 100 -43.89 -25.79 -21.22
CA GLU E 100 -43.68 -27.23 -21.11
C GLU E 100 -42.34 -27.57 -20.45
N LEU E 101 -41.44 -26.62 -20.29
CA LEU E 101 -40.18 -26.81 -19.58
C LEU E 101 -40.15 -26.14 -18.21
N ALA E 102 -41.14 -25.31 -17.90
CA ALA E 102 -41.07 -24.42 -16.74
C ALA E 102 -41.05 -25.21 -15.43
N ASN E 103 -41.84 -26.28 -15.35
CA ASN E 103 -41.92 -27.06 -14.12
C ASN E 103 -40.61 -27.77 -13.77
N ARG E 104 -39.72 -27.96 -14.74
CA ARG E 104 -38.50 -28.70 -14.55
C ARG E 104 -37.26 -27.80 -14.61
N MET E 105 -37.46 -26.50 -14.58
CA MET E 105 -36.38 -25.54 -14.45
C MET E 105 -36.54 -24.83 -13.13
N GLY E 106 -35.54 -24.93 -12.27
CA GLY E 106 -35.55 -24.24 -11.01
C GLY E 106 -34.51 -23.13 -10.95
N VAL E 107 -34.35 -22.57 -9.76
CA VAL E 107 -33.37 -21.53 -9.51
C VAL E 107 -32.71 -21.83 -8.18
N SER E 108 -31.38 -21.68 -8.14
CA SER E 108 -30.58 -21.78 -6.92
C SER E 108 -29.86 -20.46 -6.75
N SER E 109 -30.21 -19.71 -5.71
CA SER E 109 -29.66 -18.38 -5.52
C SER E 109 -28.74 -18.37 -4.30
N GLY E 110 -27.78 -17.46 -4.33
CA GLY E 110 -26.87 -17.31 -3.21
C GLY E 110 -26.64 -15.86 -2.83
N SER E 111 -26.63 -15.58 -1.54
CA SER E 111 -26.15 -14.32 -1.00
C SER E 111 -25.76 -14.54 0.45
N GLY E 112 -24.83 -13.72 0.95
CA GLY E 112 -24.47 -13.78 2.35
C GLY E 112 -25.50 -13.15 3.28
N ILE E 113 -26.01 -11.97 2.92
CA ILE E 113 -26.92 -11.27 3.81
C ILE E 113 -28.08 -10.59 3.07
N GLY E 114 -27.96 -10.45 1.75
CA GLY E 114 -29.08 -9.90 0.98
C GLY E 114 -29.20 -8.40 1.16
N GLY E 115 -30.41 -7.92 1.42
CA GLY E 115 -30.68 -6.49 1.39
C GLY E 115 -30.31 -5.76 2.67
N LEU E 116 -29.01 -5.76 3.01
CA LEU E 116 -28.56 -5.15 4.25
C LEU E 116 -28.95 -3.67 4.33
N GLY E 117 -28.71 -2.93 3.24
CA GLY E 117 -29.08 -1.52 3.23
C GLY E 117 -30.55 -1.28 3.51
N ASN E 118 -31.42 -2.19 3.03
CA ASN E 118 -32.85 -2.05 3.26
C ASN E 118 -33.23 -2.36 4.71
N ILE E 119 -32.58 -3.37 5.31
CA ILE E 119 -32.81 -3.65 6.72
C ILE E 119 -32.39 -2.46 7.55
N GLU E 120 -31.22 -1.91 7.22
CA GLU E 120 -30.67 -0.78 7.95
C GLU E 120 -31.60 0.42 7.86
N ALA E 121 -32.07 0.75 6.65
CA ALA E 121 -32.96 1.89 6.47
C ALA E 121 -34.24 1.72 7.28
N ASN E 122 -34.88 0.55 7.18
CA ASN E 122 -36.16 0.40 7.85
C ASN E 122 -35.98 0.29 9.36
N SER E 123 -34.82 -0.20 9.81
CA SER E 123 -34.51 -0.21 11.24
C SER E 123 -34.47 1.20 11.80
N ILE E 124 -33.88 2.12 11.04
CA ILE E 124 -33.79 3.53 11.43
C ILE E 124 -35.15 4.21 11.33
N PHE E 125 -35.90 3.97 10.24
CA PHE E 125 -37.27 4.45 10.15
C PHE E 125 -38.07 4.06 11.39
N CYS E 126 -38.01 2.78 11.76
CA CYS E 126 -38.76 2.32 12.91
C CYS E 126 -38.20 2.90 14.19
N PHE E 127 -36.91 3.19 14.24
CA PHE E 127 -36.32 3.81 15.42
C PHE E 127 -36.56 5.32 15.48
N GLU E 128 -37.06 5.95 14.45
CA GLU E 128 -37.22 7.38 14.58
C GLU E 128 -38.68 7.81 14.58
N LYS E 129 -39.52 7.15 13.80
CA LYS E 129 -40.90 7.57 13.60
C LYS E 129 -41.89 6.46 13.94
N GLY E 130 -41.42 5.34 14.48
CA GLY E 130 -42.29 4.26 14.88
C GLY E 130 -42.55 3.25 13.77
N PRO E 131 -43.26 2.16 14.11
CA PRO E 131 -43.48 1.10 13.12
C PRO E 131 -44.35 1.50 11.94
N ARG E 132 -45.20 2.54 12.06
CA ARG E 132 -45.98 2.96 10.90
C ARG E 132 -45.09 3.41 9.75
N LYS E 133 -43.82 3.66 10.01
CA LYS E 133 -42.93 4.18 8.99
C LYS E 133 -42.11 3.10 8.30
N VAL E 134 -42.37 1.83 8.60
CA VAL E 134 -41.67 0.73 7.93
C VAL E 134 -42.36 0.50 6.60
N ASN E 135 -41.62 0.58 5.51
CA ASN E 135 -42.22 0.45 4.19
C ASN E 135 -42.77 -0.97 3.99
N PRO E 136 -43.97 -1.11 3.41
CA PRO E 136 -44.48 -2.46 3.14
C PRO E 136 -43.56 -3.28 2.24
N PHE E 137 -42.79 -2.65 1.37
CA PHE E 137 -41.90 -3.42 0.50
C PHE E 137 -40.58 -3.80 1.18
N PHE E 138 -40.43 -3.53 2.48
CA PHE E 138 -39.16 -3.82 3.17
C PHE E 138 -38.80 -5.31 3.09
N ILE E 139 -39.65 -6.19 3.64
CA ILE E 139 -39.25 -7.58 3.83
C ILE E 139 -38.89 -8.25 2.50
N THR E 140 -39.77 -8.16 1.50
CA THR E 140 -39.47 -8.85 0.25
C THR E 140 -38.38 -8.15 -0.55
N SER E 141 -37.97 -6.96 -0.17
CA SER E 141 -36.81 -6.35 -0.82
C SER E 141 -35.50 -6.85 -0.21
N ALA E 142 -35.53 -7.49 0.96
CA ALA E 142 -34.30 -7.79 1.70
C ALA E 142 -33.98 -9.27 1.86
N LEU E 143 -34.97 -10.17 1.75
CA LEU E 143 -34.72 -11.58 2.00
C LEU E 143 -33.85 -12.17 0.90
N VAL E 144 -32.85 -12.96 1.29
CA VAL E 144 -31.88 -13.49 0.34
C VAL E 144 -32.59 -14.31 -0.75
N ASN E 145 -33.61 -15.10 -0.39
CA ASN E 145 -34.26 -15.97 -1.37
C ASN E 145 -35.14 -15.22 -2.35
N MET E 146 -35.40 -13.94 -2.09
CA MET E 146 -36.11 -13.13 -3.06
C MET E 146 -35.30 -12.93 -4.36
N ILE E 147 -34.00 -13.28 -4.38
CA ILE E 147 -33.34 -13.43 -5.67
C ILE E 147 -34.05 -14.48 -6.51
N GLY E 148 -34.19 -15.69 -5.95
CA GLY E 148 -34.99 -16.71 -6.60
C GLY E 148 -36.44 -16.28 -6.76
N GLY E 149 -36.96 -15.51 -5.81
CA GLY E 149 -38.34 -15.02 -5.91
C GLY E 149 -38.58 -14.19 -7.15
N PHE E 150 -37.86 -13.07 -7.28
CA PHE E 150 -38.06 -12.19 -8.43
C PHE E 150 -37.64 -12.84 -9.74
N THR E 151 -36.53 -13.59 -9.75
CA THR E 151 -36.09 -14.19 -11.00
C THR E 151 -37.07 -15.25 -11.47
N SER E 152 -37.61 -16.06 -10.55
CA SER E 152 -38.54 -17.09 -11.00
C SER E 152 -39.80 -16.47 -11.58
N ILE E 153 -40.29 -15.36 -11.00
CA ILE E 153 -41.46 -14.68 -11.56
C ILE E 153 -41.13 -14.06 -12.91
N GLU E 154 -39.91 -13.54 -13.04
CA GLU E 154 -39.51 -12.84 -14.26
C GLU E 154 -39.38 -13.80 -15.45
N PHE E 155 -38.88 -15.02 -15.23
CA PHE E 155 -38.70 -15.99 -16.31
C PHE E 155 -39.71 -17.13 -16.27
N GLY E 156 -40.65 -17.12 -15.32
CA GLY E 156 -41.65 -18.17 -15.24
C GLY E 156 -41.09 -19.56 -15.02
N ILE E 157 -40.08 -19.69 -14.16
CA ILE E 157 -39.49 -21.00 -13.89
C ILE E 157 -40.03 -21.50 -12.57
N LYS E 158 -40.53 -22.72 -12.57
CA LYS E 158 -41.36 -23.24 -11.49
C LYS E 158 -40.78 -24.46 -10.83
N GLY E 159 -39.55 -24.85 -11.18
CA GLY E 159 -38.86 -25.94 -10.52
C GLY E 159 -38.39 -25.57 -9.13
N PRO E 160 -37.57 -26.44 -8.51
CA PRO E 160 -37.07 -26.16 -7.15
C PRO E 160 -36.48 -24.78 -7.02
N ASN E 161 -36.85 -24.08 -5.96
CA ASN E 161 -36.50 -22.68 -5.74
C ASN E 161 -35.72 -22.63 -4.42
N LEU E 162 -34.39 -22.61 -4.53
CA LEU E 162 -33.51 -22.86 -3.40
C LEU E 162 -32.56 -21.69 -3.19
N SER E 163 -32.08 -21.55 -1.97
CA SER E 163 -31.27 -20.39 -1.64
C SER E 163 -30.22 -20.77 -0.61
N SER E 164 -28.96 -20.51 -0.92
CA SER E 164 -27.83 -20.75 -0.03
C SER E 164 -27.38 -19.44 0.63
N VAL E 165 -27.06 -19.50 1.91
CA VAL E 165 -26.68 -18.30 2.64
C VAL E 165 -25.41 -18.56 3.46
N THR E 166 -24.48 -19.35 2.88
CA THR E 166 -23.25 -19.69 3.60
C THR E 166 -22.17 -18.63 3.38
N ALA E 167 -22.49 -17.41 3.81
CA ALA E 167 -21.54 -16.32 3.90
C ALA E 167 -20.75 -16.16 2.60
N CYS E 168 -19.42 -16.06 2.67
CA CYS E 168 -18.60 -15.77 1.43
C CYS E 168 -18.46 -17.02 0.55
N ALA E 169 -19.08 -18.13 0.93
CA ALA E 169 -19.07 -19.30 0.06
C ALA E 169 -20.44 -19.57 -0.58
N ALA E 170 -21.40 -18.65 -0.37
CA ALA E 170 -22.76 -18.87 -0.85
C ALA E 170 -22.83 -19.05 -2.36
N GLY E 171 -22.10 -18.23 -3.12
CA GLY E 171 -22.18 -18.33 -4.58
C GLY E 171 -21.75 -19.69 -5.10
N THR E 172 -20.83 -20.35 -4.39
CA THR E 172 -20.35 -21.66 -4.79
C THR E 172 -21.30 -22.75 -4.33
N HIS E 173 -21.82 -22.62 -3.10
CA HIS E 173 -22.82 -23.56 -2.64
C HIS E 173 -24.11 -23.47 -3.47
N ALA E 174 -24.41 -22.29 -4.03
CA ALA E 174 -25.59 -22.19 -4.89
C ALA E 174 -25.41 -23.04 -6.14
N ILE E 175 -24.20 -23.06 -6.70
CA ILE E 175 -23.91 -23.94 -7.84
C ILE E 175 -24.10 -25.39 -7.44
N ILE E 176 -23.56 -25.77 -6.28
CA ILE E 176 -23.53 -27.17 -5.90
C ILE E 176 -24.93 -27.69 -5.59
N GLU E 177 -25.73 -26.89 -4.88
CA GLU E 177 -27.11 -27.30 -4.62
C GLU E 177 -27.86 -27.50 -5.93
N ALA E 178 -27.59 -26.66 -6.92
CA ALA E 178 -28.20 -26.84 -8.24
C ALA E 178 -27.74 -28.15 -8.89
N VAL E 179 -26.44 -28.44 -8.83
CA VAL E 179 -25.92 -29.71 -9.35
C VAL E 179 -26.60 -30.90 -8.66
N LYS E 180 -26.63 -30.88 -7.32
CA LYS E 180 -27.28 -31.97 -6.59
C LYS E 180 -28.72 -32.16 -7.03
N THR E 181 -29.43 -31.07 -7.31
CA THR E 181 -30.85 -31.19 -7.66
C THR E 181 -31.01 -31.86 -9.01
N ILE E 182 -30.18 -31.49 -9.99
CA ILE E 182 -30.24 -32.15 -11.30
C ILE E 182 -29.78 -33.60 -11.18
N LEU E 183 -28.66 -33.84 -10.47
CA LEU E 183 -28.19 -35.21 -10.29
C LEU E 183 -29.28 -36.12 -9.74
N LEU E 184 -30.07 -35.64 -8.77
CA LEU E 184 -31.10 -36.48 -8.20
C LEU E 184 -32.41 -36.42 -8.99
N ASN E 185 -32.37 -35.86 -10.20
CA ASN E 185 -33.54 -35.81 -11.08
C ASN E 185 -34.66 -34.94 -10.52
N GLY E 186 -34.30 -33.97 -9.67
CA GLY E 186 -35.28 -33.00 -9.20
C GLY E 186 -35.53 -31.88 -10.17
N ALA E 187 -34.71 -31.80 -11.21
CA ALA E 187 -34.84 -30.78 -12.24
C ALA E 187 -34.02 -31.23 -13.44
N ASP E 188 -34.34 -30.65 -14.59
CA ASP E 188 -33.51 -30.82 -15.76
C ASP E 188 -32.60 -29.64 -16.01
N ARG E 189 -32.94 -28.47 -15.46
CA ARG E 189 -32.14 -27.26 -15.63
C ARG E 189 -32.28 -26.42 -14.39
N MET E 190 -31.23 -25.65 -14.08
CA MET E 190 -31.28 -24.73 -12.96
C MET E 190 -30.62 -23.43 -13.35
N LEU E 191 -31.32 -22.32 -13.11
CA LEU E 191 -30.67 -21.01 -13.09
C LEU E 191 -29.92 -20.89 -11.77
N VAL E 192 -28.63 -20.62 -11.83
CA VAL E 192 -27.81 -20.37 -10.66
C VAL E 192 -27.42 -18.90 -10.65
N VAL E 193 -27.50 -18.27 -9.49
CA VAL E 193 -27.06 -16.88 -9.38
C VAL E 193 -26.64 -16.58 -7.95
N GLY E 194 -25.44 -16.04 -7.79
CA GLY E 194 -25.00 -15.42 -6.55
C GLY E 194 -24.94 -13.91 -6.73
N ALA E 195 -25.49 -13.18 -5.75
CA ALA E 195 -25.55 -11.72 -5.86
C ALA E 195 -25.36 -11.10 -4.48
N GLU E 196 -24.59 -10.02 -4.42
CA GLU E 196 -24.35 -9.31 -3.17
C GLU E 196 -24.15 -7.83 -3.41
N SER E 197 -24.73 -7.03 -2.53
CA SER E 197 -24.53 -5.58 -2.56
C SER E 197 -24.69 -5.11 -1.12
N THR E 198 -23.56 -4.89 -0.45
CA THR E 198 -23.58 -4.51 0.95
C THR E 198 -22.75 -3.25 1.22
N ILE E 199 -22.58 -2.39 0.22
CA ILE E 199 -21.78 -1.19 0.42
C ILE E 199 -22.67 -0.13 1.05
N CYS E 200 -22.70 -0.10 2.37
CA CYS E 200 -23.61 0.76 3.13
C CYS E 200 -22.97 0.97 4.50
N PRO E 201 -23.46 1.92 5.29
CA PRO E 201 -22.75 2.24 6.55
C PRO E 201 -22.60 1.02 7.46
N VAL E 202 -23.68 0.32 7.79
CA VAL E 202 -23.52 -0.78 8.73
C VAL E 202 -22.75 -1.95 8.10
N GLY E 203 -22.73 -2.07 6.77
CA GLY E 203 -21.96 -3.12 6.15
C GLY E 203 -20.46 -2.88 6.27
N ILE E 204 -20.01 -1.68 5.88
CA ILE E 204 -18.60 -1.34 6.03
C ILE E 204 -18.20 -1.36 7.51
N GLY E 205 -19.03 -0.78 8.38
CA GLY E 205 -18.66 -0.72 9.78
C GLY E 205 -18.55 -2.09 10.41
N GLY E 206 -19.41 -3.02 9.99
CA GLY E 206 -19.35 -4.36 10.52
C GLY E 206 -18.00 -5.03 10.28
N PHE E 207 -17.48 -4.87 9.07
CA PHE E 207 -16.23 -5.52 8.71
C PHE E 207 -15.01 -4.73 9.18
N ALA E 208 -15.13 -3.40 9.25
CA ALA E 208 -14.08 -2.58 9.85
C ALA E 208 -13.91 -2.90 11.33
N SER E 209 -15.03 -3.06 12.05
CA SER E 209 -14.94 -3.24 13.49
C SER E 209 -14.26 -4.54 13.89
N ILE E 210 -14.16 -5.50 12.98
CA ILE E 210 -13.33 -6.69 13.21
C ILE E 210 -12.02 -6.63 12.42
N LYS E 211 -11.66 -5.46 11.89
CA LYS E 211 -10.37 -5.26 11.26
C LYS E 211 -10.16 -6.18 10.06
N ALA E 212 -11.25 -6.52 9.36
CA ALA E 212 -11.18 -7.37 8.18
C ALA E 212 -10.87 -6.61 6.89
N LEU E 213 -11.13 -5.31 6.84
CA LEU E 213 -11.05 -4.56 5.59
C LEU E 213 -9.71 -3.83 5.44
N SER E 214 -9.25 -3.69 4.20
CA SER E 214 -8.08 -2.87 3.93
C SER E 214 -8.39 -1.40 4.16
N THR E 215 -7.46 -0.69 4.81
CA THR E 215 -7.61 0.74 5.05
C THR E 215 -6.73 1.61 4.15
N ARG E 216 -6.22 1.05 3.05
CA ARG E 216 -5.42 1.84 2.10
C ARG E 216 -6.34 2.71 1.23
N ASN E 217 -6.91 3.73 1.87
CA ASN E 217 -7.94 4.55 1.23
C ASN E 217 -7.37 5.49 0.16
N ASP E 218 -6.10 5.83 0.27
CA ASP E 218 -5.45 6.75 -0.67
C ASP E 218 -5.30 6.15 -2.06
N GLU E 219 -5.08 4.83 -2.15
CA GLU E 219 -4.89 4.15 -3.44
C GLU E 219 -5.86 2.97 -3.55
N PRO E 220 -7.10 3.25 -3.94
CA PRO E 220 -8.08 2.14 -4.07
C PRO E 220 -7.67 1.09 -5.09
N LYS E 221 -6.81 1.42 -6.05
CA LYS E 221 -6.38 0.46 -7.06
C LYS E 221 -5.25 -0.46 -6.58
N LYS E 222 -4.60 -0.14 -5.48
CA LYS E 222 -3.58 -1.01 -4.90
C LYS E 222 -4.03 -1.65 -3.59
N ALA E 223 -5.26 -1.41 -3.16
CA ALA E 223 -5.69 -1.90 -1.85
C ALA E 223 -5.80 -3.42 -1.83
N SER E 224 -6.39 -4.01 -2.87
CA SER E 224 -6.65 -5.43 -2.93
C SER E 224 -5.51 -6.13 -3.64
N ARG E 225 -4.80 -7.02 -2.93
CA ARG E 225 -3.55 -7.59 -3.42
C ARG E 225 -3.40 -9.01 -2.88
N PRO E 226 -4.21 -9.95 -3.37
CA PRO E 226 -4.18 -11.32 -2.83
C PRO E 226 -2.78 -11.90 -2.91
N PHE E 227 -2.37 -12.56 -1.82
CA PHE E 227 -1.10 -13.28 -1.70
C PHE E 227 0.12 -12.35 -1.60
N ASP E 228 -0.06 -11.04 -1.83
CA ASP E 228 1.05 -10.11 -1.70
C ASP E 228 1.44 -9.92 -0.23
N LYS E 229 2.71 -9.56 -0.02
CA LYS E 229 3.22 -9.38 1.34
C LYS E 229 2.63 -8.14 2.02
N ASP E 230 2.15 -7.17 1.24
CA ASP E 230 1.55 -5.96 1.80
C ASP E 230 0.03 -6.00 1.82
N ARG E 231 -0.58 -7.17 1.70
CA ARG E 231 -2.02 -7.25 1.88
C ARG E 231 -2.38 -6.93 3.32
N ASN E 232 -3.49 -6.23 3.51
CA ASN E 232 -3.89 -5.83 4.86
C ASN E 232 -5.42 -5.80 4.97
N GLY E 233 -6.10 -6.76 4.34
CA GLY E 233 -7.53 -6.89 4.47
C GLY E 233 -8.27 -6.83 3.14
N PHE E 234 -9.49 -7.38 3.08
CA PHE E 234 -10.17 -7.38 1.79
C PHE E 234 -10.80 -6.03 1.51
N VAL E 235 -11.18 -5.85 0.26
CA VAL E 235 -11.96 -4.70 -0.21
C VAL E 235 -13.32 -5.22 -0.64
N MET E 236 -14.37 -4.68 -0.05
CA MET E 236 -15.70 -5.17 -0.33
C MET E 236 -16.11 -4.84 -1.76
N GLY E 237 -16.62 -5.84 -2.48
CA GLY E 237 -17.14 -5.61 -3.81
C GLY E 237 -18.61 -5.96 -3.92
N GLU E 238 -19.31 -5.39 -4.90
CA GLU E 238 -20.69 -5.72 -5.19
C GLU E 238 -20.78 -6.31 -6.59
N GLY E 239 -21.79 -7.16 -6.82
CA GLY E 239 -21.99 -7.73 -8.14
C GLY E 239 -22.81 -8.99 -8.09
N ALA E 240 -23.00 -9.59 -9.27
CA ALA E 240 -23.71 -10.86 -9.39
C ALA E 240 -23.20 -11.66 -10.58
N GLY E 241 -23.12 -12.97 -10.41
CA GLY E 241 -22.82 -13.88 -11.49
C GLY E 241 -23.92 -14.92 -11.60
N ALA E 242 -24.13 -15.42 -12.82
CA ALA E 242 -25.23 -16.35 -13.09
C ALA E 242 -24.82 -17.40 -14.11
N LEU E 243 -25.30 -18.63 -13.89
CA LEU E 243 -25.11 -19.72 -14.82
C LEU E 243 -26.45 -20.38 -15.08
N VAL E 244 -26.60 -20.92 -16.29
CA VAL E 244 -27.68 -21.87 -16.57
C VAL E 244 -27.06 -23.26 -16.69
N LEU E 245 -27.48 -24.17 -15.81
CA LEU E 245 -27.04 -25.55 -15.83
C LEU E 245 -28.12 -26.41 -16.48
N GLU E 246 -27.71 -27.38 -17.27
CA GLU E 246 -28.65 -28.23 -17.98
C GLU E 246 -28.11 -29.65 -18.03
N GLU E 247 -28.99 -30.62 -17.77
CA GLU E 247 -28.64 -32.00 -18.03
C GLU E 247 -28.21 -32.15 -19.50
N TYR E 248 -27.19 -32.98 -19.72
CA TYR E 248 -26.40 -32.95 -20.96
C TYR E 248 -27.25 -33.29 -22.18
N GLU E 249 -28.09 -34.33 -22.08
CA GLU E 249 -28.90 -34.73 -23.22
C GLU E 249 -29.95 -33.68 -23.55
N SER E 250 -30.57 -33.10 -22.52
CA SER E 250 -31.53 -32.03 -22.75
C SER E 250 -30.90 -30.86 -23.51
N ALA E 251 -29.65 -30.53 -23.19
CA ALA E 251 -28.97 -29.44 -23.89
C ALA E 251 -28.67 -29.81 -25.34
N LYS E 252 -28.28 -31.06 -25.59
CA LYS E 252 -28.00 -31.50 -26.95
C LYS E 252 -29.27 -31.46 -27.80
N LYS E 253 -30.36 -32.01 -27.26
CA LYS E 253 -31.62 -32.07 -27.98
C LYS E 253 -32.06 -30.71 -28.50
N ARG E 254 -32.01 -29.68 -27.65
CA ARG E 254 -32.43 -28.35 -28.08
C ARG E 254 -31.30 -27.53 -28.72
N GLY E 255 -30.15 -28.15 -28.96
CA GLY E 255 -29.06 -27.45 -29.61
C GLY E 255 -28.46 -26.32 -28.80
N ALA E 256 -28.12 -26.60 -27.54
CA ALA E 256 -27.67 -25.51 -26.64
C ALA E 256 -26.17 -25.21 -26.81
N LYS E 257 -25.79 -23.95 -26.59
CA LYS E 257 -24.35 -23.60 -26.58
C LYS E 257 -23.79 -24.25 -25.32
N ILE E 258 -22.58 -24.81 -25.38
CA ILE E 258 -22.05 -25.56 -24.24
C ILE E 258 -20.70 -24.96 -23.84
N TYR E 259 -20.70 -24.21 -22.75
CA TYR E 259 -19.48 -23.52 -22.31
C TYR E 259 -18.53 -24.49 -21.62
N ALA E 260 -19.08 -25.46 -20.91
CA ALA E 260 -18.31 -26.31 -20.03
C ALA E 260 -19.21 -27.43 -19.53
N GLU E 261 -18.60 -28.44 -18.94
CA GLU E 261 -19.31 -29.52 -18.26
C GLU E 261 -18.92 -29.51 -16.80
N PHE E 262 -19.91 -29.67 -15.93
CA PHE E 262 -19.62 -29.81 -14.51
C PHE E 262 -18.85 -31.08 -14.25
N ALA E 263 -17.76 -30.99 -13.50
CA ALA E 263 -16.91 -32.14 -13.23
C ALA E 263 -16.93 -32.63 -11.79
N GLY E 264 -16.90 -31.75 -10.80
CA GLY E 264 -16.78 -32.22 -9.43
C GLY E 264 -17.02 -31.11 -8.44
N TYR E 265 -17.32 -31.51 -7.21
CA TYR E 265 -17.53 -30.53 -6.14
C TYR E 265 -17.09 -31.13 -4.82
N GLY E 266 -16.85 -30.24 -3.85
CA GLY E 266 -16.51 -30.63 -2.50
C GLY E 266 -17.01 -29.64 -1.50
N GLU E 267 -17.49 -30.13 -0.35
CA GLU E 267 -18.02 -29.28 0.70
C GLU E 267 -17.60 -29.83 2.06
N SER E 268 -17.21 -28.91 2.94
CA SER E 268 -16.72 -29.31 4.25
C SER E 268 -16.89 -28.14 5.22
N GLY E 269 -16.73 -28.45 6.50
CA GLY E 269 -16.67 -27.43 7.53
C GLY E 269 -15.43 -27.60 8.39
N ASP E 270 -14.84 -26.48 8.82
CA ASP E 270 -13.64 -26.57 9.66
C ASP E 270 -13.98 -27.03 11.08
N ALA E 271 -15.16 -26.65 11.61
CA ALA E 271 -15.49 -26.85 13.02
C ALA E 271 -14.37 -26.33 13.92
N ASN E 272 -13.77 -25.22 13.51
CA ASN E 272 -12.65 -24.66 14.26
C ASN E 272 -12.99 -23.29 14.84
N HIS E 273 -13.22 -22.30 13.99
CA HIS E 273 -13.37 -20.92 14.43
C HIS E 273 -14.42 -20.20 13.58
N ILE E 274 -15.05 -19.18 14.16
CA ILE E 274 -16.16 -18.51 13.49
C ILE E 274 -15.73 -17.56 12.40
N THR E 275 -14.47 -17.10 12.38
CA THR E 275 -13.99 -16.21 11.32
C THR E 275 -12.64 -16.63 10.77
N ALA E 276 -11.75 -17.11 11.62
CA ALA E 276 -10.40 -17.51 11.27
C ALA E 276 -10.43 -18.85 10.55
N PRO E 277 -9.55 -19.06 9.58
CA PRO E 277 -9.49 -20.36 8.90
C PRO E 277 -8.85 -21.41 9.79
N ALA E 278 -9.26 -22.65 9.56
CA ALA E 278 -8.68 -23.82 10.21
C ALA E 278 -7.15 -23.81 10.00
N PRO E 279 -6.38 -24.29 10.96
CA PRO E 279 -4.92 -24.33 10.75
C PRO E 279 -4.58 -25.20 9.56
N GLU E 280 -3.64 -24.72 8.74
CA GLU E 280 -3.19 -25.37 7.50
C GLU E 280 -4.29 -25.45 6.45
N GLY E 281 -5.35 -24.66 6.60
CA GLY E 281 -6.48 -24.76 5.68
C GLY E 281 -7.08 -26.16 5.64
N GLU E 282 -7.11 -26.83 6.79
CA GLU E 282 -7.48 -28.24 6.85
C GLU E 282 -8.85 -28.49 6.22
N GLY E 283 -9.83 -27.64 6.54
CA GLY E 283 -11.15 -27.82 5.96
C GLY E 283 -11.14 -27.60 4.46
N ALA E 284 -10.45 -26.56 4.01
CA ALA E 284 -10.34 -26.28 2.59
C ALA E 284 -9.65 -27.42 1.85
N PHE E 285 -8.69 -28.09 2.49
CA PHE E 285 -7.98 -29.19 1.87
C PHE E 285 -8.95 -30.32 1.52
N ARG E 286 -9.81 -30.71 2.47
CA ARG E 286 -10.76 -31.80 2.26
C ARG E 286 -11.75 -31.49 1.15
N ALA E 287 -12.25 -30.26 1.10
CA ALA E 287 -13.23 -29.93 0.06
C ALA E 287 -12.56 -30.00 -1.31
N MET E 288 -11.33 -29.49 -1.43
CA MET E 288 -10.61 -29.53 -2.69
C MET E 288 -10.29 -30.96 -3.11
N LYS E 289 -9.82 -31.78 -2.16
CA LYS E 289 -9.53 -33.18 -2.47
C LYS E 289 -10.77 -33.93 -2.93
N MET E 290 -11.92 -33.69 -2.27
CA MET E 290 -13.15 -34.36 -2.68
C MET E 290 -13.58 -33.93 -4.08
N ALA E 291 -13.47 -32.64 -4.39
CA ALA E 291 -13.81 -32.20 -5.74
C ALA E 291 -12.85 -32.80 -6.78
N LEU E 292 -11.55 -32.86 -6.45
CA LEU E 292 -10.59 -33.44 -7.38
C LEU E 292 -10.82 -34.94 -7.54
N GLU E 293 -11.07 -35.64 -6.44
CA GLU E 293 -11.36 -37.06 -6.53
C GLU E 293 -12.66 -37.33 -7.29
N MET E 294 -13.60 -36.39 -7.25
CA MET E 294 -14.85 -36.55 -8.01
C MET E 294 -14.67 -36.21 -9.48
N ALA E 295 -13.88 -35.18 -9.79
CA ALA E 295 -13.82 -34.74 -11.17
C ALA E 295 -12.94 -35.67 -12.00
N LYS E 296 -11.83 -36.14 -11.42
CA LYS E 296 -10.91 -37.06 -12.10
C LYS E 296 -10.36 -36.45 -13.40
N VAL E 297 -10.04 -35.16 -13.37
CA VAL E 297 -9.46 -34.48 -14.51
C VAL E 297 -8.26 -33.68 -14.02
N GLU E 298 -7.38 -33.35 -14.96
CA GLU E 298 -6.23 -32.53 -14.64
C GLU E 298 -6.64 -31.07 -14.67
N VAL E 299 -6.59 -30.41 -13.51
CA VAL E 299 -6.93 -29.00 -13.41
C VAL E 299 -5.74 -28.16 -13.88
N GLY E 300 -5.98 -27.28 -14.85
CA GLY E 300 -4.92 -26.43 -15.36
C GLY E 300 -4.92 -25.04 -14.76
N TYR E 301 -5.98 -24.68 -14.02
CA TYR E 301 -6.10 -23.32 -13.51
C TYR E 301 -7.00 -23.33 -12.28
N VAL E 302 -6.60 -22.56 -11.27
CA VAL E 302 -7.34 -22.44 -10.02
C VAL E 302 -7.65 -20.97 -9.79
N ASN E 303 -8.93 -20.63 -9.67
CA ASN E 303 -9.33 -19.31 -9.19
C ASN E 303 -9.50 -19.41 -7.68
N ALA E 304 -8.55 -18.83 -6.95
CA ALA E 304 -8.58 -18.96 -5.52
C ALA E 304 -9.58 -17.99 -4.92
N HIS E 305 -10.10 -18.35 -3.74
CA HIS E 305 -10.84 -17.41 -2.91
C HIS E 305 -10.08 -16.09 -2.77
N GLY E 306 -8.86 -16.17 -2.21
CA GLY E 306 -7.88 -15.10 -2.22
C GLY E 306 -8.41 -13.71 -1.94
N THR E 307 -8.90 -13.48 -0.72
CA THR E 307 -9.54 -12.19 -0.37
C THR E 307 -8.52 -11.11 0.04
N SER E 308 -7.22 -11.39 -0.07
CA SER E 308 -6.17 -10.39 0.24
C SER E 308 -6.10 -10.13 1.75
N THR E 309 -6.47 -11.12 2.57
CA THR E 309 -6.34 -11.00 4.04
C THR E 309 -5.13 -11.84 4.49
N HIS E 310 -4.49 -11.49 5.60
CA HIS E 310 -3.29 -12.24 5.97
C HIS E 310 -3.60 -13.72 6.13
N TYR E 311 -4.60 -14.05 6.95
CA TYR E 311 -4.79 -15.46 7.27
C TYR E 311 -5.41 -16.25 6.13
N ASN E 312 -6.35 -15.68 5.36
CA ASN E 312 -6.99 -16.47 4.30
C ASN E 312 -6.00 -16.86 3.23
N ASP E 313 -5.31 -15.87 2.65
CA ASP E 313 -4.40 -16.16 1.54
C ASP E 313 -3.30 -17.12 1.96
N LEU E 314 -2.77 -16.95 3.17
CA LEU E 314 -1.80 -17.89 3.71
C LEU E 314 -2.40 -19.29 3.76
N TYR E 315 -3.51 -19.46 4.49
CA TYR E 315 -4.01 -20.81 4.72
C TYR E 315 -4.56 -21.44 3.46
N GLU E 316 -5.06 -20.62 2.52
CA GLU E 316 -5.46 -21.18 1.23
C GLU E 316 -4.25 -21.69 0.46
N SER E 317 -3.15 -20.92 0.46
CA SER E 317 -1.93 -21.40 -0.20
C SER E 317 -1.41 -22.69 0.43
N ILE E 318 -1.45 -22.79 1.76
CA ILE E 318 -0.99 -24.01 2.40
C ILE E 318 -1.86 -25.19 1.98
N ALA E 319 -3.18 -25.01 1.97
CA ALA E 319 -4.07 -26.09 1.57
C ALA E 319 -3.84 -26.47 0.10
N LEU E 320 -3.56 -25.48 -0.75
CA LEU E 320 -3.33 -25.79 -2.16
C LEU E 320 -2.12 -26.69 -2.35
N LYS E 321 -1.01 -26.41 -1.64
CA LYS E 321 0.17 -27.25 -1.86
C LYS E 321 0.01 -28.61 -1.21
N ASN E 322 -0.69 -28.67 -0.08
CA ASN E 322 -0.94 -29.94 0.54
C ASN E 322 -1.82 -30.83 -0.33
N VAL E 323 -2.83 -30.25 -1.00
CA VAL E 323 -3.75 -31.12 -1.75
C VAL E 323 -3.12 -31.58 -3.06
N PHE E 324 -2.31 -30.74 -3.70
CA PHE E 324 -1.71 -31.14 -4.96
C PHE E 324 -0.37 -31.87 -4.75
N GLY E 325 0.21 -31.78 -3.55
CA GLY E 325 1.43 -32.50 -3.22
C GLY E 325 2.60 -31.61 -2.86
N SER E 326 2.85 -30.61 -3.69
CA SER E 326 3.92 -29.66 -3.42
C SER E 326 3.57 -28.37 -4.16
N LYS E 327 4.33 -27.32 -3.85
CA LYS E 327 4.13 -26.06 -4.56
C LYS E 327 4.39 -26.20 -6.05
N GLU E 328 5.28 -27.12 -6.43
CA GLU E 328 5.53 -27.34 -7.85
C GLU E 328 4.37 -28.05 -8.53
N LYS E 329 3.59 -28.82 -7.78
CA LYS E 329 2.50 -29.57 -8.39
C LYS E 329 1.17 -28.81 -8.39
N VAL E 330 1.12 -27.63 -7.78
CA VAL E 330 -0.08 -26.79 -7.83
C VAL E 330 -0.22 -26.17 -9.22
N PRO E 331 -1.38 -26.28 -9.87
CA PRO E 331 -1.56 -25.61 -11.17
C PRO E 331 -1.47 -24.11 -11.01
N PRO E 332 -1.38 -23.35 -12.11
CA PRO E 332 -1.40 -21.88 -11.97
C PRO E 332 -2.66 -21.42 -11.27
N VAL E 333 -2.48 -20.47 -10.35
CA VAL E 333 -3.53 -19.98 -9.47
C VAL E 333 -3.66 -18.48 -9.67
N SER E 334 -4.88 -17.95 -9.57
CA SER E 334 -5.00 -16.52 -9.37
C SER E 334 -6.29 -16.20 -8.61
N SER E 335 -6.27 -15.09 -7.89
CA SER E 335 -7.48 -14.47 -7.36
C SER E 335 -7.76 -13.19 -8.13
N THR E 336 -9.01 -13.00 -8.54
CA THR E 336 -9.44 -11.79 -9.21
C THR E 336 -10.09 -10.81 -8.26
N ALA E 337 -9.92 -11.01 -6.95
CA ALA E 337 -10.45 -10.05 -5.98
C ALA E 337 -9.67 -8.76 -6.01
N GLY E 338 -8.40 -8.79 -6.44
CA GLY E 338 -7.68 -7.56 -6.73
C GLY E 338 -8.42 -6.67 -7.72
N GLN E 339 -8.94 -7.28 -8.80
CA GLN E 339 -9.60 -6.51 -9.85
C GLN E 339 -10.97 -5.97 -9.39
N ILE E 340 -11.84 -6.84 -8.87
CA ILE E 340 -13.22 -6.44 -8.63
C ILE E 340 -13.58 -6.41 -7.15
N GLY E 341 -12.61 -6.57 -6.26
CA GLY E 341 -12.90 -6.73 -4.85
C GLY E 341 -13.39 -8.13 -4.56
N HIS E 342 -13.47 -8.45 -3.28
CA HIS E 342 -14.15 -9.67 -2.86
C HIS E 342 -15.64 -9.38 -2.73
N CYS E 343 -16.45 -10.13 -3.48
CA CYS E 343 -17.88 -9.83 -3.54
C CYS E 343 -18.70 -10.76 -2.65
N LEU E 344 -18.10 -11.28 -1.58
CA LEU E 344 -18.83 -11.96 -0.50
C LEU E 344 -19.66 -13.11 -1.07
N GLY E 345 -20.98 -13.14 -0.83
CA GLY E 345 -21.77 -14.27 -1.28
C GLY E 345 -21.81 -14.42 -2.79
N ALA E 346 -21.58 -13.34 -3.51
CA ALA E 346 -21.59 -13.40 -4.96
C ALA E 346 -20.28 -13.94 -5.54
N ALA E 347 -19.19 -13.95 -4.77
CA ALA E 347 -17.88 -14.24 -5.35
C ALA E 347 -17.83 -15.60 -6.02
N GLY E 348 -18.40 -16.63 -5.38
CA GLY E 348 -18.36 -17.97 -5.96
C GLY E 348 -19.02 -18.07 -7.32
N ALA E 349 -20.07 -17.27 -7.54
CA ALA E 349 -20.74 -17.28 -8.85
C ALA E 349 -19.97 -16.49 -9.89
N LEU E 350 -19.51 -15.29 -9.51
CA LEU E 350 -18.66 -14.50 -10.38
C LEU E 350 -17.42 -15.28 -10.79
N GLU E 351 -16.79 -15.93 -9.81
CA GLU E 351 -15.51 -16.56 -10.07
C GLU E 351 -15.63 -17.85 -10.87
N ALA E 352 -16.81 -18.50 -10.87
CA ALA E 352 -17.03 -19.61 -11.78
C ALA E 352 -17.19 -19.12 -13.22
N VAL E 353 -17.95 -18.04 -13.44
CA VAL E 353 -18.06 -17.47 -14.79
C VAL E 353 -16.68 -17.08 -15.30
N ILE E 354 -15.93 -16.35 -14.48
CA ILE E 354 -14.57 -15.93 -14.81
C ILE E 354 -13.72 -17.15 -15.17
N SER E 355 -13.81 -18.24 -14.39
CA SER E 355 -12.93 -19.38 -14.60
C SER E 355 -13.28 -20.12 -15.89
N ILE E 356 -14.58 -20.28 -16.16
CA ILE E 356 -15.00 -20.95 -17.37
C ILE E 356 -14.61 -20.13 -18.60
N MET E 357 -14.73 -18.80 -18.50
CA MET E 357 -14.34 -17.93 -19.59
C MET E 357 -12.83 -17.96 -19.81
N ALA E 358 -12.07 -18.04 -18.71
CA ALA E 358 -10.63 -18.21 -18.84
C ALA E 358 -10.30 -19.47 -19.63
N MET E 359 -11.01 -20.56 -19.34
CA MET E 359 -10.83 -21.82 -20.06
C MET E 359 -11.30 -21.70 -21.50
N ASN E 360 -12.48 -21.10 -21.71
CA ASN E 360 -13.02 -20.92 -23.07
C ASN E 360 -12.03 -20.22 -23.98
N GLN E 361 -11.32 -19.24 -23.45
CA GLN E 361 -10.50 -18.33 -24.23
C GLN E 361 -9.01 -18.61 -24.14
N GLY E 362 -8.61 -19.60 -23.34
CA GLY E 362 -7.19 -19.84 -23.15
C GLY E 362 -6.43 -18.71 -22.50
N ILE E 363 -7.13 -17.81 -21.82
CA ILE E 363 -6.54 -16.63 -21.17
C ILE E 363 -6.77 -16.73 -19.68
N LEU E 364 -5.70 -16.95 -18.91
CA LEU E 364 -5.79 -17.04 -17.46
C LEU E 364 -5.57 -15.66 -16.85
N PRO E 365 -6.55 -15.08 -16.18
CA PRO E 365 -6.41 -13.71 -15.67
C PRO E 365 -5.39 -13.65 -14.54
N PRO E 366 -4.77 -12.49 -14.28
CA PRO E 366 -3.70 -12.44 -13.28
C PRO E 366 -4.09 -11.93 -11.89
N THR E 367 -3.30 -12.29 -10.87
CA THR E 367 -3.52 -11.69 -9.53
C THR E 367 -2.79 -10.35 -9.59
N ILE E 368 -3.51 -9.23 -9.51
CA ILE E 368 -2.87 -7.91 -9.70
C ILE E 368 -2.22 -7.40 -8.41
N ASN E 369 -1.47 -6.31 -8.51
CA ASN E 369 -0.83 -5.68 -7.33
C ASN E 369 0.17 -6.61 -6.65
N GLN E 370 0.87 -7.44 -7.43
CA GLN E 370 1.93 -8.28 -6.90
C GLN E 370 3.22 -7.48 -6.94
N GLU E 371 3.62 -6.93 -5.79
CA GLU E 371 4.77 -6.06 -5.71
C GLU E 371 5.86 -6.58 -4.79
N THR E 372 5.49 -7.29 -3.73
CA THR E 372 6.44 -7.89 -2.79
C THR E 372 6.06 -9.35 -2.58
N PRO E 373 6.88 -10.31 -3.02
CA PRO E 373 6.60 -11.72 -2.74
C PRO E 373 6.45 -11.95 -1.25
N ASP E 374 5.45 -12.75 -0.88
CA ASP E 374 5.33 -13.21 0.50
C ASP E 374 5.99 -14.58 0.58
N PRO E 375 7.10 -14.72 1.31
CA PRO E 375 7.78 -16.04 1.35
C PRO E 375 6.86 -17.18 1.78
N GLU E 376 5.88 -16.91 2.63
CA GLU E 376 4.91 -17.94 3.01
C GLU E 376 3.91 -18.24 1.90
N CYS E 377 3.68 -17.30 0.98
CA CYS E 377 2.75 -17.49 -0.15
C CYS E 377 3.58 -17.68 -1.42
N ASP E 378 4.04 -18.91 -1.66
CA ASP E 378 5.11 -19.22 -2.61
C ASP E 378 4.62 -19.96 -3.86
N LEU E 379 3.40 -19.71 -4.29
CA LEU E 379 2.86 -20.36 -5.47
C LEU E 379 3.00 -19.45 -6.69
N ASP E 380 2.59 -19.96 -7.84
CA ASP E 380 2.54 -19.18 -9.08
C ASP E 380 1.16 -18.56 -9.16
N TYR E 381 1.08 -17.27 -8.89
CA TYR E 381 -0.18 -16.56 -8.81
C TYR E 381 -0.49 -15.76 -10.07
N ILE E 382 0.13 -16.14 -11.20
CA ILE E 382 -0.05 -15.36 -12.45
C ILE E 382 0.00 -13.88 -12.06
N PRO E 383 1.17 -13.35 -11.66
CA PRO E 383 1.25 -11.97 -11.14
C PRO E 383 1.13 -10.80 -12.11
N ASN E 384 0.12 -9.93 -11.91
CA ASN E 384 -0.01 -8.67 -12.72
C ASN E 384 -0.35 -8.94 -14.19
N ALA E 385 0.35 -9.85 -14.85
CA ALA E 385 0.13 -10.04 -16.31
C ALA E 385 -0.70 -11.30 -16.58
N ALA E 386 -1.67 -11.20 -17.49
CA ALA E 386 -2.49 -12.38 -17.88
C ALA E 386 -1.60 -13.39 -18.59
N ARG E 387 -1.98 -14.67 -18.55
CA ARG E 387 -1.18 -15.72 -19.18
C ARG E 387 -2.00 -16.45 -20.23
N GLU E 388 -1.38 -16.64 -21.40
CA GLU E 388 -1.98 -17.42 -22.47
C GLU E 388 -1.63 -18.88 -22.23
N LYS E 389 -2.64 -19.68 -21.94
CA LYS E 389 -2.43 -21.10 -21.73
C LYS E 389 -3.77 -21.80 -21.88
N GLN E 390 -3.80 -22.84 -22.70
CA GLN E 390 -4.98 -23.68 -22.75
C GLN E 390 -5.01 -24.58 -21.52
N VAL E 391 -6.20 -24.70 -20.93
CA VAL E 391 -6.44 -25.64 -19.85
C VAL E 391 -7.67 -26.45 -20.23
N ASP E 392 -7.76 -27.64 -19.67
CA ASP E 392 -8.92 -28.48 -19.91
C ASP E 392 -9.86 -28.58 -18.72
N ALA E 393 -9.48 -28.05 -17.55
CA ALA E 393 -10.32 -28.05 -16.37
C ALA E 393 -9.90 -26.90 -15.46
N VAL E 394 -10.89 -26.28 -14.79
CA VAL E 394 -10.69 -25.17 -13.87
C VAL E 394 -11.37 -25.47 -12.54
N MET E 395 -10.76 -24.99 -11.46
CA MET E 395 -11.27 -25.20 -10.11
C MET E 395 -11.43 -23.85 -9.44
N SER E 396 -12.54 -23.70 -8.71
CA SER E 396 -12.86 -22.45 -8.01
C SER E 396 -13.13 -22.76 -6.55
N ASN E 397 -12.48 -22.01 -5.65
CA ASN E 397 -12.56 -22.21 -4.20
C ASN E 397 -13.38 -21.09 -3.56
N SER E 398 -14.18 -21.45 -2.54
CA SER E 398 -14.89 -20.45 -1.75
C SER E 398 -14.96 -20.92 -0.31
N PHE E 399 -14.69 -20.00 0.62
CA PHE E 399 -14.80 -20.28 2.04
C PHE E 399 -15.56 -19.15 2.72
N GLY E 400 -16.25 -19.48 3.82
CA GLY E 400 -17.04 -18.49 4.52
C GLY E 400 -16.87 -18.56 6.03
N PHE E 401 -17.21 -17.44 6.68
CA PHE E 401 -17.40 -17.42 8.11
C PHE E 401 -18.25 -18.61 8.55
N GLY E 402 -18.01 -19.07 9.77
CA GLY E 402 -18.56 -20.34 10.18
C GLY E 402 -17.73 -21.51 9.74
N GLY E 403 -16.59 -21.28 9.10
CA GLY E 403 -15.73 -22.35 8.62
C GLY E 403 -16.30 -23.22 7.52
N THR E 404 -17.19 -22.68 6.68
CA THR E 404 -17.83 -23.48 5.65
C THR E 404 -17.09 -23.32 4.31
N ASN E 405 -16.87 -24.45 3.64
CA ASN E 405 -16.03 -24.52 2.44
C ASN E 405 -16.81 -25.18 1.32
N GLY E 406 -16.70 -24.60 0.13
CA GLY E 406 -17.22 -25.21 -1.08
C GLY E 406 -16.25 -25.09 -2.25
N VAL E 407 -16.14 -26.14 -3.06
CA VAL E 407 -15.23 -26.16 -4.20
C VAL E 407 -15.97 -26.75 -5.39
N VAL E 408 -15.79 -26.17 -6.58
CA VAL E 408 -16.34 -26.76 -7.80
C VAL E 408 -15.26 -26.85 -8.87
N ILE E 409 -15.40 -27.85 -9.74
CA ILE E 409 -14.54 -28.02 -10.90
C ILE E 409 -15.42 -28.19 -12.14
N PHE E 410 -15.11 -27.42 -13.18
CA PHE E 410 -15.71 -27.55 -14.49
C PHE E 410 -14.63 -27.99 -15.48
N LYS E 411 -15.02 -28.74 -16.51
CA LYS E 411 -14.06 -29.19 -17.50
C LYS E 411 -14.55 -28.83 -18.89
N LYS E 412 -13.62 -28.86 -19.84
CA LYS E 412 -13.94 -28.45 -21.20
C LYS E 412 -14.98 -29.37 -21.82
N ALA E 413 -15.92 -28.78 -22.56
CA ALA E 413 -16.94 -29.57 -23.23
C ALA E 413 -16.35 -30.42 -24.37
N SER F 4 -66.30 22.38 1.92
CA SER F 4 -66.24 23.27 0.74
C SER F 4 -65.94 22.43 -0.51
N MET F 5 -66.72 22.64 -1.57
CA MET F 5 -66.52 21.87 -2.83
C MET F 5 -65.08 22.05 -3.33
N GLY F 6 -64.58 23.30 -3.32
CA GLY F 6 -63.22 23.57 -3.82
C GLY F 6 -62.17 22.84 -2.99
N TYR F 7 -62.31 22.87 -1.67
CA TYR F 7 -61.36 22.16 -0.79
C TYR F 7 -61.39 20.66 -1.13
N LEU F 8 -62.60 20.12 -1.27
CA LEU F 8 -62.74 18.68 -1.62
C LEU F 8 -61.96 18.43 -2.92
N MET F 9 -62.20 19.25 -3.94
CA MET F 9 -61.56 19.06 -5.28
C MET F 9 -60.04 19.10 -5.13
N ALA F 10 -59.50 20.04 -4.36
CA ALA F 10 -58.03 20.17 -4.23
C ALA F 10 -57.44 18.93 -3.52
N LEU F 11 -58.11 18.49 -2.44
CA LEU F 11 -57.63 17.26 -1.76
C LEU F 11 -57.65 16.12 -2.77
N PHE F 12 -58.71 16.05 -3.58
CA PHE F 12 -58.85 14.96 -4.58
C PHE F 12 -57.67 15.02 -5.55
N GLU F 13 -57.35 16.21 -6.07
CA GLU F 13 -56.23 16.38 -7.02
C GLU F 13 -54.93 15.89 -6.37
N ASP F 14 -54.69 16.29 -5.13
CA ASP F 14 -53.44 15.88 -4.44
C ASP F 14 -53.39 14.34 -4.33
N ILE F 15 -54.51 13.73 -3.93
CA ILE F 15 -54.56 12.26 -3.75
C ILE F 15 -54.30 11.60 -5.10
N GLN F 16 -54.83 12.23 -6.15
CA GLN F 16 -54.70 11.68 -7.52
C GLN F 16 -53.22 11.65 -7.86
N ALA F 17 -52.56 12.79 -7.69
CA ALA F 17 -51.12 12.88 -7.96
C ALA F 17 -50.40 11.76 -7.19
N VAL F 18 -50.70 11.62 -5.89
CA VAL F 18 -49.97 10.60 -5.07
C VAL F 18 -50.19 9.21 -5.68
N ILE F 19 -51.43 8.88 -6.05
CA ILE F 19 -51.75 7.52 -6.59
C ILE F 19 -51.00 7.30 -7.91
N ALA F 20 -50.99 8.31 -8.79
CA ALA F 20 -50.31 8.18 -10.10
C ALA F 20 -48.81 7.95 -9.85
N GLU F 21 -48.25 8.62 -8.84
CA GLU F 21 -46.82 8.43 -8.50
C GLU F 21 -46.59 7.01 -7.99
N GLN F 22 -47.45 6.49 -7.10
CA GLN F 22 -47.21 5.16 -6.48
C GLN F 22 -47.49 4.01 -7.45
N LEU F 23 -48.37 4.20 -8.43
CA LEU F 23 -48.77 3.11 -9.32
C LEU F 23 -48.18 3.23 -10.72
N ASN F 24 -47.41 4.29 -10.99
CA ASN F 24 -46.75 4.50 -12.28
C ASN F 24 -47.77 4.68 -13.40
N VAL F 25 -48.82 5.45 -13.14
CA VAL F 25 -49.88 5.68 -14.12
C VAL F 25 -50.09 7.18 -14.27
N ASP F 26 -50.84 7.54 -15.32
CA ASP F 26 -51.14 8.93 -15.63
C ASP F 26 -52.38 9.37 -14.86
N ALA F 27 -52.49 10.69 -14.67
CA ALA F 27 -53.68 11.27 -14.05
C ALA F 27 -54.95 10.99 -14.84
N ALA F 28 -54.80 10.37 -16.02
CA ALA F 28 -55.97 10.05 -16.87
C ALA F 28 -56.76 8.89 -16.25
N GLN F 29 -56.06 7.91 -15.68
CA GLN F 29 -56.75 6.70 -15.15
C GLN F 29 -57.23 6.96 -13.71
N VAL F 30 -56.74 8.02 -13.07
CA VAL F 30 -57.10 8.27 -11.64
C VAL F 30 -58.45 8.99 -11.60
N THR F 31 -59.55 8.25 -11.76
CA THR F 31 -60.91 8.86 -11.72
C THR F 31 -61.68 8.29 -10.53
N PRO F 32 -62.64 9.02 -9.92
CA PRO F 32 -63.34 8.51 -8.71
C PRO F 32 -63.81 7.07 -8.81
N GLU F 33 -64.14 6.59 -10.00
CA GLU F 33 -64.65 5.24 -10.19
C GLU F 33 -63.54 4.24 -10.52
N ALA F 34 -62.28 4.65 -10.43
CA ALA F 34 -61.17 3.75 -10.73
C ALA F 34 -60.84 2.92 -9.51
N GLU F 35 -60.95 1.60 -9.64
CA GLU F 35 -60.57 0.67 -8.59
C GLU F 35 -59.13 0.24 -8.81
N PHE F 36 -58.35 0.18 -7.71
CA PHE F 36 -56.90 0.09 -7.83
C PHE F 36 -56.46 -1.20 -8.54
N VAL F 37 -57.10 -2.32 -8.24
CA VAL F 37 -56.59 -3.59 -8.75
C VAL F 37 -57.01 -3.80 -10.21
N LYS F 38 -58.26 -3.51 -10.55
CA LYS F 38 -58.71 -3.75 -11.91
C LYS F 38 -58.37 -2.58 -12.84
N ASP F 39 -58.45 -1.35 -12.35
CA ASP F 39 -58.31 -0.19 -13.22
C ASP F 39 -56.94 0.47 -13.15
N LEU F 40 -56.18 0.25 -12.08
CA LEU F 40 -54.89 0.91 -11.93
C LEU F 40 -53.72 -0.05 -11.85
N GLY F 41 -53.95 -1.35 -11.84
CA GLY F 41 -52.86 -2.31 -11.81
C GLY F 41 -52.13 -2.39 -10.49
N ALA F 42 -52.81 -2.10 -9.38
CA ALA F 42 -52.22 -2.19 -8.06
C ALA F 42 -52.53 -3.57 -7.46
N ASP F 43 -51.57 -4.11 -6.71
CA ASP F 43 -51.85 -5.30 -5.91
C ASP F 43 -52.04 -4.83 -4.47
N SER F 44 -52.33 -5.76 -3.57
CA SER F 44 -52.57 -5.40 -2.16
C SER F 44 -51.37 -4.68 -1.58
N LEU F 45 -50.18 -5.14 -1.93
CA LEU F 45 -48.95 -4.49 -1.46
C LEU F 45 -48.86 -3.04 -1.94
N ASP F 46 -49.08 -2.83 -3.24
CA ASP F 46 -49.13 -1.49 -3.81
C ASP F 46 -50.15 -0.61 -3.08
N VAL F 47 -51.29 -1.19 -2.70
CA VAL F 47 -52.36 -0.42 -2.10
C VAL F 47 -51.96 0.02 -0.69
N VAL F 48 -51.40 -0.89 0.11
CA VAL F 48 -51.04 -0.50 1.46
C VAL F 48 -49.91 0.52 1.44
N GLU F 49 -49.00 0.43 0.46
CA GLU F 49 -47.96 1.46 0.37
C GLU F 49 -48.52 2.79 -0.10
N LEU F 50 -49.54 2.78 -0.98
CA LEU F 50 -50.24 4.00 -1.33
C LEU F 50 -50.87 4.65 -0.10
N ILE F 51 -51.53 3.85 0.73
CA ILE F 51 -52.21 4.38 1.91
C ILE F 51 -51.21 4.99 2.87
N MET F 52 -50.01 4.43 2.96
CA MET F 52 -48.99 5.02 3.83
C MET F 52 -48.60 6.41 3.38
N ALA F 53 -48.11 6.54 2.14
CA ALA F 53 -47.67 7.84 1.65
C ALA F 53 -48.80 8.86 1.58
N LEU F 54 -50.05 8.40 1.63
CA LEU F 54 -51.15 9.32 1.86
C LEU F 54 -51.10 9.89 3.27
N GLU F 55 -50.96 9.01 4.26
CA GLU F 55 -50.83 9.45 5.64
C GLU F 55 -49.57 10.29 5.85
N GLU F 56 -48.54 10.07 5.03
CA GLU F 56 -47.28 10.79 5.14
C GLU F 56 -47.30 12.15 4.44
N LYS F 57 -47.95 12.23 3.27
CA LYS F 57 -48.01 13.49 2.52
C LYS F 57 -49.08 14.42 3.07
N PHE F 58 -50.20 13.89 3.54
CA PHE F 58 -51.27 14.69 4.12
C PHE F 58 -51.24 14.72 5.63
N GLY F 59 -50.14 14.25 6.24
CA GLY F 59 -50.00 14.29 7.69
C GLY F 59 -51.20 13.76 8.43
N ILE F 60 -51.80 12.68 7.93
CA ILE F 60 -53.03 12.15 8.50
C ILE F 60 -52.76 10.72 8.95
N GLU F 61 -53.79 10.02 9.43
CA GLU F 61 -53.63 8.63 9.86
C GLU F 61 -54.94 7.91 9.59
N ILE F 62 -54.97 7.14 8.51
CA ILE F 62 -56.15 6.35 8.16
C ILE F 62 -56.20 5.15 9.11
N PRO F 63 -57.23 5.03 9.94
CA PRO F 63 -57.37 3.83 10.76
C PRO F 63 -57.55 2.59 9.90
N ASP F 64 -57.17 1.44 10.47
CA ASP F 64 -57.04 0.21 9.70
C ASP F 64 -58.38 -0.25 9.14
N GLU F 65 -59.49 0.08 9.80
CA GLU F 65 -60.79 -0.39 9.34
C GLU F 65 -61.20 0.29 8.04
N GLN F 66 -61.08 1.62 7.98
CA GLN F 66 -61.43 2.34 6.76
C GLN F 66 -60.49 1.99 5.62
N ALA F 67 -59.19 1.85 5.91
CA ALA F 67 -58.23 1.41 4.91
C ALA F 67 -58.60 0.05 4.33
N GLU F 68 -59.25 -0.80 5.14
CA GLU F 68 -59.58 -2.14 4.68
C GLU F 68 -60.68 -2.13 3.63
N LYS F 69 -61.63 -1.19 3.74
CA LYS F 69 -62.77 -1.14 2.83
C LYS F 69 -62.45 -0.39 1.53
N ILE F 70 -61.24 0.14 1.38
CA ILE F 70 -60.91 0.95 0.22
C ILE F 70 -60.89 0.07 -1.02
N VAL F 71 -61.76 0.40 -1.99
CA VAL F 71 -61.85 -0.34 -3.24
C VAL F 71 -61.63 0.56 -4.45
N ASN F 72 -62.21 1.75 -4.48
CA ASN F 72 -62.08 2.67 -5.59
C ASN F 72 -61.40 3.95 -5.14
N VAL F 73 -61.00 4.78 -6.11
CA VAL F 73 -60.24 5.99 -5.82
C VAL F 73 -61.04 6.94 -4.94
N GLY F 74 -62.34 7.00 -5.18
CA GLY F 74 -63.20 7.88 -4.37
C GLY F 74 -63.10 7.53 -2.90
N ASP F 75 -62.74 6.28 -2.58
CA ASP F 75 -62.74 5.83 -1.17
C ASP F 75 -61.83 6.74 -0.31
N VAL F 76 -60.59 6.96 -0.74
CA VAL F 76 -59.64 7.75 0.10
C VAL F 76 -60.23 9.16 0.32
N VAL F 77 -60.75 9.75 -0.75
CA VAL F 77 -61.30 11.14 -0.66
C VAL F 77 -62.45 11.13 0.35
N LYS F 78 -63.36 10.17 0.25
CA LYS F 78 -64.54 10.14 1.14
C LYS F 78 -64.07 9.94 2.59
N TYR F 79 -63.07 9.09 2.80
CA TYR F 79 -62.52 8.87 4.16
C TYR F 79 -62.03 10.20 4.72
N ILE F 80 -61.23 10.92 3.94
CA ILE F 80 -60.65 12.20 4.44
C ILE F 80 -61.83 13.15 4.74
N GLU F 81 -62.82 13.20 3.86
CA GLU F 81 -63.98 14.09 4.05
C GLU F 81 -64.64 13.79 5.40
N ASP F 82 -64.86 12.50 5.68
CA ASP F 82 -65.50 12.08 6.95
C ASP F 82 -64.62 12.49 8.13
N ASN F 83 -63.32 12.19 8.08
CA ASN F 83 -62.40 12.50 9.21
C ASN F 83 -63.18 13.15 10.37
#